data_4ADY
#
_entry.id   4ADY
#
_cell.length_a   73.960
_cell.length_b   148.660
_cell.length_c   114.030
_cell.angle_alpha   90.00
_cell.angle_beta   107.39
_cell.angle_gamma   90.00
#
_symmetry.space_group_name_H-M   'P 1 21 1'
#
loop_
_entity.id
_entity.type
_entity.pdbx_description
1 polymer '26S PROTEASOME REGULATORY SUBUNIT RPN2'
2 water water
#
_entity_poly.entity_id   1
_entity_poly.type   'polypeptide(L)'
_entity_poly.pdbx_seq_one_letter_code
;(MSE)RGSHHHHHHGSSLTTAAPLLALLRENQDSVKTYALESINNVVDQLWSEISNELPDIEALYDDDTFSDRE(MSE)A
ALIASKVYYNLGEYESAVKYALAAKDRFDIDEKSQFVETIVSKSIE(MSE)YVQEASKQYTKDEQFYTKDIIDPKLTSIF
ER(MSE)IEKCLKASELKLALGIALEGYRLDIIESALKSKLDQDSTSENVKIINYLLTLAITTVTNSKFRSSILRKSFDF
L(MSE)N(MSE)PNCDYLTLNKVVVNLNDAGLALQLFKKLKEENDEGLSAQIAFDLVSSASQQLLEILVTELTAQGYDPA
LLNILSGLPTCDYYNTFLLNNKNIDIGLLNKSKSSLDGKFSLFHTAVSVANGF(MSE)HAGTTDNSFIKANLPWLGKAQN
WAKFTATASLGVIHKGNLLEGKKV(MSE)APYLPGSRASSRFIKGGSLYGLGLIYAGFGRDTTDYLKNIIVENSGTSGDE
DVDVLLHGASLGIGLAA(MSE)GSANIEVYEALKEVLYNDSATSGEAAALG(MSE)GLC(MSE)LGTGKPEAIHD(MSE)
FTYSQETQHGNITRGLAVGLALINYGRQELADDLITK(MSE)LASDESLLRYGGAFTIALAYAGTGNNSAVKRLLHVAVS
DSNDDVRRAAVIALGFVLLRDYTTVPRIVQLLSKSHNAHVRCGTAFALGIACAGKGLQSAIDVLDPLTKDPVDFVRQAA
(MSE)IALS(MSE)ILIQQTEKLNPQVADINKNFLSVITNKHQEGLAKFGACVAQGI(MSE)NAGGRNVTIQLENADTGT
LDTKSVVGLV(MSE)FSQFWYWFPLAHFLSLSFTPTTVIGIRGSDQAIPKFQ(MSE)NCYAKEDAFSYPR(MSE)YEEAS
GKEVEKVATAVLSTTARAKARAKKTKKEKGPNEEEKKKEHEEKEKERETNKKGIKETKENDEEFYKNKYSSKPYKVDN
(MSE)TRILPQQSRYISFIKDDRFVPVRKFKGNNGVVVLRDREPKEPVALIETVRQ(MSE)KDVNAPLPTPFKVDDNVDF
PSALQPSLIS
;
_entity_poly.pdbx_strand_id   A,B
#
# COMPACT_ATOMS: atom_id res chain seq x y z
N THR A 15 21.40 4.54 42.86
CA THR A 15 22.37 3.68 43.52
C THR A 15 22.09 2.20 43.22
N THR A 16 21.69 1.46 44.25
CA THR A 16 21.42 0.04 44.14
C THR A 16 20.06 -0.27 44.76
N ALA A 17 19.37 -1.26 44.21
CA ALA A 17 18.08 -1.65 44.73
C ALA A 17 18.16 -2.85 45.69
N ALA A 18 19.36 -3.40 45.87
CA ALA A 18 19.53 -4.62 46.66
C ALA A 18 19.00 -4.50 48.09
N PRO A 19 19.26 -3.37 48.76
CA PRO A 19 18.69 -3.14 50.09
C PRO A 19 17.17 -3.28 50.12
N LEU A 20 16.51 -2.73 49.10
CA LEU A 20 15.06 -2.81 48.98
C LEU A 20 14.56 -4.21 48.65
N LEU A 21 15.17 -4.83 47.65
CA LEU A 21 14.85 -6.20 47.26
C LEU A 21 14.96 -7.17 48.44
N ALA A 22 15.94 -6.91 49.30
CA ALA A 22 16.20 -7.72 50.49
C ALA A 22 15.00 -7.73 51.41
N LEU A 23 14.32 -6.58 51.50
CA LEU A 23 13.19 -6.40 52.39
C LEU A 23 12.00 -7.23 51.99
N LEU A 24 11.97 -7.65 50.72
CA LEU A 24 10.91 -8.54 50.21
C LEU A 24 10.83 -9.87 50.95
N ARG A 25 11.95 -10.26 51.60
CA ARG A 25 12.03 -11.50 52.37
C ARG A 25 11.48 -11.41 53.79
N GLU A 26 11.36 -10.19 54.32
CA GLU A 26 10.83 -9.95 55.67
C GLU A 26 9.44 -10.53 55.86
N ASN A 27 9.10 -10.98 57.06
CA ASN A 27 7.81 -11.66 57.27
C ASN A 27 6.58 -10.76 57.29
N GLN A 28 6.72 -9.53 57.79
CA GLN A 28 5.57 -8.63 57.89
C GLN A 28 5.19 -7.90 56.60
N ASP A 29 3.90 -7.92 56.28
CA ASP A 29 3.39 -7.27 55.08
C ASP A 29 3.73 -5.80 55.04
N SER A 30 3.69 -5.12 56.20
CA SER A 30 4.00 -3.70 56.22
C SER A 30 5.41 -3.41 55.70
N VAL A 31 6.32 -4.32 55.96
CA VAL A 31 7.69 -4.15 55.47
C VAL A 31 7.84 -4.45 53.99
N LYS A 32 7.18 -5.51 53.51
CA LYS A 32 7.26 -5.84 52.08
C LYS A 32 6.57 -4.74 51.30
N THR A 33 5.48 -4.23 51.86
CA THR A 33 4.71 -3.21 51.16
C THR A 33 5.53 -1.95 51.02
N TYR A 34 6.25 -1.60 52.07
CA TYR A 34 7.11 -0.44 52.00
C TYR A 34 8.20 -0.65 50.97
N ALA A 35 8.63 -1.89 50.82
CA ALA A 35 9.74 -2.15 49.93
C ALA A 35 9.24 -2.01 48.51
N LEU A 36 8.11 -2.67 48.23
CA LEU A 36 7.48 -2.59 46.91
C LEU A 36 7.29 -1.14 46.47
N GLU A 37 6.60 -0.36 47.29
CA GLU A 37 6.37 1.04 46.97
C GLU A 37 7.65 1.86 46.83
N SER A 38 8.71 1.48 47.51
CA SER A 38 9.96 2.19 47.35
C SER A 38 10.57 1.91 45.99
N ILE A 39 10.69 0.61 45.68
CA ILE A 39 11.12 0.12 44.37
C ILE A 39 10.35 0.76 43.21
N ASN A 40 9.05 0.91 43.40
CA ASN A 40 8.24 1.55 42.40
C ASN A 40 8.82 2.90 42.00
N ASN A 41 9.35 3.64 42.97
CA ASN A 41 9.88 4.97 42.68
C ASN A 41 11.11 4.90 41.78
N VAL A 42 11.97 3.92 42.05
CA VAL A 42 13.19 3.76 41.29
C VAL A 42 13.13 2.72 40.17
N VAL A 43 12.00 2.08 39.95
CA VAL A 43 11.96 1.01 38.95
C VAL A 43 12.42 1.47 37.57
N ASP A 44 12.20 2.74 37.25
CA ASP A 44 12.54 3.23 35.92
C ASP A 44 14.05 3.38 35.66
N GLN A 45 14.84 3.64 36.70
CA GLN A 45 16.30 3.56 36.60
C GLN A 45 16.87 2.13 36.72
N LEU A 46 16.42 1.43 37.76
CA LEU A 46 17.02 0.20 38.24
C LEU A 46 16.38 -1.11 37.75
N TRP A 47 15.50 -1.02 36.76
CA TRP A 47 14.76 -2.20 36.30
C TRP A 47 15.64 -3.40 35.92
N SER A 48 16.82 -3.15 35.37
CA SER A 48 17.73 -4.26 35.04
C SER A 48 18.12 -5.00 36.31
N GLU A 49 18.53 -4.25 37.32
CA GLU A 49 18.93 -4.82 38.60
C GLU A 49 17.77 -5.56 39.26
N ILE A 50 16.58 -5.02 39.10
CA ILE A 50 15.38 -5.51 39.77
C ILE A 50 14.83 -6.77 39.10
N SER A 51 15.00 -6.86 37.79
CA SER A 51 14.49 -8.01 37.05
C SER A 51 15.01 -9.32 37.62
N ASN A 52 16.22 -9.31 38.18
CA ASN A 52 16.83 -10.53 38.72
C ASN A 52 15.98 -11.14 39.83
N GLU A 53 15.21 -10.29 40.49
CA GLU A 53 14.38 -10.69 41.63
C GLU A 53 12.93 -11.00 41.25
N LEU A 54 12.61 -10.87 39.98
CA LEU A 54 11.24 -11.08 39.55
C LEU A 54 10.53 -12.30 40.17
N PRO A 55 11.20 -13.45 40.22
CA PRO A 55 10.48 -14.61 40.77
C PRO A 55 9.97 -14.37 42.19
N ASP A 56 10.73 -13.63 42.99
CA ASP A 56 10.30 -13.20 44.32
C ASP A 56 9.08 -12.27 44.24
N ILE A 57 9.20 -11.22 43.42
CA ILE A 57 8.13 -10.24 43.22
C ILE A 57 6.85 -10.89 42.73
N GLU A 58 6.96 -11.88 41.86
CA GLU A 58 5.77 -12.57 41.41
C GLU A 58 5.27 -13.50 42.51
N ALA A 59 6.21 -14.08 43.24
CA ALA A 59 5.86 -14.99 44.32
C ALA A 59 4.88 -14.29 45.26
N LEU A 60 5.10 -13.00 45.44
CA LEU A 60 4.24 -12.14 46.27
C LEU A 60 2.86 -11.99 45.69
N TYR A 61 2.78 -11.84 44.37
CA TYR A 61 1.50 -11.70 43.72
C TYR A 61 0.72 -13.01 43.83
N ASP A 62 1.42 -14.13 43.61
CA ASP A 62 0.81 -15.45 43.68
C ASP A 62 0.41 -15.86 45.11
N ASP A 63 0.88 -15.10 46.10
CA ASP A 63 0.54 -15.40 47.49
C ASP A 63 -0.83 -14.84 47.80
N ASP A 64 -1.75 -15.71 48.20
CA ASP A 64 -3.16 -15.34 48.37
C ASP A 64 -3.37 -14.42 49.58
N THR A 65 -2.53 -14.56 50.59
CA THR A 65 -2.70 -13.82 51.84
C THR A 65 -1.97 -12.48 51.91
N PHE A 66 -1.11 -12.20 50.94
CA PHE A 66 -0.41 -10.94 50.95
C PHE A 66 -1.43 -9.87 50.60
N SER A 67 -1.42 -8.78 51.35
CA SER A 67 -2.49 -7.78 51.23
C SER A 67 -2.36 -6.94 49.94
N ASP A 68 -1.12 -6.58 49.64
CA ASP A 68 -0.73 -5.74 48.52
C ASP A 68 -0.29 -6.43 47.24
N ARG A 69 -0.70 -7.67 47.05
CA ARG A 69 -0.38 -8.37 45.81
C ARG A 69 -0.57 -7.51 44.56
N GLU A 70 -1.62 -6.71 44.51
CA GLU A 70 -1.84 -5.80 43.37
C GLU A 70 -0.63 -4.92 43.12
N ALA A 72 2.48 -5.83 43.90
CA ALA A 72 3.47 -6.78 43.40
C ALA A 72 3.37 -6.86 41.89
N ALA A 73 2.17 -7.18 41.42
CA ALA A 73 1.86 -7.19 40.00
C ALA A 73 2.26 -5.88 39.32
N LEU A 74 1.80 -4.76 39.85
CA LEU A 74 2.16 -3.51 39.22
C LEU A 74 3.65 -3.40 38.94
N ILE A 75 4.47 -3.76 39.93
CA ILE A 75 5.93 -3.68 39.77
C ILE A 75 6.44 -4.68 38.75
N ALA A 76 5.90 -5.89 38.78
CA ALA A 76 6.25 -6.88 37.76
C ALA A 76 5.99 -6.32 36.37
N SER A 77 4.79 -5.81 36.18
CA SER A 77 4.38 -5.19 34.93
C SER A 77 5.41 -4.14 34.50
N LYS A 78 5.69 -3.16 35.34
CA LYS A 78 6.62 -2.11 34.95
C LYS A 78 7.95 -2.66 34.49
N VAL A 79 8.37 -3.78 35.08
CA VAL A 79 9.68 -4.34 34.77
C VAL A 79 9.71 -5.12 33.47
N TYR A 80 8.71 -5.97 33.27
CA TYR A 80 8.53 -6.63 31.99
C TYR A 80 8.46 -5.63 30.87
N TYR A 81 7.67 -4.59 31.09
CA TYR A 81 7.58 -3.53 30.12
C TYR A 81 8.95 -2.94 29.83
N ASN A 82 9.63 -2.43 30.86
CA ASN A 82 10.94 -1.82 30.65
C ASN A 82 11.89 -2.79 29.99
N LEU A 83 11.56 -4.08 30.06
CA LEU A 83 12.35 -5.11 29.42
C LEU A 83 12.02 -5.22 27.96
N GLY A 84 10.74 -5.10 27.63
CA GLY A 84 10.26 -5.39 26.28
C GLY A 84 9.52 -6.70 26.14
N GLU A 85 9.10 -7.30 27.26
CA GLU A 85 8.17 -8.43 27.15
C GLU A 85 6.79 -7.90 27.49
N TYR A 86 6.00 -7.67 26.44
CA TYR A 86 4.76 -6.91 26.50
C TYR A 86 3.55 -7.72 26.91
N GLU A 87 3.44 -8.93 26.37
CA GLU A 87 2.32 -9.81 26.70
C GLU A 87 2.31 -10.07 28.20
N SER A 88 3.53 -10.10 28.77
CA SER A 88 3.73 -10.30 30.19
C SER A 88 3.36 -9.03 30.96
N ALA A 89 3.94 -7.90 30.55
CA ALA A 89 3.59 -6.60 31.13
C ALA A 89 2.08 -6.34 31.16
N VAL A 90 1.37 -6.75 30.13
CA VAL A 90 -0.08 -6.60 30.12
C VAL A 90 -0.73 -7.53 31.14
N LYS A 91 -0.33 -8.80 31.13
CA LYS A 91 -0.89 -9.78 32.06
C LYS A 91 -0.88 -9.23 33.48
N TYR A 92 0.24 -8.60 33.86
CA TYR A 92 0.43 -8.06 35.20
C TYR A 92 -0.22 -6.72 35.49
N ALA A 93 -0.14 -5.78 34.56
CA ALA A 93 -0.92 -4.55 34.72
C ALA A 93 -2.40 -4.91 34.97
N LEU A 94 -2.94 -5.81 34.17
CA LEU A 94 -4.29 -6.32 34.40
C LEU A 94 -4.48 -6.90 35.78
N ALA A 95 -3.47 -7.62 36.26
CA ALA A 95 -3.51 -8.23 37.59
C ALA A 95 -3.44 -7.15 38.67
N ALA A 96 -2.81 -6.04 38.28
CA ALA A 96 -2.63 -4.89 39.14
C ALA A 96 -3.99 -4.33 39.49
N LYS A 97 -4.90 -4.38 38.53
CA LYS A 97 -6.22 -3.86 38.74
C LYS A 97 -6.11 -2.37 38.97
N ASP A 98 -6.64 -1.94 40.10
CA ASP A 98 -6.71 -0.54 40.45
C ASP A 98 -5.33 0.12 40.55
N ARG A 99 -4.34 -0.59 41.07
CA ARG A 99 -3.07 0.07 41.34
C ARG A 99 -2.44 0.53 40.03
N PHE A 100 -2.95 -0.01 38.94
CA PHE A 100 -2.57 0.49 37.64
C PHE A 100 -3.35 1.77 37.38
N ASP A 101 -2.65 2.88 37.19
CA ASP A 101 -3.29 4.19 37.08
C ASP A 101 -3.26 4.75 35.67
N ILE A 102 -4.41 4.80 35.01
CA ILE A 102 -4.49 5.22 33.61
C ILE A 102 -4.28 6.72 33.42
N ASP A 103 -4.36 7.47 34.51
CA ASP A 103 -4.19 8.91 34.46
C ASP A 103 -2.72 9.29 34.40
N GLU A 104 -1.89 8.46 35.04
CA GLU A 104 -0.45 8.70 35.01
C GLU A 104 -0.09 8.94 33.55
N LYS A 105 0.70 9.97 33.29
CA LYS A 105 1.06 10.25 31.92
C LYS A 105 2.43 9.68 31.67
N SER A 106 2.49 8.53 31.01
CA SER A 106 3.77 7.86 30.80
C SER A 106 3.69 6.86 29.65
N GLN A 107 4.85 6.51 29.09
CA GLN A 107 4.89 5.59 27.97
C GLN A 107 4.37 4.22 28.38
N PHE A 108 4.69 3.84 29.61
CA PHE A 108 4.24 2.57 30.17
C PHE A 108 2.72 2.49 30.04
N VAL A 109 2.02 3.48 30.57
CA VAL A 109 0.56 3.46 30.52
C VAL A 109 -0.01 3.53 29.10
N GLU A 110 0.58 4.33 28.21
CA GLU A 110 0.09 4.39 26.85
C GLU A 110 0.17 3.01 26.23
N THR A 111 1.26 2.31 26.50
CA THR A 111 1.55 1.08 25.80
C THR A 111 0.61 -0.03 26.20
N ILE A 112 0.36 -0.16 27.50
CA ILE A 112 -0.44 -1.28 27.93
C ILE A 112 -1.93 -1.00 27.73
N VAL A 113 -2.32 0.27 27.78
CA VAL A 113 -3.69 0.64 27.43
C VAL A 113 -3.99 0.41 25.94
N SER A 114 -3.09 0.81 25.06
CA SER A 114 -3.26 0.48 23.66
C SER A 114 -3.44 -1.02 23.47
N LYS A 115 -2.54 -1.79 24.05
CA LYS A 115 -2.56 -3.23 23.86
C LYS A 115 -3.80 -3.90 24.49
N SER A 116 -4.30 -3.35 25.60
CA SER A 116 -5.46 -3.94 26.26
C SER A 116 -6.69 -3.71 25.41
N ILE A 117 -6.84 -2.50 24.90
CA ILE A 117 -7.96 -2.21 24.02
C ILE A 117 -7.97 -3.18 22.84
N GLU A 118 -6.83 -3.33 22.18
CA GLU A 118 -6.73 -4.28 21.07
C GLU A 118 -7.29 -5.62 21.45
N TYR A 120 -9.36 -6.50 23.92
CA TYR A 120 -10.77 -6.48 24.23
C TYR A 120 -11.63 -6.44 22.96
N VAL A 121 -11.21 -5.64 21.97
CA VAL A 121 -12.00 -5.58 20.75
C VAL A 121 -11.96 -6.95 20.09
N GLN A 122 -10.76 -7.51 19.96
CA GLN A 122 -10.61 -8.86 19.44
C GLN A 122 -11.54 -9.80 20.20
N GLU A 123 -11.43 -9.83 21.51
CA GLU A 123 -12.34 -10.65 22.30
C GLU A 123 -13.79 -10.35 22.02
N ALA A 124 -14.16 -9.07 21.95
CA ALA A 124 -15.56 -8.71 21.83
C ALA A 124 -16.17 -9.05 20.46
N SER A 125 -15.42 -8.83 19.39
CA SER A 125 -15.87 -9.27 18.08
C SER A 125 -16.33 -10.72 18.16
N LYS A 126 -15.39 -11.60 18.47
CA LYS A 126 -15.70 -13.02 18.59
C LYS A 126 -16.92 -13.26 19.48
N GLN A 127 -16.96 -12.60 20.62
CA GLN A 127 -18.05 -12.85 21.56
C GLN A 127 -19.40 -12.28 21.10
N TYR A 128 -19.38 -11.22 20.30
CA TYR A 128 -20.62 -10.57 19.87
C TYR A 128 -21.40 -11.45 18.89
N THR A 129 -20.69 -12.01 17.92
CA THR A 129 -21.33 -12.89 16.94
C THR A 129 -22.04 -14.07 17.62
N LYS A 130 -21.55 -14.50 18.79
CA LYS A 130 -22.25 -15.48 19.62
C LYS A 130 -23.38 -14.85 20.46
N ASP A 131 -23.12 -13.69 21.04
CA ASP A 131 -24.12 -12.99 21.84
C ASP A 131 -24.02 -11.46 21.77
N GLU A 132 -25.12 -10.76 21.49
CA GLU A 132 -25.04 -9.30 21.41
C GLU A 132 -25.20 -8.66 22.78
N GLN A 133 -25.62 -9.47 23.75
CA GLN A 133 -25.69 -9.05 25.15
C GLN A 133 -24.42 -9.42 25.91
N PHE A 134 -23.40 -9.89 25.20
CA PHE A 134 -22.23 -10.49 25.83
C PHE A 134 -21.72 -9.68 27.01
N TYR A 135 -21.75 -8.36 26.89
CA TYR A 135 -21.25 -7.49 27.95
C TYR A 135 -21.97 -7.62 29.29
N THR A 136 -23.13 -8.26 29.32
CA THR A 136 -23.86 -8.44 30.58
C THR A 136 -23.48 -9.74 31.26
N LYS A 137 -22.73 -10.58 30.55
CA LYS A 137 -22.24 -11.83 31.11
C LYS A 137 -20.76 -11.72 31.54
N ASP A 138 -20.25 -12.78 32.17
CA ASP A 138 -18.87 -12.73 32.65
C ASP A 138 -17.91 -13.25 31.59
N ILE A 139 -18.42 -13.48 30.39
CA ILE A 139 -17.67 -14.15 29.35
C ILE A 139 -16.25 -13.59 29.21
N ILE A 140 -16.11 -12.27 29.08
CA ILE A 140 -14.78 -11.65 28.97
C ILE A 140 -14.11 -11.43 30.32
N ASP A 141 -12.77 -11.48 30.32
CA ASP A 141 -12.00 -11.24 31.54
C ASP A 141 -12.30 -9.89 32.23
N PRO A 142 -12.82 -9.96 33.46
CA PRO A 142 -13.20 -8.77 34.21
C PRO A 142 -12.07 -7.74 34.33
N LYS A 143 -10.84 -8.22 34.47
CA LYS A 143 -9.68 -7.33 34.48
C LYS A 143 -9.54 -6.56 33.17
N LEU A 144 -9.62 -7.27 32.06
CA LEU A 144 -9.51 -6.68 30.72
C LEU A 144 -10.67 -5.72 30.45
N THR A 145 -11.88 -6.17 30.75
CA THR A 145 -13.06 -5.33 30.71
C THR A 145 -12.89 -4.00 31.48
N SER A 146 -12.37 -4.10 32.70
CA SER A 146 -12.11 -2.92 33.53
C SER A 146 -11.29 -1.84 32.85
N ILE A 147 -10.11 -2.19 32.36
CA ILE A 147 -9.25 -1.24 31.66
C ILE A 147 -9.98 -0.57 30.50
N PHE A 148 -10.83 -1.35 29.82
CA PHE A 148 -11.52 -0.84 28.64
C PHE A 148 -12.52 0.21 29.07
N GLU A 149 -13.31 -0.14 30.09
CA GLU A 149 -14.36 0.75 30.54
C GLU A 149 -13.80 1.98 31.23
N ARG A 150 -12.67 1.81 31.91
CA ARG A 150 -12.03 2.94 32.57
C ARG A 150 -11.42 3.89 31.56
N ILE A 152 -12.77 4.37 28.70
CA ILE A 152 -13.96 5.13 28.32
C ILE A 152 -14.22 6.27 29.33
N GLU A 153 -14.30 5.94 30.62
CA GLU A 153 -14.54 6.91 31.67
C GLU A 153 -13.61 8.10 31.61
N LYS A 154 -12.34 7.83 31.38
CA LYS A 154 -11.33 8.87 31.27
C LYS A 154 -11.73 9.88 30.19
N CYS A 155 -12.04 9.38 28.99
CA CYS A 155 -12.47 10.25 27.89
C CYS A 155 -13.68 11.14 28.20
N LEU A 156 -14.70 10.57 28.82
CA LEU A 156 -15.88 11.33 29.18
C LEU A 156 -15.64 12.33 30.30
N LYS A 157 -14.59 12.14 31.11
CA LYS A 157 -14.27 13.10 32.17
C LYS A 157 -13.53 14.26 31.56
N ALA A 158 -12.73 13.97 30.55
CA ALA A 158 -12.01 15.01 29.84
C ALA A 158 -12.95 15.53 28.80
N SER A 159 -14.05 14.80 28.65
CA SER A 159 -15.13 15.16 27.73
C SER A 159 -14.72 15.18 26.25
N GLU A 160 -13.95 14.19 25.81
CA GLU A 160 -13.87 13.94 24.38
C GLU A 160 -14.75 12.74 24.14
N LEU A 161 -15.93 13.02 23.62
CA LEU A 161 -16.97 12.02 23.50
C LEU A 161 -16.85 11.33 22.16
N LYS A 162 -16.09 11.93 21.26
CA LYS A 162 -15.93 11.39 19.93
C LYS A 162 -14.92 10.23 19.94
N LEU A 163 -13.99 10.29 20.90
CA LEU A 163 -13.07 9.18 21.10
C LEU A 163 -13.73 8.10 21.96
N ALA A 164 -14.42 8.54 23.00
CA ALA A 164 -15.16 7.62 23.85
C ALA A 164 -16.15 6.78 23.05
N LEU A 165 -16.83 7.41 22.10
CA LEU A 165 -17.79 6.71 21.25
C LEU A 165 -17.11 5.77 20.28
N GLY A 166 -16.02 6.22 19.69
CA GLY A 166 -15.25 5.38 18.78
C GLY A 166 -14.82 4.09 19.46
N ILE A 167 -14.16 4.19 20.60
CA ILE A 167 -13.74 3.00 21.33
C ILE A 167 -14.92 2.09 21.63
N ALA A 168 -15.99 2.68 22.15
CA ALA A 168 -17.14 1.89 22.57
C ALA A 168 -17.67 1.16 21.35
N LEU A 169 -17.59 1.84 20.22
CA LEU A 169 -18.04 1.31 18.96
C LEU A 169 -17.16 0.12 18.62
N GLU A 170 -15.86 0.38 18.66
CA GLU A 170 -14.86 -0.60 18.24
C GLU A 170 -15.04 -1.89 19.04
N GLY A 171 -15.46 -1.75 20.29
CA GLY A 171 -15.64 -2.90 21.16
C GLY A 171 -17.06 -3.42 21.31
N TYR A 172 -17.92 -3.11 20.34
CA TYR A 172 -19.25 -3.70 20.33
C TYR A 172 -20.04 -3.41 21.59
N ARG A 173 -19.88 -2.21 22.13
CA ARG A 173 -20.65 -1.89 23.31
C ARG A 173 -21.65 -0.80 23.07
N LEU A 174 -22.89 -1.19 22.85
CA LEU A 174 -23.94 -0.28 22.46
C LEU A 174 -24.48 0.39 23.69
N ASP A 175 -24.37 -0.32 24.81
CA ASP A 175 -24.94 0.16 26.05
C ASP A 175 -24.14 1.34 26.59
N ILE A 176 -22.83 1.29 26.38
CA ILE A 176 -21.98 2.40 26.77
C ILE A 176 -22.30 3.61 25.91
N ILE A 177 -22.39 3.39 24.60
CA ILE A 177 -22.81 4.44 23.67
C ILE A 177 -24.14 5.08 24.07
N GLU A 178 -25.09 4.24 24.46
CA GLU A 178 -26.38 4.71 24.90
C GLU A 178 -26.28 5.58 26.14
N SER A 179 -25.71 5.03 27.21
CA SER A 179 -25.57 5.78 28.45
C SER A 179 -24.75 7.05 28.22
N ALA A 180 -23.65 6.93 27.48
CA ALA A 180 -22.78 8.07 27.25
C ALA A 180 -23.57 9.23 26.67
N LEU A 181 -24.41 8.92 25.69
CA LEU A 181 -25.23 9.93 25.03
C LEU A 181 -26.24 10.56 25.99
N LYS A 182 -26.97 9.75 26.75
CA LYS A 182 -27.83 10.29 27.78
C LYS A 182 -27.11 11.33 28.63
N SER A 183 -26.08 10.88 29.33
CA SER A 183 -25.33 11.74 30.24
C SER A 183 -24.71 12.95 29.52
N LYS A 184 -24.35 12.78 28.25
CA LYS A 184 -23.72 13.87 27.50
C LYS A 184 -24.66 14.70 26.59
N LEU A 185 -25.95 14.43 26.65
CA LEU A 185 -26.91 15.28 25.96
C LEU A 185 -27.30 16.41 26.91
N ASP A 186 -27.16 17.64 26.40
CA ASP A 186 -27.46 18.84 27.18
C ASP A 186 -28.96 19.02 27.36
N GLN A 187 -29.72 18.70 26.31
CA GLN A 187 -31.14 19.01 26.26
C GLN A 187 -31.33 20.50 25.94
N SER A 189 -29.02 23.23 23.49
CA SER A 189 -28.23 23.23 22.27
C SER A 189 -28.41 21.91 21.53
N THR A 190 -29.66 21.60 21.21
CA THR A 190 -29.98 20.39 20.47
C THR A 190 -29.18 20.32 19.18
N SER A 191 -28.96 21.45 18.53
CA SER A 191 -28.16 21.47 17.31
C SER A 191 -26.81 20.75 17.49
N GLU A 192 -26.18 20.93 18.64
CA GLU A 192 -24.95 20.20 18.95
C GLU A 192 -25.17 18.70 19.13
N ASN A 193 -26.22 18.34 19.86
CA ASN A 193 -26.62 16.94 19.98
C ASN A 193 -26.74 16.24 18.64
N VAL A 194 -27.38 16.92 17.70
CA VAL A 194 -27.61 16.35 16.39
C VAL A 194 -26.30 16.14 15.64
N LYS A 195 -25.35 17.05 15.87
CA LYS A 195 -24.05 16.91 15.27
C LYS A 195 -23.40 15.62 15.75
N ILE A 196 -23.51 15.35 17.04
CA ILE A 196 -22.93 14.14 17.62
C ILE A 196 -23.57 12.88 17.05
N ILE A 197 -24.89 12.79 17.13
CA ILE A 197 -25.60 11.65 16.55
C ILE A 197 -25.19 11.46 15.09
N ASN A 198 -24.86 12.55 14.42
CA ASN A 198 -24.46 12.48 13.02
C ASN A 198 -23.07 11.90 12.85
N TYR A 199 -22.16 12.33 13.72
CA TYR A 199 -20.82 11.75 13.75
C TYR A 199 -20.85 10.25 14.10
N LEU A 200 -21.70 9.90 15.05
CA LEU A 200 -21.87 8.52 15.48
C LEU A 200 -22.53 7.67 14.40
N LEU A 201 -23.29 8.31 13.52
CA LEU A 201 -23.94 7.60 12.43
C LEU A 201 -22.94 7.35 11.32
N THR A 202 -22.20 8.41 11.00
CA THR A 202 -21.19 8.37 9.96
C THR A 202 -20.16 7.32 10.31
N LEU A 203 -19.80 7.28 11.60
CA LEU A 203 -18.86 6.29 12.10
C LEU A 203 -19.41 4.89 11.92
N ALA A 204 -20.66 4.68 12.31
CA ALA A 204 -21.26 3.35 12.26
C ALA A 204 -21.44 2.82 10.85
N ILE A 205 -21.69 3.74 9.92
CA ILE A 205 -21.90 3.34 8.54
C ILE A 205 -20.58 3.02 7.88
N THR A 206 -19.61 3.89 8.10
CA THR A 206 -18.33 3.81 7.40
C THR A 206 -17.21 3.04 8.11
N THR A 207 -17.48 2.48 9.28
CA THR A 207 -16.50 1.61 9.95
C THR A 207 -17.09 0.25 10.33
N VAL A 208 -18.18 0.24 11.08
CA VAL A 208 -18.73 -1.02 11.56
C VAL A 208 -18.95 -1.97 10.40
N THR A 209 -18.29 -3.13 10.47
CA THR A 209 -18.39 -4.14 9.44
C THR A 209 -19.38 -5.24 9.77
N ASN A 210 -19.85 -5.27 11.01
CA ASN A 210 -20.90 -6.22 11.38
C ASN A 210 -22.30 -5.58 11.23
N SER A 211 -23.09 -6.13 10.32
CA SER A 211 -24.40 -5.58 9.97
C SER A 211 -25.34 -5.55 11.16
N LYS A 212 -25.48 -6.69 11.82
CA LYS A 212 -26.43 -6.83 12.89
C LYS A 212 -26.18 -5.70 13.89
N PHE A 213 -24.91 -5.33 14.02
CA PHE A 213 -24.45 -4.28 14.90
C PHE A 213 -24.75 -2.91 14.33
N ARG A 214 -24.20 -2.63 13.14
CA ARG A 214 -24.41 -1.36 12.46
C ARG A 214 -25.89 -0.95 12.49
N SER A 215 -26.79 -1.92 12.29
CA SER A 215 -28.23 -1.67 12.36
C SER A 215 -28.68 -1.18 13.72
N SER A 216 -28.18 -1.84 14.75
CA SER A 216 -28.54 -1.55 16.13
C SER A 216 -28.24 -0.12 16.51
N ILE A 217 -27.10 0.38 16.03
CA ILE A 217 -26.72 1.76 16.29
C ILE A 217 -27.65 2.75 15.61
N LEU A 218 -27.95 2.51 14.35
CA LEU A 218 -28.87 3.37 13.62
C LEU A 218 -30.21 3.38 14.32
N ARG A 219 -30.67 2.20 14.72
CA ARG A 219 -31.96 2.12 15.38
C ARG A 219 -31.98 2.85 16.72
N LYS A 220 -30.84 2.85 17.42
CA LYS A 220 -30.73 3.56 18.69
C LYS A 220 -30.58 5.05 18.44
N SER A 221 -29.79 5.42 17.43
CA SER A 221 -29.67 6.82 17.01
C SER A 221 -31.01 7.42 16.60
N PHE A 222 -31.95 6.57 16.21
CA PHE A 222 -33.24 7.00 15.70
C PHE A 222 -34.07 7.44 16.88
N ASP A 223 -34.07 6.61 17.92
CA ASP A 223 -34.86 6.89 19.09
C ASP A 223 -34.38 8.14 19.83
N PHE A 224 -33.08 8.42 19.74
CA PHE A 224 -32.55 9.61 20.38
C PHE A 224 -32.97 10.84 19.62
N LEU A 225 -33.03 10.73 18.30
CA LEU A 225 -33.41 11.85 17.45
C LEU A 225 -34.91 12.11 17.58
N ASN A 227 -36.77 11.58 20.23
CA ASN A 227 -37.11 12.15 21.54
C ASN A 227 -36.71 13.60 21.74
N PRO A 229 -36.57 17.50 21.59
CA PRO A 229 -37.66 18.48 21.47
C PRO A 229 -37.64 19.13 20.09
N ASN A 230 -36.47 19.60 19.69
CA ASN A 230 -36.27 20.11 18.35
C ASN A 230 -35.88 18.93 17.48
N CYS A 231 -36.66 18.66 16.43
CA CYS A 231 -36.44 17.44 15.68
C CYS A 231 -35.71 17.71 14.37
N ASP A 232 -34.64 16.95 14.10
CA ASP A 232 -34.00 17.06 12.79
C ASP A 232 -34.39 15.89 11.93
N TYR A 233 -35.24 16.18 10.95
CA TYR A 233 -35.79 15.18 10.06
C TYR A 233 -34.80 14.87 8.95
N LEU A 234 -33.95 15.84 8.64
CA LEU A 234 -32.90 15.63 7.65
C LEU A 234 -32.01 14.44 8.07
N THR A 235 -31.62 14.41 9.34
CA THR A 235 -30.82 13.31 9.86
C THR A 235 -31.66 12.05 10.01
N LEU A 236 -32.90 12.22 10.46
CA LEU A 236 -33.81 11.11 10.61
C LEU A 236 -34.08 10.40 9.29
N ASN A 237 -33.94 11.14 8.20
CA ASN A 237 -34.13 10.61 6.86
C ASN A 237 -32.97 9.71 6.50
N LYS A 238 -31.77 10.17 6.80
CA LYS A 238 -30.58 9.38 6.59
C LYS A 238 -30.78 8.00 7.18
N VAL A 239 -31.23 7.94 8.42
CA VAL A 239 -31.34 6.66 9.08
C VAL A 239 -32.34 5.75 8.39
N VAL A 240 -33.44 6.32 7.93
CA VAL A 240 -34.51 5.53 7.34
C VAL A 240 -34.12 4.89 6.01
N VAL A 241 -33.47 5.68 5.16
CA VAL A 241 -33.02 5.21 3.86
C VAL A 241 -31.94 4.14 4.01
N ASN A 242 -31.00 4.39 4.91
CA ASN A 242 -29.95 3.43 5.20
C ASN A 242 -30.49 2.08 5.66
N LEU A 243 -31.38 2.11 6.64
CA LEU A 243 -31.99 0.87 7.14
C LEU A 243 -33.00 0.29 6.17
N ASN A 244 -33.47 1.12 5.23
CA ASN A 244 -34.56 0.78 4.32
C ASN A 244 -35.76 0.20 5.03
N ASP A 245 -36.23 0.88 6.07
CA ASP A 245 -37.24 0.31 6.95
C ASP A 245 -38.53 1.13 6.93
N ALA A 246 -39.59 0.56 6.39
CA ALA A 246 -40.83 1.33 6.20
C ALA A 246 -41.49 1.71 7.52
N GLY A 247 -41.35 0.85 8.52
CA GLY A 247 -41.86 1.13 9.84
C GLY A 247 -41.29 2.41 10.43
N LEU A 248 -39.99 2.63 10.24
CA LEU A 248 -39.37 3.86 10.74
C LEU A 248 -39.91 5.08 9.99
N ALA A 249 -40.06 4.95 8.68
CA ALA A 249 -40.64 6.01 7.87
C ALA A 249 -42.02 6.41 8.40
N LEU A 250 -42.84 5.40 8.68
CA LEU A 250 -44.19 5.64 9.16
C LEU A 250 -44.17 6.49 10.42
N GLN A 251 -43.36 6.09 11.39
CA GLN A 251 -43.22 6.88 12.60
C GLN A 251 -42.75 8.26 12.24
N LEU A 252 -41.83 8.35 11.30
CA LEU A 252 -41.29 9.65 10.93
C LEU A 252 -42.42 10.60 10.58
N PHE A 253 -43.39 10.13 9.81
CA PHE A 253 -44.47 11.00 9.37
C PHE A 253 -45.52 11.25 10.46
N LYS A 254 -45.75 10.26 11.33
CA LYS A 254 -46.74 10.44 12.37
C LYS A 254 -46.27 11.47 13.39
N LYS A 255 -44.96 11.63 13.51
CA LYS A 255 -44.41 12.66 14.39
C LYS A 255 -44.45 13.98 13.67
N LEU A 256 -44.33 13.92 12.35
CA LEU A 256 -44.31 15.10 11.50
C LEU A 256 -45.72 15.68 11.35
N LYS A 257 -46.72 14.86 11.63
CA LYS A 257 -48.11 15.23 11.54
C LYS A 257 -48.50 16.05 12.76
N GLU A 258 -47.95 15.66 13.90
CA GLU A 258 -48.33 16.27 15.18
C GLU A 258 -47.61 17.57 15.42
N GLU A 259 -46.68 17.88 14.53
CA GLU A 259 -45.93 19.12 14.62
C GLU A 259 -46.61 20.18 13.75
N ASN A 260 -47.81 19.87 13.25
CA ASN A 260 -48.08 20.16 11.85
C ASN A 260 -47.69 21.56 11.38
N ASP A 261 -46.76 21.49 10.44
CA ASP A 261 -46.27 22.58 9.64
C ASP A 261 -46.27 21.88 8.31
N GLU A 262 -47.11 22.35 7.38
CA GLU A 262 -47.34 21.63 6.13
C GLU A 262 -46.13 21.72 5.17
N GLY A 263 -45.38 22.82 5.24
CA GLY A 263 -44.25 23.02 4.35
C GLY A 263 -43.15 22.02 4.61
N LEU A 264 -42.84 21.85 5.89
CA LEU A 264 -41.85 20.89 6.31
C LEU A 264 -42.25 19.52 5.83
N SER A 265 -43.46 19.10 6.21
CA SER A 265 -43.90 17.76 5.86
C SER A 265 -43.73 17.51 4.35
N ALA A 266 -43.85 18.56 3.54
CA ALA A 266 -43.72 18.42 2.09
C ALA A 266 -42.26 18.23 1.71
N GLN A 267 -41.42 19.13 2.18
CA GLN A 267 -40.01 19.04 1.92
C GLN A 267 -39.49 17.65 2.27
N ILE A 268 -39.81 17.18 3.48
CA ILE A 268 -39.40 15.86 3.95
C ILE A 268 -39.81 14.76 3.00
N ALA A 269 -41.05 14.82 2.53
CA ALA A 269 -41.55 13.85 1.58
C ALA A 269 -40.82 13.93 0.24
N PHE A 270 -40.32 15.12 -0.10
CA PHE A 270 -39.60 15.28 -1.37
C PHE A 270 -38.21 14.70 -1.25
N ASP A 271 -37.63 14.87 -0.07
CA ASP A 271 -36.39 14.26 0.30
C ASP A 271 -36.50 12.74 0.25
N LEU A 272 -37.43 12.18 1.03
CA LEU A 272 -37.59 10.74 1.04
C LEU A 272 -37.85 10.19 -0.35
N VAL A 273 -38.38 11.01 -1.25
CA VAL A 273 -38.76 10.48 -2.54
C VAL A 273 -37.55 10.35 -3.43
N SER A 274 -36.58 11.22 -3.21
CA SER A 274 -35.36 11.21 -4.00
C SER A 274 -34.37 10.13 -3.51
N SER A 275 -33.92 10.29 -2.28
CA SER A 275 -33.03 9.32 -1.66
C SER A 275 -33.61 7.90 -1.50
N ALA A 276 -34.82 7.76 -0.97
CA ALA A 276 -35.32 6.43 -0.55
C ALA A 276 -35.68 5.45 -1.66
N SER A 277 -35.83 4.19 -1.26
CA SER A 277 -36.04 3.09 -2.19
C SER A 277 -37.47 3.01 -2.65
N GLN A 278 -37.69 2.43 -3.82
CA GLN A 278 -39.03 2.32 -4.35
C GLN A 278 -39.92 1.46 -3.46
N GLN A 279 -39.47 0.26 -3.11
CA GLN A 279 -40.33 -0.61 -2.33
C GLN A 279 -40.73 0.00 -0.99
N LEU A 280 -39.86 0.84 -0.41
CA LEU A 280 -40.22 1.52 0.83
C LEU A 280 -41.27 2.61 0.62
N LEU A 281 -41.13 3.41 -0.43
CA LEU A 281 -42.15 4.40 -0.81
C LEU A 281 -43.50 3.73 -1.03
N GLU A 282 -43.55 2.64 -1.78
CA GLU A 282 -44.80 1.90 -1.96
C GLU A 282 -45.44 1.49 -0.62
N ILE A 283 -44.65 0.88 0.27
CA ILE A 283 -45.20 0.39 1.54
C ILE A 283 -45.66 1.52 2.43
N LEU A 284 -45.03 2.67 2.29
CA LEU A 284 -45.33 3.83 3.13
C LEU A 284 -46.62 4.52 2.70
N VAL A 285 -46.86 4.58 1.39
CA VAL A 285 -48.10 5.19 0.93
C VAL A 285 -49.28 4.28 1.30
N THR A 286 -49.20 3.00 0.96
CA THR A 286 -50.29 2.07 1.30
C THR A 286 -50.74 2.21 2.74
N GLU A 287 -49.80 2.43 3.66
CA GLU A 287 -50.18 2.52 5.06
C GLU A 287 -50.71 3.89 5.42
N LEU A 288 -50.14 4.93 4.84
CA LEU A 288 -50.66 6.27 5.08
C LEU A 288 -52.04 6.44 4.42
N THR A 289 -52.14 5.90 3.21
CA THR A 289 -53.40 5.86 2.48
C THR A 289 -54.51 5.24 3.33
N ALA A 290 -54.24 4.08 3.90
CA ALA A 290 -55.23 3.36 4.69
C ALA A 290 -55.51 4.07 6.01
N GLN A 291 -54.60 4.93 6.42
CA GLN A 291 -54.76 5.67 7.66
C GLN A 291 -55.34 7.07 7.40
N GLY A 292 -55.70 7.31 6.14
CA GLY A 292 -56.34 8.56 5.75
C GLY A 292 -55.45 9.76 6.00
N TYR A 293 -54.22 9.64 5.51
CA TYR A 293 -53.23 10.69 5.60
C TYR A 293 -53.55 11.79 4.58
N ASP A 294 -52.96 12.96 4.80
CA ASP A 294 -53.13 14.08 3.88
C ASP A 294 -52.89 13.67 2.42
N PRO A 295 -53.86 13.97 1.55
CA PRO A 295 -53.76 13.62 0.12
C PRO A 295 -52.66 14.38 -0.62
N ALA A 296 -52.24 15.52 -0.10
CA ALA A 296 -51.18 16.31 -0.74
C ALA A 296 -49.84 15.61 -0.63
N LEU A 297 -49.51 15.20 0.60
CA LEU A 297 -48.32 14.37 0.85
C LEU A 297 -48.40 13.07 0.07
N LEU A 298 -49.50 12.34 0.20
CA LEU A 298 -49.61 11.05 -0.49
C LEU A 298 -49.34 11.21 -1.97
N ASN A 299 -49.46 12.43 -2.47
CA ASN A 299 -49.23 12.65 -3.89
C ASN A 299 -47.72 12.72 -4.18
N ILE A 300 -47.01 13.51 -3.38
CA ILE A 300 -45.58 13.63 -3.52
C ILE A 300 -44.89 12.25 -3.40
N LEU A 301 -45.27 11.52 -2.35
CA LEU A 301 -44.73 10.18 -2.08
C LEU A 301 -45.08 9.16 -3.16
N SER A 302 -45.90 9.52 -4.12
CA SER A 302 -46.16 8.61 -5.22
C SER A 302 -45.03 8.73 -6.22
N GLY A 303 -44.26 9.80 -6.08
CA GLY A 303 -43.18 10.13 -6.99
C GLY A 303 -43.57 10.98 -8.19
N LEU A 304 -44.86 10.96 -8.51
CA LEU A 304 -45.39 11.66 -9.68
C LEU A 304 -44.96 13.14 -9.84
N PRO A 305 -45.23 13.97 -8.82
CA PRO A 305 -44.81 15.38 -8.92
C PRO A 305 -43.33 15.55 -9.31
N THR A 306 -42.46 14.81 -8.64
CA THR A 306 -41.03 14.90 -8.87
C THR A 306 -40.68 14.43 -10.27
N CYS A 307 -41.30 13.35 -10.68
CA CYS A 307 -41.09 12.86 -12.03
C CYS A 307 -41.51 13.95 -13.01
N ASP A 308 -42.62 14.60 -12.68
CA ASP A 308 -43.19 15.66 -13.49
C ASP A 308 -42.28 16.89 -13.61
N TYR A 309 -41.73 17.30 -12.48
CA TYR A 309 -40.82 18.44 -12.47
C TYR A 309 -39.56 18.16 -13.28
N TYR A 310 -39.05 16.94 -13.19
CA TYR A 310 -37.82 16.60 -13.90
C TYR A 310 -38.11 16.51 -15.39
N ASN A 311 -39.26 15.94 -15.73
CA ASN A 311 -39.68 15.88 -17.12
C ASN A 311 -39.76 17.26 -17.77
N THR A 312 -40.51 18.14 -17.14
CA THR A 312 -40.64 19.51 -17.58
C THR A 312 -39.27 20.15 -17.75
N PHE A 313 -38.45 20.05 -16.72
CA PHE A 313 -37.08 20.54 -16.77
C PHE A 313 -36.29 20.05 -17.99
N LEU A 314 -36.30 18.75 -18.25
CA LEU A 314 -35.54 18.24 -19.38
C LEU A 314 -36.11 18.66 -20.72
N LEU A 315 -37.44 18.74 -20.83
CA LEU A 315 -38.07 19.20 -22.07
C LEU A 315 -37.70 20.65 -22.39
N ASN A 316 -37.82 21.53 -21.39
CA ASN A 316 -37.63 22.96 -21.61
C ASN A 316 -36.18 23.46 -21.73
N ASN A 317 -35.25 22.90 -20.97
CA ASN A 317 -33.90 23.44 -20.99
C ASN A 317 -32.99 22.69 -21.93
N LYS A 318 -33.55 21.69 -22.59
CA LYS A 318 -32.71 20.81 -23.37
C LYS A 318 -31.85 21.56 -24.35
N ASN A 319 -30.55 21.33 -24.24
CA ASN A 319 -29.56 21.93 -25.10
C ASN A 319 -28.82 20.81 -25.78
N ILE A 320 -28.80 20.85 -27.10
CA ILE A 320 -28.36 19.75 -27.91
C ILE A 320 -27.61 20.24 -29.13
N ASP A 321 -26.53 19.56 -29.50
CA ASP A 321 -25.83 19.90 -30.72
C ASP A 321 -26.06 18.76 -31.66
N ILE A 322 -26.94 18.96 -32.64
CA ILE A 322 -27.42 17.84 -33.44
C ILE A 322 -26.40 17.42 -34.51
N GLY A 323 -25.48 18.33 -34.82
CA GLY A 323 -24.42 18.02 -35.76
C GLY A 323 -23.61 16.81 -35.34
N LEU A 324 -23.41 16.69 -34.03
CA LEU A 324 -22.62 15.59 -33.48
C LEU A 324 -23.24 14.25 -33.85
N LEU A 325 -24.55 14.13 -33.69
CA LEU A 325 -25.24 12.91 -34.09
C LEU A 325 -25.12 12.71 -35.59
N ASN A 326 -25.30 13.81 -36.32
CA ASN A 326 -25.24 13.77 -37.78
C ASN A 326 -23.90 13.29 -38.35
N LYS A 327 -22.80 13.79 -37.80
CA LYS A 327 -21.49 13.32 -38.22
C LYS A 327 -21.35 11.82 -37.93
N SER A 328 -21.91 11.39 -36.81
CA SER A 328 -21.90 9.97 -36.46
C SER A 328 -22.66 9.12 -37.48
N LYS A 329 -23.86 9.55 -37.89
CA LYS A 329 -24.63 8.78 -38.89
C LYS A 329 -23.93 8.72 -40.26
N SER A 330 -23.36 9.84 -40.70
CA SER A 330 -22.69 9.90 -42.00
C SER A 330 -21.38 9.10 -42.05
N SER A 331 -20.64 9.09 -40.94
CA SER A 331 -19.38 8.35 -40.86
C SER A 331 -19.55 6.85 -40.62
N LEU A 332 -20.48 6.48 -39.75
CA LEU A 332 -20.66 5.06 -39.45
C LEU A 332 -21.93 4.50 -40.10
N ASP A 333 -21.75 3.73 -41.16
CA ASP A 333 -22.87 3.17 -41.92
C ASP A 333 -23.77 2.24 -41.10
N GLY A 334 -25.07 2.50 -41.15
CA GLY A 334 -26.05 1.70 -40.43
C GLY A 334 -26.34 0.31 -40.95
N LYS A 335 -25.75 -0.07 -42.10
CA LYS A 335 -25.87 -1.45 -42.56
C LYS A 335 -25.11 -2.38 -41.62
N PHE A 336 -24.05 -1.86 -41.01
CA PHE A 336 -23.30 -2.62 -40.02
C PHE A 336 -23.98 -2.53 -38.67
N SER A 337 -24.41 -3.67 -38.16
CA SER A 337 -25.16 -3.72 -36.91
C SER A 337 -24.42 -3.02 -35.76
N LEU A 338 -23.09 -2.96 -35.84
CA LEU A 338 -22.32 -2.28 -34.81
C LEU A 338 -22.51 -0.78 -34.89
N PHE A 339 -22.24 -0.20 -36.06
CA PHE A 339 -22.33 1.23 -36.25
C PHE A 339 -23.76 1.72 -36.05
N HIS A 340 -24.72 0.88 -36.40
CA HIS A 340 -26.08 1.24 -36.15
C HIS A 340 -26.37 1.37 -34.66
N THR A 341 -25.89 0.40 -33.91
CA THR A 341 -26.07 0.37 -32.46
C THR A 341 -25.39 1.59 -31.83
N ALA A 342 -24.17 1.85 -32.28
CA ALA A 342 -23.39 3.01 -31.81
C ALA A 342 -24.16 4.32 -31.85
N VAL A 343 -24.83 4.61 -32.98
CA VAL A 343 -25.58 5.85 -33.13
C VAL A 343 -26.96 5.77 -32.50
N SER A 344 -27.62 4.64 -32.69
CA SER A 344 -28.89 4.38 -32.06
C SER A 344 -28.79 4.70 -30.56
N VAL A 345 -27.69 4.29 -29.93
CA VAL A 345 -27.49 4.44 -28.48
C VAL A 345 -27.13 5.87 -28.10
N ALA A 346 -26.26 6.49 -28.90
CA ALA A 346 -25.81 7.85 -28.67
C ALA A 346 -26.96 8.82 -28.82
N ASN A 347 -27.84 8.51 -29.75
CA ASN A 347 -29.07 9.24 -29.90
C ASN A 347 -29.82 9.25 -28.57
N GLY A 348 -30.27 8.07 -28.15
CA GLY A 348 -30.98 7.94 -26.90
C GLY A 348 -30.31 8.65 -25.73
N PHE A 349 -28.99 8.61 -25.66
CA PHE A 349 -28.29 9.26 -24.54
C PHE A 349 -28.50 10.78 -24.56
N HIS A 351 -30.68 12.55 -25.95
CA HIS A 351 -32.10 12.89 -25.88
C HIS A 351 -32.81 12.29 -24.68
N ALA A 352 -32.03 11.72 -23.77
CA ALA A 352 -32.60 10.93 -22.68
C ALA A 352 -33.51 11.72 -21.75
N GLY A 353 -34.71 11.17 -21.52
CA GLY A 353 -35.72 11.79 -20.67
C GLY A 353 -36.40 13.05 -21.24
N THR A 354 -35.84 13.49 -22.36
CA THR A 354 -36.07 14.78 -22.97
C THR A 354 -37.34 14.75 -23.83
N THR A 355 -37.71 13.54 -24.23
CA THR A 355 -38.96 13.27 -24.90
C THR A 355 -38.96 13.58 -26.40
N ASP A 356 -37.94 14.29 -26.85
CA ASP A 356 -37.87 14.74 -28.23
C ASP A 356 -37.26 13.69 -29.16
N ASN A 357 -38.08 13.21 -30.08
CA ASN A 357 -37.74 12.15 -31.05
C ASN A 357 -37.26 12.66 -32.43
N SER A 358 -36.96 13.96 -32.49
CA SER A 358 -36.60 14.64 -33.73
C SER A 358 -35.59 13.92 -34.63
N PHE A 359 -34.51 13.38 -34.07
CA PHE A 359 -33.47 12.81 -34.92
C PHE A 359 -33.95 11.63 -35.78
N ILE A 360 -34.58 10.65 -35.15
CA ILE A 360 -35.12 9.48 -35.86
C ILE A 360 -36.22 9.83 -36.84
N LYS A 361 -37.12 10.75 -36.47
CA LYS A 361 -38.14 11.22 -37.41
C LYS A 361 -37.46 11.73 -38.68
N ALA A 362 -36.36 12.48 -38.52
CA ALA A 362 -35.62 13.05 -39.65
C ALA A 362 -34.92 12.03 -40.55
N ASN A 363 -34.16 11.11 -39.99
CA ASN A 363 -33.68 10.05 -40.84
C ASN A 363 -34.47 8.78 -40.57
N LEU A 364 -35.55 8.62 -41.30
CA LEU A 364 -36.32 7.38 -41.32
C LEU A 364 -35.61 6.28 -42.08
N PRO A 365 -35.02 6.62 -43.25
CA PRO A 365 -34.33 5.59 -44.03
C PRO A 365 -33.21 4.96 -43.22
N TRP A 366 -32.39 5.79 -42.56
CA TRP A 366 -31.35 5.27 -41.68
C TRP A 366 -31.88 4.19 -40.73
N LEU A 367 -33.01 4.46 -40.08
CA LEU A 367 -33.63 3.46 -39.20
C LEU A 367 -33.84 2.11 -39.92
N GLY A 368 -34.18 2.17 -41.22
CA GLY A 368 -34.52 0.99 -41.98
C GLY A 368 -33.39 0.01 -42.23
N LYS A 369 -32.16 0.51 -42.33
CA LYS A 369 -31.01 -0.35 -42.59
C LYS A 369 -30.66 -1.25 -41.41
N ALA A 370 -31.17 -0.94 -40.23
CA ALA A 370 -30.90 -1.74 -39.04
C ALA A 370 -31.49 -3.14 -39.14
N GLN A 371 -30.64 -4.15 -38.92
CA GLN A 371 -31.11 -5.52 -39.01
C GLN A 371 -30.96 -6.30 -37.71
N ASN A 372 -31.79 -7.33 -37.58
CA ASN A 372 -31.78 -8.22 -36.44
C ASN A 372 -31.91 -7.46 -35.14
N TRP A 373 -30.92 -7.62 -34.26
CA TRP A 373 -30.93 -7.01 -32.92
C TRP A 373 -30.67 -5.52 -32.93
N ALA A 374 -30.11 -5.01 -34.02
CA ALA A 374 -29.89 -3.57 -34.10
C ALA A 374 -31.25 -2.91 -34.18
N LYS A 375 -32.25 -3.69 -34.61
CA LYS A 375 -33.63 -3.23 -34.71
C LYS A 375 -34.24 -3.19 -33.31
N PHE A 376 -33.91 -4.20 -32.52
CA PHE A 376 -34.32 -4.30 -31.12
C PHE A 376 -33.86 -3.07 -30.34
N THR A 377 -32.60 -2.70 -30.55
CA THR A 377 -31.98 -1.57 -29.87
C THR A 377 -32.59 -0.23 -30.27
N ALA A 378 -32.74 0.00 -31.57
CA ALA A 378 -33.37 1.24 -32.04
C ALA A 378 -34.81 1.42 -31.51
N THR A 379 -35.63 0.38 -31.54
CA THR A 379 -36.97 0.48 -30.95
C THR A 379 -36.90 0.84 -29.46
N ALA A 380 -36.14 0.07 -28.69
CA ALA A 380 -36.09 0.30 -27.24
C ALA A 380 -35.47 1.66 -26.90
N SER A 381 -34.81 2.29 -27.87
CA SER A 381 -34.19 3.60 -27.66
C SER A 381 -35.23 4.70 -27.48
N LEU A 382 -36.43 4.48 -28.01
CA LEU A 382 -37.54 5.38 -27.75
C LEU A 382 -37.77 5.44 -26.24
N GLY A 383 -37.50 4.33 -25.57
CA GLY A 383 -37.74 4.21 -24.15
C GLY A 383 -36.84 5.12 -23.35
N VAL A 384 -35.65 5.37 -23.87
CA VAL A 384 -34.70 6.21 -23.15
C VAL A 384 -35.02 7.67 -23.32
N ILE A 385 -35.28 8.04 -24.57
CA ILE A 385 -35.79 9.36 -24.90
C ILE A 385 -37.08 9.70 -24.11
N HIS A 386 -37.94 8.70 -23.97
CA HIS A 386 -39.17 8.84 -23.22
C HIS A 386 -39.15 8.47 -21.75
N LYS A 387 -37.97 8.25 -21.17
CA LYS A 387 -37.87 7.92 -19.78
C LYS A 387 -38.64 8.95 -18.98
N GLY A 388 -39.32 8.51 -17.93
CA GLY A 388 -40.27 9.36 -17.25
C GLY A 388 -41.41 9.36 -18.23
N ASN A 389 -42.17 10.43 -18.31
CA ASN A 389 -43.27 10.47 -19.29
C ASN A 389 -44.25 9.33 -19.07
N LEU A 390 -44.62 9.17 -17.81
CA LEU A 390 -45.53 8.13 -17.40
C LEU A 390 -46.90 8.28 -18.03
N LEU A 391 -47.29 9.54 -18.29
CA LEU A 391 -48.62 9.86 -18.83
C LEU A 391 -48.88 9.34 -20.26
N GLU A 392 -48.08 9.80 -21.22
CA GLU A 392 -48.25 9.40 -22.62
C GLU A 392 -47.27 8.28 -23.01
N GLY A 393 -46.51 7.79 -22.05
CA GLY A 393 -45.46 6.83 -22.33
C GLY A 393 -45.96 5.63 -23.10
N LYS A 394 -46.96 4.93 -22.55
CA LYS A 394 -47.51 3.76 -23.20
C LYS A 394 -48.05 4.05 -24.59
N LYS A 395 -48.61 5.25 -24.78
CA LYS A 395 -49.11 5.63 -26.10
C LYS A 395 -47.99 5.67 -27.13
N VAL A 396 -46.86 6.30 -26.79
CA VAL A 396 -45.77 6.46 -27.76
C VAL A 396 -45.32 5.12 -28.33
N ALA A 398 -47.16 2.43 -28.70
CA ALA A 398 -48.25 1.72 -29.35
C ALA A 398 -48.00 1.28 -30.79
N PRO A 399 -47.42 2.17 -31.63
CA PRO A 399 -47.17 1.76 -33.02
C PRO A 399 -46.31 0.51 -33.10
N TYR A 400 -45.35 0.35 -32.19
CA TYR A 400 -44.44 -0.80 -32.21
C TYR A 400 -44.80 -1.92 -31.25
N LEU A 401 -45.82 -1.71 -30.43
CA LEU A 401 -46.26 -2.72 -29.46
C LEU A 401 -46.61 -4.02 -30.18
N PRO A 402 -46.71 -5.13 -29.44
CA PRO A 402 -47.18 -6.36 -30.09
C PRO A 402 -48.66 -6.27 -30.43
N GLY A 403 -49.02 -6.70 -31.63
CA GLY A 403 -50.39 -6.59 -32.10
C GLY A 403 -50.57 -5.23 -32.76
N SER A 404 -49.45 -4.53 -32.95
CA SER A 404 -49.46 -3.21 -33.55
C SER A 404 -49.28 -3.28 -35.06
N ARG A 405 -49.33 -4.47 -35.63
CA ARG A 405 -49.01 -4.61 -37.03
C ARG A 405 -47.52 -4.38 -37.26
N ALA A 406 -46.72 -4.66 -36.23
CA ALA A 406 -45.30 -4.44 -36.35
C ALA A 406 -44.70 -5.54 -37.16
N SER A 407 -43.63 -5.20 -37.87
CA SER A 407 -43.01 -6.08 -38.88
C SER A 407 -42.21 -7.28 -38.29
N SER A 408 -41.42 -7.04 -37.26
CA SER A 408 -40.56 -8.11 -36.72
C SER A 408 -40.59 -8.20 -35.19
N ARG A 409 -40.31 -9.39 -34.70
CA ARG A 409 -40.22 -9.65 -33.26
C ARG A 409 -39.12 -8.80 -32.63
N PHE A 410 -38.30 -8.20 -33.48
CA PHE A 410 -37.28 -7.28 -33.00
C PHE A 410 -37.90 -5.97 -32.55
N ILE A 411 -38.74 -5.40 -33.40
CA ILE A 411 -39.48 -4.19 -33.07
C ILE A 411 -40.45 -4.44 -31.91
N LYS A 412 -41.14 -5.58 -31.97
CA LYS A 412 -42.14 -5.94 -30.97
C LYS A 412 -41.50 -6.29 -29.64
N GLY A 413 -40.33 -6.92 -29.68
CA GLY A 413 -39.62 -7.33 -28.48
C GLY A 413 -38.90 -6.17 -27.82
N GLY A 414 -38.31 -5.29 -28.62
CA GLY A 414 -37.59 -4.14 -28.11
C GLY A 414 -38.54 -3.06 -27.61
N SER A 415 -39.81 -3.27 -27.90
CA SER A 415 -40.83 -2.32 -27.52
C SER A 415 -41.08 -2.54 -26.05
N LEU A 416 -41.21 -3.79 -25.66
CA LEU A 416 -41.45 -4.12 -24.26
C LEU A 416 -40.26 -3.68 -23.41
N TYR A 417 -39.10 -3.61 -24.04
CA TYR A 417 -37.88 -3.18 -23.37
C TYR A 417 -37.85 -1.65 -23.31
N GLY A 418 -38.22 -0.99 -24.39
CA GLY A 418 -38.36 0.46 -24.36
C GLY A 418 -39.41 0.89 -23.34
N LEU A 419 -40.36 0.00 -23.09
CA LEU A 419 -41.46 0.28 -22.18
C LEU A 419 -41.01 0.28 -20.73
N GLY A 420 -40.31 -0.78 -20.33
CA GLY A 420 -39.69 -0.86 -19.03
C GLY A 420 -38.72 0.29 -18.80
N LEU A 421 -38.03 0.72 -19.85
CA LEU A 421 -37.13 1.88 -19.77
C LEU A 421 -37.90 3.15 -19.38
N ILE A 422 -39.02 3.40 -20.03
CA ILE A 422 -39.87 4.54 -19.72
C ILE A 422 -40.35 4.53 -18.26
N TYR A 423 -40.97 3.44 -17.85
CA TYR A 423 -41.67 3.34 -16.58
C TYR A 423 -40.82 2.89 -15.39
N ALA A 424 -39.50 2.84 -15.57
CA ALA A 424 -38.63 2.29 -14.53
C ALA A 424 -38.85 3.02 -13.22
N GLY A 425 -39.21 2.25 -12.21
CA GLY A 425 -39.47 2.77 -10.88
C GLY A 425 -40.92 3.16 -10.66
N PHE A 426 -41.63 3.43 -11.73
CA PHE A 426 -43.08 3.59 -11.68
C PHE A 426 -43.92 2.41 -12.20
N GLY A 427 -43.25 1.31 -12.52
CA GLY A 427 -43.84 0.32 -13.40
C GLY A 427 -44.98 -0.52 -12.87
N ARG A 428 -45.54 -0.16 -11.71
CA ARG A 428 -46.63 -0.99 -11.16
C ARG A 428 -47.70 -1.38 -12.19
N ASP A 429 -48.14 -0.42 -13.00
CA ASP A 429 -49.10 -0.71 -14.07
C ASP A 429 -48.43 -1.54 -15.15
N THR A 430 -47.31 -1.04 -15.62
CA THR A 430 -46.52 -1.70 -16.65
C THR A 430 -46.09 -3.12 -16.31
N THR A 431 -45.89 -3.39 -15.03
CA THR A 431 -45.46 -4.72 -14.59
C THR A 431 -46.58 -5.71 -14.84
N ASP A 432 -47.80 -5.34 -14.46
CA ASP A 432 -48.98 -6.16 -14.71
C ASP A 432 -49.13 -6.49 -16.18
N TYR A 433 -49.00 -5.45 -17.02
CA TYR A 433 -49.10 -5.64 -18.45
C TYR A 433 -48.12 -6.67 -18.95
N LEU A 434 -46.87 -6.49 -18.57
CA LEU A 434 -45.78 -7.31 -19.06
C LEU A 434 -45.85 -8.71 -18.48
N LYS A 435 -46.25 -8.79 -17.22
CA LYS A 435 -46.36 -10.09 -16.54
C LYS A 435 -47.33 -11.00 -17.25
N ASN A 436 -48.38 -10.41 -17.82
CA ASN A 436 -49.37 -11.20 -18.55
C ASN A 436 -48.80 -11.80 -19.84
N ILE A 437 -47.99 -11.04 -20.55
CA ILE A 437 -47.38 -11.54 -21.78
C ILE A 437 -46.45 -12.70 -21.49
N ILE A 438 -45.73 -12.60 -20.37
CA ILE A 438 -44.81 -13.67 -20.02
C ILE A 438 -45.57 -14.96 -19.73
N VAL A 439 -46.57 -14.88 -18.87
CA VAL A 439 -47.31 -16.08 -18.49
C VAL A 439 -48.00 -16.73 -19.69
N GLU A 440 -48.47 -15.90 -20.62
CA GLU A 440 -49.13 -16.41 -21.81
C GLU A 440 -48.16 -17.15 -22.71
N ASN A 441 -47.01 -16.55 -22.95
CA ASN A 441 -46.05 -17.08 -23.90
C ASN A 441 -44.91 -17.92 -23.32
N SER A 442 -44.91 -18.13 -22.01
CA SER A 442 -43.88 -18.94 -21.38
C SER A 442 -44.07 -20.41 -21.75
N GLY A 443 -45.32 -20.82 -21.93
CA GLY A 443 -45.65 -22.18 -22.29
C GLY A 443 -45.09 -22.60 -23.63
N THR A 444 -45.21 -21.72 -24.62
CA THR A 444 -44.75 -22.02 -25.98
C THR A 444 -43.24 -22.14 -26.11
N SER A 445 -42.80 -23.08 -26.96
CA SER A 445 -41.38 -23.35 -27.17
C SER A 445 -41.10 -23.65 -28.65
N GLY A 446 -39.87 -23.37 -29.08
CA GLY A 446 -39.47 -23.64 -30.45
C GLY A 446 -39.84 -22.53 -31.42
N ASP A 447 -40.49 -21.49 -30.90
CA ASP A 447 -40.87 -20.35 -31.73
C ASP A 447 -39.88 -19.19 -31.55
N GLU A 448 -39.27 -18.77 -32.66
CA GLU A 448 -38.32 -17.65 -32.65
C GLU A 448 -38.98 -16.28 -32.31
N ASP A 449 -40.20 -16.07 -32.78
CA ASP A 449 -40.90 -14.81 -32.54
C ASP A 449 -41.24 -14.62 -31.05
N VAL A 450 -41.58 -15.71 -30.38
CA VAL A 450 -41.95 -15.67 -28.96
C VAL A 450 -40.70 -15.49 -28.10
N ASP A 451 -39.60 -16.03 -28.58
CA ASP A 451 -38.33 -15.92 -27.88
C ASP A 451 -37.84 -14.47 -27.86
N VAL A 452 -37.79 -13.82 -29.02
CA VAL A 452 -37.39 -12.41 -29.04
C VAL A 452 -38.38 -11.56 -28.22
N LEU A 453 -39.65 -11.93 -28.29
CA LEU A 453 -40.64 -11.23 -27.49
C LEU A 453 -40.28 -11.46 -26.02
N LEU A 454 -40.09 -12.71 -25.62
CA LEU A 454 -39.81 -12.99 -24.21
C LEU A 454 -38.48 -12.40 -23.70
N HIS A 455 -37.63 -11.99 -24.63
CA HIS A 455 -36.41 -11.30 -24.26
C HIS A 455 -36.78 -9.91 -23.80
N GLY A 456 -37.45 -9.18 -24.70
CA GLY A 456 -37.85 -7.81 -24.45
C GLY A 456 -38.74 -7.73 -23.23
N ALA A 457 -39.62 -8.71 -23.06
CA ALA A 457 -40.50 -8.74 -21.91
C ALA A 457 -39.69 -8.78 -20.63
N SER A 458 -38.63 -9.57 -20.64
CA SER A 458 -37.87 -9.81 -19.42
C SER A 458 -36.98 -8.63 -19.06
N LEU A 459 -36.30 -8.03 -20.04
CA LEU A 459 -35.55 -6.79 -19.79
C LEU A 459 -36.49 -5.70 -19.23
N GLY A 460 -37.59 -5.44 -19.93
CA GLY A 460 -38.57 -4.45 -19.52
C GLY A 460 -39.19 -4.75 -18.16
N ILE A 461 -39.66 -5.98 -17.96
CA ILE A 461 -40.31 -6.36 -16.72
C ILE A 461 -39.34 -6.23 -15.54
N GLY A 462 -38.05 -6.43 -15.84
CA GLY A 462 -37.00 -6.26 -14.85
C GLY A 462 -36.88 -4.81 -14.43
N LEU A 463 -36.92 -3.90 -15.39
CA LEU A 463 -36.89 -2.48 -15.10
C LEU A 463 -38.14 -2.03 -14.33
N ALA A 464 -39.27 -2.63 -14.66
CA ALA A 464 -40.54 -2.25 -14.06
C ALA A 464 -40.72 -2.84 -12.67
N ALA A 465 -40.25 -4.07 -12.50
CA ALA A 465 -40.36 -4.78 -11.22
C ALA A 465 -39.12 -4.61 -10.35
N GLY A 467 -36.40 -4.16 -7.84
CA GLY A 467 -36.37 -3.99 -6.40
C GLY A 467 -37.65 -4.42 -5.72
N SER A 468 -38.58 -4.98 -6.48
CA SER A 468 -39.92 -5.22 -5.98
C SER A 468 -39.96 -6.42 -5.05
N ALA A 469 -39.01 -7.32 -5.23
CA ALA A 469 -38.99 -8.54 -4.43
C ALA A 469 -40.33 -9.25 -4.59
N ASN A 470 -40.96 -9.03 -5.74
CA ASN A 470 -42.29 -9.56 -6.01
C ASN A 470 -42.19 -11.00 -6.49
N ILE A 471 -42.76 -11.92 -5.72
CA ILE A 471 -42.60 -13.35 -6.00
C ILE A 471 -43.35 -13.84 -7.24
N GLU A 472 -44.44 -13.17 -7.61
CA GLU A 472 -45.22 -13.59 -8.77
C GLU A 472 -44.51 -13.28 -10.09
N VAL A 473 -43.78 -12.17 -10.15
CA VAL A 473 -42.98 -11.86 -11.34
C VAL A 473 -41.74 -12.75 -11.41
N TYR A 474 -41.10 -12.94 -10.25
CA TYR A 474 -39.97 -13.83 -10.13
C TYR A 474 -40.36 -15.22 -10.64
N GLU A 475 -41.49 -15.70 -10.17
CA GLU A 475 -42.00 -17.01 -10.57
C GLU A 475 -42.33 -17.05 -12.06
N ALA A 476 -42.91 -15.98 -12.56
CA ALA A 476 -43.28 -15.86 -13.96
C ALA A 476 -42.03 -15.95 -14.82
N LEU A 477 -41.04 -15.14 -14.46
CA LEU A 477 -39.77 -15.11 -15.15
C LEU A 477 -39.08 -16.46 -15.07
N LYS A 478 -39.18 -17.11 -13.92
CA LYS A 478 -38.46 -18.37 -13.73
C LYS A 478 -38.89 -19.39 -14.77
N GLU A 479 -40.12 -19.28 -15.24
CA GLU A 479 -40.64 -20.21 -16.24
C GLU A 479 -40.01 -19.98 -17.61
N VAL A 480 -39.65 -18.73 -17.88
CA VAL A 480 -39.02 -18.37 -19.15
C VAL A 480 -37.64 -18.99 -19.21
N LEU A 481 -36.99 -19.00 -18.06
CA LEU A 481 -35.60 -19.44 -17.96
C LEU A 481 -35.48 -20.92 -18.28
N TYR A 482 -36.48 -21.70 -17.85
CA TYR A 482 -36.47 -23.15 -18.03
C TYR A 482 -36.65 -23.61 -19.48
N ASN A 483 -37.24 -22.78 -20.33
CA ASN A 483 -37.36 -23.11 -21.74
C ASN A 483 -35.95 -23.28 -22.30
N ASP A 484 -34.99 -22.69 -21.58
CA ASP A 484 -33.59 -22.81 -21.94
C ASP A 484 -33.39 -22.45 -23.40
N SER A 485 -34.09 -21.41 -23.83
CA SER A 485 -33.82 -20.81 -25.13
C SER A 485 -32.64 -19.90 -24.92
N ALA A 486 -31.63 -20.00 -25.76
CA ALA A 486 -30.47 -19.13 -25.61
C ALA A 486 -30.92 -17.68 -25.81
N THR A 487 -31.86 -17.48 -26.72
CA THR A 487 -32.35 -16.13 -27.00
C THR A 487 -33.03 -15.44 -25.81
N SER A 488 -34.02 -16.10 -25.20
CA SER A 488 -34.73 -15.51 -24.08
C SER A 488 -33.99 -15.62 -22.73
N GLY A 489 -33.23 -16.69 -22.55
CA GLY A 489 -32.67 -17.03 -21.26
C GLY A 489 -31.91 -15.94 -20.53
N GLU A 490 -31.09 -15.19 -21.25
CA GLU A 490 -30.26 -14.18 -20.61
C GLU A 490 -31.12 -13.10 -19.98
N ALA A 491 -32.08 -12.61 -20.76
CA ALA A 491 -33.01 -11.59 -20.27
C ALA A 491 -33.72 -12.04 -18.99
N ALA A 492 -34.31 -13.22 -19.01
CA ALA A 492 -35.02 -13.74 -17.84
C ALA A 492 -34.16 -13.75 -16.58
N ALA A 493 -32.91 -14.15 -16.73
CA ALA A 493 -31.98 -14.18 -15.61
C ALA A 493 -31.71 -12.78 -15.06
N LEU A 494 -31.41 -11.83 -15.96
CA LEU A 494 -31.22 -10.45 -15.56
C LEU A 494 -32.51 -9.93 -14.90
N GLY A 495 -33.64 -10.19 -15.53
CA GLY A 495 -34.92 -9.81 -14.98
C GLY A 495 -35.07 -10.30 -13.56
N GLY A 497 -32.83 -10.97 -11.43
CA GLY A 497 -31.89 -10.25 -10.57
C GLY A 497 -32.43 -8.88 -10.23
N LEU A 498 -32.87 -8.16 -11.25
CA LEU A 498 -33.45 -6.84 -11.06
C LEU A 498 -34.67 -6.92 -10.17
N CYS A 499 -35.50 -7.93 -10.41
CA CYS A 499 -36.67 -8.15 -9.57
C CYS A 499 -36.31 -8.39 -8.11
N LEU A 501 -33.47 -7.69 -6.61
CA LEU A 501 -32.30 -6.92 -6.28
C LEU A 501 -32.23 -6.57 -4.80
N GLY A 502 -31.10 -6.91 -4.19
CA GLY A 502 -30.79 -6.56 -2.81
C GLY A 502 -31.39 -7.44 -1.72
N THR A 503 -32.20 -8.43 -2.11
CA THR A 503 -32.92 -9.25 -1.14
C THR A 503 -32.04 -10.29 -0.47
N GLY A 504 -30.96 -10.66 -1.15
CA GLY A 504 -30.10 -11.74 -0.68
C GLY A 504 -30.97 -12.96 -0.46
N LYS A 505 -32.13 -12.98 -1.14
CA LYS A 505 -33.12 -14.02 -0.91
C LYS A 505 -32.52 -15.38 -1.21
N PRO A 506 -32.45 -16.23 -0.18
CA PRO A 506 -31.70 -17.49 -0.22
C PRO A 506 -32.34 -18.49 -1.16
N GLU A 507 -33.67 -18.48 -1.24
CA GLU A 507 -34.35 -19.33 -2.19
C GLU A 507 -33.82 -18.99 -3.57
N ALA A 508 -33.85 -17.71 -3.90
CA ALA A 508 -33.48 -17.21 -5.22
C ALA A 508 -32.03 -17.52 -5.59
N ILE A 509 -31.12 -17.18 -4.70
CA ILE A 509 -29.72 -17.52 -4.88
C ILE A 509 -29.55 -19.00 -5.23
N HIS A 510 -30.16 -19.86 -4.42
CA HIS A 510 -30.05 -21.32 -4.59
C HIS A 510 -30.57 -21.76 -5.96
N ASP A 511 -31.79 -21.34 -6.29
CA ASP A 511 -32.40 -21.71 -7.57
C ASP A 511 -31.52 -21.30 -8.73
N PHE A 513 -28.16 -20.35 -8.85
CA PHE A 513 -26.85 -21.01 -8.89
C PHE A 513 -26.94 -22.42 -9.45
N THR A 514 -27.85 -23.23 -8.92
CA THR A 514 -28.01 -24.61 -9.39
C THR A 514 -28.24 -24.63 -10.90
N TYR A 515 -29.07 -23.72 -11.39
CA TYR A 515 -29.42 -23.77 -12.79
C TYR A 515 -28.29 -23.32 -13.71
N SER A 516 -27.43 -22.43 -13.24
CA SER A 516 -26.37 -21.94 -14.11
C SER A 516 -25.45 -23.05 -14.58
N GLN A 517 -25.39 -24.14 -13.81
CA GLN A 517 -24.60 -25.32 -14.17
C GLN A 517 -25.33 -26.29 -15.12
N GLU A 518 -26.62 -26.49 -14.87
CA GLU A 518 -27.46 -27.41 -15.64
C GLU A 518 -27.70 -26.98 -17.09
N THR A 519 -27.83 -25.67 -17.28
CA THR A 519 -28.08 -25.12 -18.61
C THR A 519 -26.96 -25.45 -19.58
N GLN A 520 -27.30 -25.51 -20.86
CA GLN A 520 -26.29 -25.73 -21.88
C GLN A 520 -25.81 -24.46 -22.59
N HIS A 521 -26.28 -23.31 -22.13
CA HIS A 521 -25.90 -22.06 -22.77
C HIS A 521 -25.01 -21.17 -21.91
N GLY A 522 -23.97 -20.63 -22.53
CA GLY A 522 -23.04 -19.75 -21.83
C GLY A 522 -23.64 -18.41 -21.45
N ASN A 523 -24.22 -17.71 -22.41
CA ASN A 523 -24.81 -16.41 -22.16
C ASN A 523 -25.78 -16.46 -20.98
N ILE A 524 -26.51 -17.57 -20.88
CA ILE A 524 -27.46 -17.76 -19.79
C ILE A 524 -26.76 -17.92 -18.45
N THR A 525 -25.64 -18.62 -18.48
CA THR A 525 -24.85 -18.79 -17.28
C THR A 525 -24.22 -17.45 -16.90
N ARG A 526 -23.89 -16.63 -17.91
CA ARG A 526 -23.43 -15.27 -17.66
C ARG A 526 -24.58 -14.38 -17.15
N GLY A 527 -25.78 -14.61 -17.65
CA GLY A 527 -26.95 -13.86 -17.22
C GLY A 527 -27.21 -14.08 -15.74
N LEU A 528 -27.17 -15.34 -15.33
CA LEU A 528 -27.44 -15.69 -13.95
C LEU A 528 -26.30 -15.32 -12.98
N ALA A 529 -25.10 -15.16 -13.52
CA ALA A 529 -23.99 -14.77 -12.68
C ALA A 529 -24.26 -13.35 -12.25
N VAL A 530 -24.50 -12.48 -13.21
CA VAL A 530 -24.89 -11.11 -12.91
C VAL A 530 -26.16 -11.08 -12.06
N GLY A 531 -27.16 -11.87 -12.44
CA GLY A 531 -28.39 -11.99 -11.68
C GLY A 531 -28.15 -12.24 -10.19
N LEU A 532 -27.15 -13.06 -9.89
CA LEU A 532 -26.79 -13.37 -8.51
C LEU A 532 -26.11 -12.19 -7.84
N ALA A 533 -25.46 -11.35 -8.65
CA ALA A 533 -24.78 -10.16 -8.15
C ALA A 533 -25.84 -9.18 -7.71
N LEU A 534 -26.81 -8.96 -8.59
CA LEU A 534 -27.93 -8.08 -8.29
C LEU A 534 -28.62 -8.48 -6.98
N ILE A 535 -28.97 -9.76 -6.85
CA ILE A 535 -29.64 -10.23 -5.63
C ILE A 535 -28.84 -9.99 -4.36
N ASN A 536 -27.52 -9.88 -4.48
CA ASN A 536 -26.71 -9.60 -3.30
C ASN A 536 -26.32 -8.14 -3.15
N TYR A 537 -26.85 -7.30 -4.04
CA TYR A 537 -26.48 -5.90 -4.03
C TYR A 537 -26.66 -5.40 -2.62
N GLY A 538 -25.64 -4.75 -2.08
CA GLY A 538 -25.74 -4.12 -0.76
C GLY A 538 -25.50 -5.00 0.46
N ARG A 539 -25.57 -6.32 0.30
CA ARG A 539 -25.54 -7.28 1.41
C ARG A 539 -24.22 -7.38 2.20
N GLN A 540 -23.14 -6.90 1.61
CA GLN A 540 -21.84 -6.93 2.26
C GLN A 540 -21.50 -8.33 2.73
N GLU A 541 -21.13 -8.44 4.00
CA GLU A 541 -20.56 -9.66 4.56
C GLU A 541 -21.50 -10.87 4.49
N LEU A 542 -22.79 -10.64 4.34
CA LEU A 542 -23.75 -11.74 4.29
C LEU A 542 -23.69 -12.42 2.93
N ALA A 543 -22.94 -11.82 2.02
CA ALA A 543 -22.77 -12.37 0.69
C ALA A 543 -21.51 -13.23 0.58
N ASP A 544 -20.68 -13.18 1.63
CA ASP A 544 -19.36 -13.80 1.59
C ASP A 544 -19.34 -15.30 1.35
N ASP A 545 -20.35 -16.01 1.82
CA ASP A 545 -20.40 -17.44 1.53
C ASP A 545 -20.62 -17.74 0.05
N LEU A 546 -21.61 -17.09 -0.56
CA LEU A 546 -21.85 -17.23 -1.98
C LEU A 546 -20.67 -16.76 -2.83
N ILE A 547 -20.00 -15.71 -2.37
CA ILE A 547 -18.87 -15.17 -3.10
C ILE A 547 -17.77 -16.21 -3.19
N THR A 548 -17.51 -16.88 -2.08
CA THR A 548 -16.45 -17.90 -2.09
C THR A 548 -16.75 -19.08 -3.01
N LYS A 549 -17.98 -19.57 -3.01
CA LYS A 549 -18.38 -20.64 -3.92
C LYS A 549 -18.11 -20.20 -5.34
N LEU A 551 -16.20 -17.69 -6.67
CA LEU A 551 -14.83 -17.42 -7.04
C LEU A 551 -14.03 -18.72 -7.16
N ALA A 552 -14.46 -19.73 -6.41
CA ALA A 552 -13.82 -21.03 -6.36
C ALA A 552 -14.21 -21.92 -7.54
N SER A 553 -15.29 -21.59 -8.22
CA SER A 553 -15.82 -22.43 -9.29
C SER A 553 -14.83 -22.56 -10.43
N ASP A 554 -14.87 -23.71 -11.10
CA ASP A 554 -14.01 -23.96 -12.25
C ASP A 554 -14.50 -23.21 -13.48
N GLU A 555 -15.79 -22.93 -13.50
CA GLU A 555 -16.42 -22.25 -14.61
C GLU A 555 -16.09 -20.76 -14.58
N SER A 556 -15.42 -20.28 -15.62
CA SER A 556 -14.98 -18.88 -15.62
C SER A 556 -16.18 -17.95 -15.47
N LEU A 557 -17.22 -18.19 -16.26
CA LEU A 557 -18.44 -17.41 -16.17
C LEU A 557 -18.95 -17.21 -14.74
N LEU A 558 -18.87 -18.24 -13.90
CA LEU A 558 -19.29 -18.06 -12.52
C LEU A 558 -18.32 -17.20 -11.72
N ARG A 559 -17.02 -17.39 -11.98
CA ARG A 559 -15.99 -16.51 -11.42
C ARG A 559 -16.23 -15.06 -11.91
N TYR A 560 -16.75 -14.90 -13.14
CA TYR A 560 -17.15 -13.60 -13.65
C TYR A 560 -18.21 -13.00 -12.72
N GLY A 561 -19.24 -13.79 -12.44
CA GLY A 561 -20.28 -13.39 -11.51
C GLY A 561 -19.76 -13.11 -10.13
N GLY A 562 -18.72 -13.85 -9.75
CA GLY A 562 -18.08 -13.66 -8.46
C GLY A 562 -17.56 -12.24 -8.30
N ALA A 563 -16.85 -11.74 -9.32
CA ALA A 563 -16.34 -10.37 -9.28
C ALA A 563 -17.47 -9.36 -9.14
N PHE A 564 -18.55 -9.55 -9.90
CA PHE A 564 -19.63 -8.57 -9.82
C PHE A 564 -20.36 -8.66 -8.49
N THR A 565 -20.37 -9.86 -7.91
CA THR A 565 -21.07 -10.03 -6.64
C THR A 565 -20.36 -9.32 -5.51
N ILE A 566 -19.06 -9.13 -5.68
CA ILE A 566 -18.34 -8.34 -4.71
C ILE A 566 -18.57 -6.86 -4.98
N ALA A 567 -18.56 -6.51 -6.26
CA ALA A 567 -18.75 -5.13 -6.70
C ALA A 567 -20.04 -4.57 -6.13
N LEU A 568 -21.09 -5.38 -6.14
CA LEU A 568 -22.38 -4.97 -5.58
C LEU A 568 -22.45 -5.14 -4.06
N ALA A 569 -22.32 -6.37 -3.57
CA ALA A 569 -22.43 -6.62 -2.14
C ALA A 569 -21.61 -5.63 -1.35
N TYR A 570 -20.41 -5.33 -1.82
CA TYR A 570 -19.52 -4.40 -1.13
C TYR A 570 -19.50 -3.00 -1.72
N ALA A 571 -20.40 -2.72 -2.66
CA ALA A 571 -20.46 -1.41 -3.32
C ALA A 571 -20.45 -0.27 -2.32
N GLY A 572 -19.61 0.72 -2.57
CA GLY A 572 -19.57 1.95 -1.80
C GLY A 572 -18.83 1.83 -0.48
N THR A 573 -18.74 0.62 0.05
CA THR A 573 -17.86 0.34 1.19
C THR A 573 -16.45 0.36 0.65
N GLY A 574 -15.49 0.81 1.43
CA GLY A 574 -14.11 0.75 0.96
C GLY A 574 -13.38 -0.54 1.35
N ASN A 575 -14.15 -1.62 1.50
CA ASN A 575 -13.70 -2.82 2.22
C ASN A 575 -12.36 -3.43 1.74
N ASN A 576 -11.43 -3.63 2.67
CA ASN A 576 -10.08 -4.06 2.31
C ASN A 576 -10.00 -5.50 1.87
N SER A 577 -10.63 -6.37 2.64
CA SER A 577 -10.66 -7.76 2.26
C SER A 577 -11.07 -7.81 0.79
N ALA A 578 -12.18 -7.17 0.46
CA ALA A 578 -12.74 -7.21 -0.89
C ALA A 578 -11.87 -6.53 -1.96
N VAL A 579 -11.30 -5.39 -1.65
CA VAL A 579 -10.37 -4.81 -2.61
C VAL A 579 -9.21 -5.74 -2.89
N LYS A 580 -8.67 -6.37 -1.85
CA LYS A 580 -7.54 -7.31 -2.02
C LYS A 580 -7.95 -8.53 -2.81
N ARG A 581 -9.03 -9.17 -2.39
CA ARG A 581 -9.51 -10.35 -3.08
C ARG A 581 -9.71 -10.14 -4.59
N LEU A 582 -10.03 -8.92 -4.99
CA LEU A 582 -10.25 -8.59 -6.40
C LEU A 582 -8.94 -8.29 -7.12
N LEU A 583 -8.04 -7.60 -6.45
CA LEU A 583 -6.70 -7.41 -6.99
C LEU A 583 -6.05 -8.77 -7.28
N HIS A 584 -6.36 -9.76 -6.44
CA HIS A 584 -5.81 -11.10 -6.59
C HIS A 584 -6.39 -11.76 -7.84
N VAL A 585 -7.71 -11.74 -7.96
CA VAL A 585 -8.39 -12.28 -9.13
C VAL A 585 -7.89 -11.61 -10.42
N ALA A 586 -7.72 -10.29 -10.40
CA ALA A 586 -7.26 -9.56 -11.57
C ALA A 586 -5.89 -10.01 -12.02
N VAL A 587 -5.00 -10.19 -11.07
CA VAL A 587 -3.62 -10.61 -11.34
C VAL A 587 -3.47 -12.11 -11.63
N SER A 588 -4.08 -12.93 -10.80
CA SER A 588 -3.88 -14.37 -10.86
C SER A 588 -4.90 -15.20 -11.67
N ASP A 589 -6.00 -14.61 -12.10
CA ASP A 589 -6.99 -15.47 -12.77
C ASP A 589 -6.57 -15.78 -14.20
N SER A 590 -7.00 -16.94 -14.67
CA SER A 590 -6.60 -17.47 -15.96
C SER A 590 -7.37 -16.81 -17.08
N ASN A 591 -8.63 -16.49 -16.79
CA ASN A 591 -9.57 -16.00 -17.79
C ASN A 591 -9.56 -14.48 -18.01
N ASP A 592 -9.56 -14.06 -19.27
CA ASP A 592 -9.39 -12.62 -19.56
C ASP A 592 -10.61 -11.79 -19.19
N ASP A 593 -11.78 -12.38 -19.37
CA ASP A 593 -13.03 -11.71 -19.07
C ASP A 593 -13.15 -11.56 -17.57
N VAL A 594 -12.82 -12.63 -16.86
CA VAL A 594 -12.86 -12.59 -15.41
C VAL A 594 -11.90 -11.55 -14.86
N ARG A 595 -10.75 -11.38 -15.50
CA ARG A 595 -9.79 -10.39 -15.02
C ARG A 595 -10.34 -9.00 -15.30
N ARG A 596 -11.06 -8.86 -16.40
CA ARG A 596 -11.66 -7.57 -16.71
C ARG A 596 -12.73 -7.22 -15.67
N ALA A 597 -13.61 -8.17 -15.38
CA ALA A 597 -14.65 -8.02 -14.37
C ALA A 597 -14.12 -7.73 -12.97
N ALA A 598 -12.94 -8.23 -12.64
CA ALA A 598 -12.45 -8.00 -11.30
C ALA A 598 -11.92 -6.61 -11.15
N VAL A 599 -11.35 -6.05 -12.21
CA VAL A 599 -10.86 -4.68 -12.14
C VAL A 599 -12.04 -3.71 -12.10
N ILE A 600 -13.02 -3.88 -12.98
CA ILE A 600 -14.24 -3.09 -12.96
C ILE A 600 -14.92 -3.07 -11.60
N ALA A 601 -15.03 -4.23 -10.96
CA ALA A 601 -15.62 -4.27 -9.63
C ALA A 601 -14.92 -3.34 -8.63
N LEU A 602 -13.65 -3.02 -8.87
CA LEU A 602 -12.94 -2.11 -7.96
C LEU A 602 -13.60 -0.74 -7.94
N GLY A 603 -14.07 -0.30 -9.11
CA GLY A 603 -14.79 0.96 -9.27
C GLY A 603 -15.99 1.07 -8.35
N PHE A 604 -16.77 -0.01 -8.24
CA PHE A 604 -17.91 -0.04 -7.33
C PHE A 604 -17.53 -0.07 -5.86
N VAL A 605 -16.68 -1.02 -5.48
CA VAL A 605 -16.23 -1.14 -4.11
C VAL A 605 -15.67 0.20 -3.65
N LEU A 606 -14.88 0.86 -4.49
CA LEU A 606 -14.28 2.14 -4.13
C LEU A 606 -15.01 3.41 -4.56
N LEU A 607 -16.24 3.31 -5.09
CA LEU A 607 -16.95 4.52 -5.55
C LEU A 607 -16.99 5.63 -4.50
N ARG A 608 -17.16 5.28 -3.23
CA ARG A 608 -17.06 6.30 -2.18
C ARG A 608 -15.67 6.92 -1.94
N ASP A 609 -14.59 6.14 -1.97
CA ASP A 609 -13.28 6.80 -1.94
C ASP A 609 -12.80 6.74 -3.35
N TYR A 610 -13.09 7.78 -4.09
CA TYR A 610 -12.88 7.68 -5.51
C TYR A 610 -11.52 8.30 -5.84
N THR A 611 -10.94 8.99 -4.87
CA THR A 611 -9.69 9.70 -5.11
C THR A 611 -8.52 8.73 -4.97
N THR A 612 -8.76 7.64 -4.25
CA THR A 612 -7.76 6.64 -4.12
C THR A 612 -7.75 5.78 -5.38
N VAL A 613 -8.83 5.79 -6.14
CA VAL A 613 -8.94 4.85 -7.25
C VAL A 613 -7.84 4.97 -8.31
N PRO A 614 -7.45 6.20 -8.67
CA PRO A 614 -6.43 6.28 -9.73
C PRO A 614 -5.06 5.77 -9.32
N ARG A 615 -4.73 5.78 -8.04
CA ARG A 615 -3.45 5.26 -7.59
C ARG A 615 -3.50 3.73 -7.45
N ILE A 616 -4.59 3.23 -6.91
CA ILE A 616 -4.79 1.80 -6.78
C ILE A 616 -4.81 1.07 -8.11
N VAL A 617 -5.37 1.68 -9.15
CA VAL A 617 -5.35 1.05 -10.47
C VAL A 617 -4.28 1.56 -11.44
N GLN A 618 -3.46 2.52 -11.03
CA GLN A 618 -2.48 3.08 -11.96
C GLN A 618 -1.59 2.00 -12.58
N LEU A 619 -0.99 1.16 -11.73
CA LEU A 619 -0.17 0.02 -12.17
C LEU A 619 -0.89 -0.95 -13.10
N LEU A 620 -2.07 -1.41 -12.71
CA LEU A 620 -2.87 -2.25 -13.56
C LEU A 620 -3.08 -1.63 -14.96
N SER A 621 -3.07 -0.32 -15.06
CA SER A 621 -3.32 0.32 -16.35
C SER A 621 -2.14 0.15 -17.30
N LYS A 622 -1.01 -0.21 -16.70
CA LYS A 622 0.24 -0.47 -17.42
C LYS A 622 0.44 -1.96 -17.76
N SER A 623 -0.47 -2.82 -17.27
CA SER A 623 -0.37 -4.25 -17.48
C SER A 623 -0.34 -4.58 -18.96
N HIS A 624 0.36 -5.66 -19.29
CA HIS A 624 0.50 -6.15 -20.66
C HIS A 624 -0.81 -6.77 -21.13
N ASN A 625 -1.64 -7.24 -20.19
CA ASN A 625 -2.92 -7.84 -20.56
C ASN A 625 -3.98 -6.78 -20.94
N ALA A 626 -4.51 -6.80 -22.15
CA ALA A 626 -5.42 -5.72 -22.58
C ALA A 626 -6.76 -5.77 -21.86
N HIS A 627 -7.25 -6.95 -21.54
CA HIS A 627 -8.47 -7.05 -20.75
C HIS A 627 -8.37 -6.36 -19.39
N VAL A 628 -7.20 -6.39 -18.78
CA VAL A 628 -7.00 -5.74 -17.50
C VAL A 628 -6.90 -4.25 -17.73
N ARG A 629 -6.09 -3.83 -18.69
CA ARG A 629 -6.01 -2.43 -19.05
C ARG A 629 -7.40 -1.80 -19.33
N CYS A 630 -8.27 -2.58 -19.96
CA CYS A 630 -9.58 -2.10 -20.34
C CYS A 630 -10.53 -2.06 -19.14
N GLY A 631 -10.47 -3.07 -18.27
CA GLY A 631 -11.22 -3.01 -17.04
C GLY A 631 -10.88 -1.83 -16.14
N THR A 632 -9.67 -1.28 -16.26
CA THR A 632 -9.32 -0.15 -15.41
C THR A 632 -9.82 1.19 -15.93
N ALA A 633 -9.98 1.32 -17.25
CA ALA A 633 -10.69 2.49 -17.78
C ALA A 633 -12.07 2.56 -17.13
N PHE A 634 -12.80 1.45 -17.18
CA PHE A 634 -14.10 1.33 -16.54
C PHE A 634 -14.12 1.48 -15.02
N ALA A 635 -13.14 0.95 -14.32
CA ALA A 635 -13.14 1.15 -12.87
C ALA A 635 -13.13 2.65 -12.60
N LEU A 636 -12.31 3.38 -13.34
CA LEU A 636 -12.21 4.83 -13.18
C LEU A 636 -13.51 5.52 -13.59
N GLY A 637 -14.05 5.14 -14.75
CA GLY A 637 -15.31 5.68 -15.20
C GLY A 637 -16.38 5.56 -14.14
N ILE A 638 -16.60 4.37 -13.64
CA ILE A 638 -17.60 4.14 -12.60
C ILE A 638 -17.38 4.95 -11.31
N ALA A 639 -16.20 4.82 -10.72
CA ALA A 639 -15.94 5.41 -9.41
C ALA A 639 -15.88 6.92 -9.47
N CYS A 640 -15.33 7.42 -10.57
CA CYS A 640 -15.13 8.85 -10.76
C CYS A 640 -16.23 9.54 -11.59
N ALA A 641 -17.34 8.83 -11.83
CA ALA A 641 -18.40 9.32 -12.71
C ALA A 641 -18.82 10.78 -12.51
N GLY A 642 -19.45 11.11 -11.40
CA GLY A 642 -19.97 12.46 -11.29
C GLY A 642 -18.83 13.46 -11.25
N LYS A 643 -17.73 13.00 -10.69
CA LYS A 643 -16.62 13.84 -10.30
C LYS A 643 -15.90 14.30 -11.53
N GLY A 644 -15.05 15.29 -11.41
CA GLY A 644 -14.30 15.75 -12.58
C GLY A 644 -12.82 15.39 -12.48
N LEU A 645 -12.51 14.37 -11.68
CA LEU A 645 -11.20 14.14 -11.10
C LEU A 645 -10.03 14.08 -12.08
N GLN A 646 -9.02 14.92 -11.84
CA GLN A 646 -7.92 15.05 -12.78
C GLN A 646 -6.96 13.84 -12.76
N SER A 647 -6.79 13.25 -11.60
CA SER A 647 -5.86 12.15 -11.50
C SER A 647 -6.39 10.96 -12.29
N ALA A 648 -7.70 10.83 -12.36
CA ALA A 648 -8.33 9.80 -13.18
C ALA A 648 -8.15 10.07 -14.67
N ILE A 649 -8.24 11.33 -15.05
CA ILE A 649 -8.03 11.70 -16.44
C ILE A 649 -6.61 11.43 -16.88
N ASP A 650 -5.65 11.72 -16.00
CA ASP A 650 -4.24 11.47 -16.34
C ASP A 650 -3.95 9.98 -16.63
N VAL A 651 -4.49 9.09 -15.80
CA VAL A 651 -4.42 7.65 -16.03
C VAL A 651 -5.08 7.24 -17.34
N LEU A 652 -6.29 7.74 -17.58
CA LEU A 652 -7.06 7.48 -18.81
C LEU A 652 -6.48 8.07 -20.08
N ASP A 653 -5.70 9.13 -19.98
CA ASP A 653 -5.17 9.77 -21.17
C ASP A 653 -4.39 8.80 -22.05
N PRO A 654 -3.34 8.17 -21.50
CA PRO A 654 -2.59 7.15 -22.23
C PRO A 654 -3.47 6.05 -22.82
N LEU A 655 -4.41 5.51 -22.07
CA LEU A 655 -5.27 4.46 -22.61
C LEU A 655 -6.05 4.82 -23.88
N THR A 656 -6.19 6.11 -24.18
CA THR A 656 -6.93 6.46 -25.39
C THR A 656 -6.03 6.22 -26.59
N LYS A 657 -4.72 6.25 -26.33
CA LYS A 657 -3.71 5.98 -27.35
C LYS A 657 -3.21 4.51 -27.39
N ASP A 658 -3.89 3.65 -26.64
CA ASP A 658 -3.54 2.24 -26.55
C ASP A 658 -3.55 1.55 -27.91
N PRO A 659 -2.67 0.56 -28.07
CA PRO A 659 -2.58 -0.29 -29.26
C PRO A 659 -3.85 -1.09 -29.49
N VAL A 660 -4.51 -1.53 -28.43
CA VAL A 660 -5.71 -2.36 -28.58
C VAL A 660 -7.01 -1.55 -28.70
N ASP A 661 -7.82 -1.88 -29.69
CA ASP A 661 -9.02 -1.10 -30.03
C ASP A 661 -10.01 -0.97 -28.88
N PHE A 662 -10.36 -2.09 -28.26
CA PHE A 662 -11.36 -2.08 -27.19
C PHE A 662 -10.85 -1.45 -25.90
N VAL A 663 -9.54 -1.26 -25.78
CA VAL A 663 -8.99 -0.47 -24.70
C VAL A 663 -9.17 1.03 -25.01
N ARG A 664 -8.91 1.43 -26.23
CA ARG A 664 -9.19 2.79 -26.63
C ARG A 664 -10.69 3.12 -26.42
N GLN A 665 -11.56 2.22 -26.85
CA GLN A 665 -13.01 2.34 -26.63
C GLN A 665 -13.45 2.58 -25.17
N ALA A 666 -12.99 1.74 -24.24
CA ALA A 666 -13.37 1.88 -22.83
C ALA A 666 -12.78 3.14 -22.25
N ALA A 667 -11.61 3.51 -22.70
CA ALA A 667 -10.98 4.71 -22.19
C ALA A 667 -11.84 5.94 -22.50
N ILE A 669 -15.27 6.18 -23.52
CA ILE A 669 -16.48 6.03 -22.74
C ILE A 669 -16.31 6.41 -21.26
N ALA A 670 -15.22 6.01 -20.62
CA ALA A 670 -14.97 6.32 -19.21
C ALA A 670 -14.70 7.82 -19.03
N LEU A 671 -13.89 8.38 -19.90
CA LEU A 671 -13.64 9.81 -19.90
C LEU A 671 -14.95 10.60 -19.99
N SER A 672 -15.85 10.13 -20.85
CA SER A 672 -17.12 10.81 -21.01
C SER A 672 -17.98 10.70 -19.74
N ILE A 674 -16.67 10.59 -16.70
CA ILE A 674 -15.98 11.36 -15.68
C ILE A 674 -16.21 12.83 -15.97
N LEU A 675 -16.27 13.15 -17.25
CA LEU A 675 -16.36 14.53 -17.68
C LEU A 675 -17.77 15.04 -18.02
N ILE A 676 -18.82 14.30 -17.69
CA ILE A 676 -20.16 14.69 -18.10
C ILE A 676 -20.51 16.10 -17.60
N GLN A 677 -20.96 16.95 -18.55
CA GLN A 677 -21.27 18.37 -18.32
C GLN A 677 -20.09 19.34 -18.21
N GLN A 678 -18.88 18.83 -18.04
CA GLN A 678 -17.71 19.70 -18.03
C GLN A 678 -17.57 20.40 -19.38
N THR A 679 -16.97 21.58 -19.35
CA THR A 679 -16.78 22.39 -20.56
C THR A 679 -15.40 22.99 -20.59
N GLU A 680 -15.01 23.45 -21.78
CA GLU A 680 -13.68 24.01 -22.00
C GLU A 680 -13.34 25.10 -21.00
N LYS A 681 -14.36 25.76 -20.46
CA LYS A 681 -14.15 26.86 -19.53
C LYS A 681 -13.79 26.31 -18.16
N LEU A 682 -14.45 25.21 -17.78
CA LEU A 682 -14.18 24.57 -16.50
C LEU A 682 -12.86 23.80 -16.51
N ASN A 683 -12.73 22.89 -17.47
CA ASN A 683 -11.51 22.14 -17.66
C ASN A 683 -10.96 22.33 -19.05
N PRO A 684 -9.85 23.06 -19.20
CA PRO A 684 -9.34 23.36 -20.54
C PRO A 684 -9.11 22.10 -21.40
N GLN A 685 -8.78 20.98 -20.75
CA GLN A 685 -8.46 19.73 -21.45
C GLN A 685 -9.64 19.12 -22.18
N VAL A 686 -10.84 19.51 -21.76
CA VAL A 686 -12.05 18.91 -22.28
C VAL A 686 -12.25 19.21 -23.77
N ALA A 687 -11.62 20.28 -24.25
CA ALA A 687 -11.72 20.62 -25.67
C ALA A 687 -11.04 19.55 -26.50
N ASP A 688 -9.81 19.22 -26.12
CA ASP A 688 -9.01 18.20 -26.80
C ASP A 688 -9.71 16.83 -26.75
N ILE A 689 -10.25 16.48 -25.59
CA ILE A 689 -11.00 15.23 -25.47
C ILE A 689 -12.20 15.16 -26.42
N ASN A 690 -13.01 16.22 -26.42
CA ASN A 690 -14.14 16.29 -27.35
C ASN A 690 -13.70 16.22 -28.81
N LYS A 691 -12.65 16.98 -29.15
CA LYS A 691 -12.13 16.98 -30.51
C LYS A 691 -11.77 15.56 -30.91
N ASN A 692 -11.12 14.86 -30.00
CA ASN A 692 -10.68 13.51 -30.27
C ASN A 692 -11.83 12.52 -30.50
N PHE A 693 -12.88 12.60 -29.70
CA PHE A 693 -14.05 11.77 -29.96
C PHE A 693 -14.40 11.92 -31.43
N LEU A 694 -14.31 13.14 -31.94
CA LEU A 694 -14.68 13.43 -33.32
C LEU A 694 -13.74 12.82 -34.37
N SER A 695 -12.44 13.07 -34.24
CA SER A 695 -11.44 12.54 -35.17
C SER A 695 -11.56 11.03 -35.35
N VAL A 696 -11.81 10.36 -34.24
CA VAL A 696 -12.00 8.91 -34.25
C VAL A 696 -13.21 8.49 -35.07
N ILE A 697 -14.29 9.26 -34.95
CA ILE A 697 -15.49 8.95 -35.73
C ILE A 697 -15.33 9.27 -37.21
N THR A 698 -14.65 10.37 -37.52
CA THR A 698 -14.44 10.79 -38.92
C THR A 698 -13.48 9.89 -39.70
N ASN A 699 -12.34 9.56 -39.10
CA ASN A 699 -11.30 8.78 -39.79
C ASN A 699 -11.80 7.41 -40.25
N LYS A 700 -11.45 7.05 -41.49
CA LYS A 700 -11.85 5.78 -42.10
C LYS A 700 -10.95 4.62 -41.69
N HIS A 701 -9.73 4.97 -41.30
CA HIS A 701 -8.72 3.98 -40.94
C HIS A 701 -8.87 3.46 -39.52
N GLN A 702 -9.48 4.28 -38.65
CA GLN A 702 -9.70 3.95 -37.25
C GLN A 702 -10.62 2.74 -37.09
N GLU A 703 -10.29 1.87 -36.13
CA GLU A 703 -11.01 0.60 -35.96
C GLU A 703 -12.50 0.75 -35.65
N GLY A 704 -13.30 -0.24 -36.04
CA GLY A 704 -14.72 -0.28 -35.74
C GLY A 704 -15.05 -0.12 -34.28
N LEU A 705 -14.24 -0.73 -33.42
CA LEU A 705 -14.50 -0.71 -31.97
C LEU A 705 -14.12 0.61 -31.31
N ALA A 706 -13.00 1.21 -31.72
CA ALA A 706 -12.67 2.54 -31.25
C ALA A 706 -13.80 3.56 -31.58
N LYS A 707 -14.38 3.44 -32.76
CA LYS A 707 -15.40 4.38 -33.23
C LYS A 707 -16.67 4.27 -32.42
N PHE A 708 -17.15 3.04 -32.28
CA PHE A 708 -18.38 2.81 -31.55
C PHE A 708 -18.26 3.38 -30.15
N GLY A 709 -17.03 3.36 -29.63
CA GLY A 709 -16.76 3.86 -28.30
C GLY A 709 -16.69 5.37 -28.27
N ALA A 710 -16.16 5.97 -29.34
CA ALA A 710 -16.11 7.43 -29.46
C ALA A 710 -17.49 7.99 -29.68
N CYS A 711 -18.27 7.32 -30.53
CA CYS A 711 -19.63 7.72 -30.79
C CYS A 711 -20.46 7.64 -29.53
N VAL A 712 -20.43 6.50 -28.86
CA VAL A 712 -21.18 6.38 -27.63
C VAL A 712 -20.69 7.41 -26.59
N ALA A 713 -19.40 7.73 -26.60
CA ALA A 713 -18.86 8.70 -25.66
C ALA A 713 -19.52 10.07 -25.85
N GLN A 714 -19.76 10.47 -27.08
CA GLN A 714 -20.40 11.75 -27.30
C GLN A 714 -21.79 11.78 -26.72
N GLY A 715 -22.54 10.71 -26.96
CA GLY A 715 -23.85 10.53 -26.37
C GLY A 715 -23.84 10.66 -24.85
N ILE A 716 -22.80 10.16 -24.19
CA ILE A 716 -22.73 10.21 -22.73
C ILE A 716 -22.32 11.60 -22.26
N ASN A 718 -22.73 14.40 -23.52
CA ASN A 718 -23.82 15.31 -23.81
C ASN A 718 -25.21 14.83 -23.38
N ALA A 719 -25.27 13.77 -22.59
CA ALA A 719 -26.54 13.09 -22.31
C ALA A 719 -27.59 14.01 -21.71
N GLY A 720 -28.85 13.68 -21.98
CA GLY A 720 -30.02 14.44 -21.55
C GLY A 720 -29.96 15.94 -21.87
N GLY A 721 -29.63 16.26 -23.11
CA GLY A 721 -29.48 17.64 -23.49
C GLY A 721 -28.62 18.45 -22.55
N ARG A 722 -27.58 17.81 -22.01
CA ARG A 722 -26.59 18.52 -21.18
C ARG A 722 -27.06 18.82 -19.74
N ASN A 723 -28.26 18.35 -19.44
CA ASN A 723 -28.88 18.63 -18.14
C ASN A 723 -28.85 17.51 -17.11
N VAL A 724 -28.18 16.41 -17.43
CA VAL A 724 -27.96 15.35 -16.43
C VAL A 724 -26.49 15.10 -16.07
N THR A 725 -26.31 14.49 -14.92
CA THR A 725 -25.01 14.02 -14.44
C THR A 725 -25.22 12.58 -13.99
N ILE A 726 -24.12 11.89 -13.73
CA ILE A 726 -24.16 10.57 -13.10
C ILE A 726 -23.63 10.73 -11.69
N GLN A 727 -24.41 10.35 -10.69
CA GLN A 727 -23.89 10.33 -9.34
C GLN A 727 -24.42 9.10 -8.64
N LEU A 728 -23.50 8.25 -8.16
CA LEU A 728 -23.92 7.00 -7.53
C LEU A 728 -24.30 7.20 -6.07
N GLU A 729 -23.67 8.18 -5.43
CA GLU A 729 -23.99 8.42 -4.03
C GLU A 729 -24.69 9.76 -3.86
N ASN A 730 -25.88 9.72 -3.26
CA ASN A 730 -26.67 10.91 -3.05
C ASN A 730 -25.91 11.92 -2.19
N ALA A 731 -25.82 13.16 -2.66
CA ALA A 731 -25.03 14.17 -1.96
C ALA A 731 -25.52 14.47 -0.54
N ASP A 732 -26.83 14.60 -0.35
CA ASP A 732 -27.37 14.89 0.97
C ASP A 732 -27.36 13.73 1.96
N THR A 733 -27.99 12.62 1.61
CA THR A 733 -28.08 11.48 2.55
C THR A 733 -26.79 10.71 2.72
N GLY A 734 -25.86 10.87 1.79
CA GLY A 734 -24.68 10.04 1.72
C GLY A 734 -25.04 8.61 1.31
N THR A 735 -26.33 8.34 1.13
CA THR A 735 -26.77 7.01 0.70
C THR A 735 -26.50 6.78 -0.78
N LEU A 736 -26.56 5.53 -1.17
CA LEU A 736 -26.20 5.14 -2.52
C LEU A 736 -27.43 5.08 -3.35
N ASP A 737 -27.36 5.59 -4.56
CA ASP A 737 -28.55 5.57 -5.39
C ASP A 737 -28.58 4.28 -6.17
N THR A 738 -29.49 3.42 -5.73
CA THR A 738 -29.64 2.09 -6.28
C THR A 738 -29.84 2.12 -7.78
N LYS A 739 -30.76 2.95 -8.22
CA LYS A 739 -31.10 3.06 -9.63
C LYS A 739 -29.86 3.32 -10.48
N SER A 740 -29.01 4.28 -10.07
CA SER A 740 -27.80 4.60 -10.82
C SER A 740 -26.74 3.50 -10.76
N VAL A 741 -26.59 2.87 -9.61
CA VAL A 741 -25.65 1.76 -9.52
C VAL A 741 -26.07 0.71 -10.53
N VAL A 742 -27.24 0.14 -10.34
CA VAL A 742 -27.75 -0.86 -11.28
C VAL A 742 -27.60 -0.40 -12.72
N GLY A 743 -27.84 0.88 -12.96
CA GLY A 743 -27.68 1.42 -14.28
C GLY A 743 -26.29 1.10 -14.79
N LEU A 744 -25.30 1.48 -14.00
CA LEU A 744 -23.90 1.28 -14.36
C LEU A 744 -23.44 -0.19 -14.43
N VAL A 745 -24.03 -1.07 -13.63
CA VAL A 745 -23.58 -2.45 -13.63
C VAL A 745 -24.10 -3.17 -14.86
N PHE A 747 -24.79 -1.54 -17.75
CA PHE A 747 -24.05 -0.89 -18.82
C PHE A 747 -22.73 -1.60 -19.04
N SER A 748 -22.10 -2.02 -17.94
CA SER A 748 -20.81 -2.71 -17.99
C SER A 748 -20.88 -4.09 -18.67
N GLN A 749 -22.07 -4.60 -18.88
CA GLN A 749 -22.26 -5.84 -19.60
C GLN A 749 -22.36 -5.63 -21.11
N PHE A 750 -22.35 -4.39 -21.60
CA PHE A 750 -22.64 -4.17 -23.01
C PHE A 750 -21.74 -4.96 -23.99
N TRP A 751 -20.48 -5.15 -23.65
CA TRP A 751 -19.60 -5.95 -24.50
C TRP A 751 -20.25 -7.27 -24.89
N TYR A 752 -20.92 -7.90 -23.94
CA TYR A 752 -21.57 -9.19 -24.18
C TYR A 752 -22.96 -9.09 -24.81
N TRP A 753 -23.72 -8.07 -24.45
CA TRP A 753 -25.02 -7.82 -25.08
C TRP A 753 -25.23 -6.32 -25.31
N PHE A 754 -25.31 -5.90 -26.57
CA PHE A 754 -25.37 -4.46 -26.85
C PHE A 754 -26.64 -3.77 -26.35
N PRO A 755 -27.80 -4.40 -26.54
CA PRO A 755 -29.03 -3.76 -26.06
C PRO A 755 -28.90 -3.32 -24.61
N LEU A 756 -28.13 -4.03 -23.80
CA LEU A 756 -28.00 -3.70 -22.37
C LEU A 756 -27.48 -2.28 -22.13
N ALA A 757 -26.81 -1.72 -23.13
CA ALA A 757 -26.28 -0.36 -23.09
C ALA A 757 -27.28 0.66 -22.57
N HIS A 758 -28.53 0.57 -23.02
CA HIS A 758 -29.54 1.56 -22.65
C HIS A 758 -29.74 1.66 -21.14
N PHE A 759 -29.25 0.68 -20.41
CA PHE A 759 -29.46 0.66 -18.97
C PHE A 759 -28.70 1.77 -18.31
N LEU A 760 -27.82 2.44 -19.04
CA LEU A 760 -27.07 3.54 -18.47
C LEU A 760 -28.03 4.67 -18.18
N SER A 761 -29.17 4.68 -18.87
CA SER A 761 -30.14 5.75 -18.69
C SER A 761 -30.63 5.86 -17.26
N LEU A 762 -30.63 4.77 -16.49
CA LEU A 762 -31.03 4.85 -15.09
C LEU A 762 -30.04 5.65 -14.26
N SER A 763 -28.86 5.91 -14.81
CA SER A 763 -27.84 6.54 -14.00
C SER A 763 -27.82 8.03 -14.25
N PHE A 764 -28.65 8.46 -15.19
CA PHE A 764 -28.74 9.87 -15.53
C PHE A 764 -29.63 10.59 -14.54
N THR A 765 -29.10 11.59 -13.84
CA THR A 765 -29.95 12.38 -12.97
C THR A 765 -29.87 13.87 -13.28
N PRO A 766 -31.02 14.53 -13.29
CA PRO A 766 -31.15 15.91 -13.78
C PRO A 766 -30.51 16.86 -12.78
N THR A 767 -29.78 17.86 -13.27
CA THR A 767 -29.07 18.74 -12.36
C THR A 767 -29.73 20.10 -12.30
N THR A 768 -30.48 20.33 -11.23
CA THR A 768 -31.24 21.54 -11.12
C THR A 768 -31.68 21.78 -9.69
N VAL A 769 -31.93 23.04 -9.37
CA VAL A 769 -32.61 23.41 -8.12
C VAL A 769 -34.02 23.87 -8.50
N ILE A 770 -35.02 23.20 -7.95
CA ILE A 770 -36.40 23.44 -8.32
C ILE A 770 -37.22 23.92 -7.14
N GLY A 771 -37.61 25.19 -7.15
CA GLY A 771 -38.46 25.77 -6.12
C GLY A 771 -39.91 25.38 -6.31
N ILE A 772 -40.59 25.08 -5.21
CA ILE A 772 -41.98 24.65 -5.23
C ILE A 772 -42.75 25.43 -4.18
N ARG A 773 -43.90 26.01 -4.52
CA ARG A 773 -44.71 26.63 -3.47
C ARG A 773 -45.41 25.52 -2.69
N GLY A 774 -45.18 25.49 -1.38
CA GLY A 774 -45.69 24.42 -0.55
C GLY A 774 -47.19 24.26 -0.56
N SER A 775 -47.92 25.38 -0.43
CA SER A 775 -49.39 25.38 -0.33
C SER A 775 -50.15 24.69 -1.48
N ASP A 776 -49.94 25.15 -2.71
CA ASP A 776 -50.56 24.53 -3.89
C ASP A 776 -49.67 23.56 -4.70
N GLN A 777 -48.41 23.42 -4.29
CA GLN A 777 -47.47 22.61 -5.04
C GLN A 777 -47.33 23.17 -6.44
N ALA A 778 -47.18 24.48 -6.55
CA ALA A 778 -47.02 25.11 -7.86
C ALA A 778 -45.63 25.72 -8.05
N ILE A 779 -45.17 25.78 -9.28
CA ILE A 779 -43.79 26.17 -9.52
C ILE A 779 -43.67 27.65 -9.87
N PRO A 780 -43.24 28.45 -8.91
CA PRO A 780 -43.09 29.90 -9.12
C PRO A 780 -41.87 30.24 -9.95
N LYS A 781 -41.93 31.29 -10.75
CA LYS A 781 -40.78 31.80 -11.47
C LYS A 781 -40.13 32.85 -10.59
N PHE A 782 -38.96 32.57 -10.03
CA PHE A 782 -38.21 33.60 -9.31
C PHE A 782 -36.75 33.46 -9.60
N GLN A 783 -35.92 34.29 -8.98
CA GLN A 783 -34.51 34.27 -9.27
C GLN A 783 -33.74 34.09 -8.00
N ASN A 785 -29.54 33.86 -6.29
CA ASN A 785 -28.20 34.34 -6.48
C ASN A 785 -27.15 33.24 -6.59
N CYS A 786 -26.24 33.39 -7.54
CA CYS A 786 -25.17 32.42 -7.70
C CYS A 786 -23.82 33.12 -7.62
N TYR A 787 -23.06 32.85 -6.56
CA TYR A 787 -21.83 33.60 -6.40
C TYR A 787 -20.76 32.83 -7.14
N ALA A 788 -20.41 33.37 -8.30
CA ALA A 788 -19.56 32.70 -9.28
C ALA A 788 -19.48 33.54 -10.54
N LYS A 789 -18.55 33.23 -11.42
CA LYS A 789 -18.48 33.95 -12.68
C LYS A 789 -19.48 33.36 -13.65
N GLU A 790 -20.26 34.23 -14.28
CA GLU A 790 -21.37 33.81 -15.13
C GLU A 790 -20.94 32.93 -16.31
N ASP A 791 -19.85 33.31 -16.97
CA ASP A 791 -19.37 32.54 -18.11
C ASP A 791 -19.07 31.08 -17.74
N ALA A 792 -18.79 30.84 -16.46
CA ALA A 792 -18.27 29.54 -16.01
C ALA A 792 -19.20 28.36 -16.32
N PHE A 793 -20.42 28.42 -15.81
CA PHE A 793 -21.30 27.26 -15.85
C PHE A 793 -22.19 27.17 -17.09
N SER A 794 -21.96 28.07 -18.02
CA SER A 794 -22.70 28.06 -19.27
C SER A 794 -22.49 26.76 -20.06
N TYR A 795 -23.47 26.43 -20.88
CA TYR A 795 -23.38 25.31 -21.81
C TYR A 795 -22.24 25.57 -22.79
N PRO A 796 -21.83 24.54 -23.53
CA PRO A 796 -20.73 24.69 -24.48
C PRO A 796 -21.16 25.37 -25.77
N ARG A 797 -20.25 26.14 -26.37
CA ARG A 797 -20.54 26.93 -27.57
C ARG A 797 -21.01 26.17 -28.82
N LYS A 871 -13.25 30.36 -9.10
CA LYS A 871 -14.63 30.09 -9.50
C LYS A 871 -15.64 30.97 -8.74
N TYR A 872 -15.44 31.08 -7.44
CA TYR A 872 -16.28 31.92 -6.60
C TYR A 872 -16.22 33.40 -6.98
N SER A 873 -17.37 34.08 -6.89
CA SER A 873 -17.43 35.52 -7.18
C SER A 873 -18.13 36.28 -6.05
N SER A 874 -17.53 37.39 -5.65
CA SER A 874 -18.12 38.26 -4.62
C SER A 874 -19.45 38.81 -5.09
N LYS A 875 -19.52 39.17 -6.37
CA LYS A 875 -20.77 39.66 -6.95
C LYS A 875 -21.51 38.49 -7.59
N PRO A 876 -22.68 38.16 -7.05
CA PRO A 876 -23.50 37.09 -7.58
C PRO A 876 -24.14 37.52 -8.88
N TYR A 877 -24.64 36.56 -9.64
CA TYR A 877 -25.49 36.81 -10.78
C TYR A 877 -26.78 36.04 -10.54
N LYS A 878 -27.83 36.35 -11.31
CA LYS A 878 -29.13 35.76 -11.07
C LYS A 878 -29.34 34.52 -11.91
N VAL A 879 -29.94 33.50 -11.32
CA VAL A 879 -30.29 32.31 -12.09
C VAL A 879 -31.76 32.02 -11.86
N ASP A 880 -32.44 31.61 -12.92
CA ASP A 880 -33.86 31.35 -12.82
C ASP A 880 -34.14 30.02 -12.16
N ASN A 881 -35.29 29.91 -11.52
CA ASN A 881 -35.77 28.66 -10.97
C ASN A 881 -35.90 27.68 -12.09
N THR A 883 -33.81 25.83 -13.66
CA THR A 883 -32.78 25.75 -14.69
C THR A 883 -31.52 25.01 -14.28
N ARG A 884 -30.69 24.65 -15.26
CA ARG A 884 -29.54 23.81 -15.00
C ARG A 884 -28.60 24.38 -13.96
N ILE A 885 -28.36 23.59 -12.92
CA ILE A 885 -27.39 23.99 -11.94
C ILE A 885 -26.44 22.83 -11.80
N LEU A 886 -25.19 23.03 -12.22
CA LEU A 886 -24.18 21.99 -12.14
C LEU A 886 -23.89 21.66 -10.69
N PRO A 887 -23.59 20.38 -10.42
CA PRO A 887 -23.30 19.89 -9.08
C PRO A 887 -22.18 20.66 -8.37
N GLN A 888 -21.10 20.92 -9.10
CA GLN A 888 -20.01 21.76 -8.58
C GLN A 888 -20.55 23.14 -8.20
N GLN A 889 -21.58 23.59 -8.92
CA GLN A 889 -22.15 24.92 -8.83
C GLN A 889 -23.13 25.14 -7.67
N SER A 890 -23.81 24.08 -7.24
CA SER A 890 -24.73 24.16 -6.11
C SER A 890 -24.19 24.87 -4.87
N ARG A 891 -22.89 24.77 -4.63
CA ARG A 891 -22.34 25.35 -3.41
C ARG A 891 -22.43 26.86 -3.49
N TYR A 892 -22.50 27.38 -4.71
CA TYR A 892 -22.51 28.83 -4.91
C TYR A 892 -23.92 29.46 -5.00
N ILE A 893 -24.97 28.63 -4.98
CA ILE A 893 -26.34 29.11 -5.09
C ILE A 893 -26.85 29.58 -3.75
N SER A 894 -27.52 30.73 -3.76
CA SER A 894 -28.14 31.29 -2.55
C SER A 894 -29.51 31.95 -2.79
N PHE A 895 -30.46 31.57 -1.95
CA PHE A 895 -31.76 32.21 -1.95
C PHE A 895 -31.65 33.64 -1.45
N ILE A 896 -32.31 34.56 -2.17
CA ILE A 896 -32.20 35.99 -1.90
C ILE A 896 -32.85 36.36 -0.58
N LYS A 897 -32.12 37.05 0.29
CA LYS A 897 -32.55 37.25 1.67
C LYS A 897 -33.91 37.96 1.80
N ASP A 898 -34.09 39.08 1.09
CA ASP A 898 -35.39 39.70 1.02
C ASP A 898 -36.00 39.41 -0.34
N ASP A 899 -36.94 38.48 -0.35
CA ASP A 899 -37.67 38.13 -1.56
C ASP A 899 -38.95 37.45 -1.15
N ARG A 900 -39.94 37.46 -2.03
CA ARG A 900 -41.22 36.87 -1.72
C ARG A 900 -41.12 35.42 -1.28
N PHE A 901 -40.18 34.69 -1.88
CA PHE A 901 -40.04 33.26 -1.63
C PHE A 901 -38.85 32.91 -0.73
N VAL A 902 -39.17 32.19 0.34
CA VAL A 902 -38.17 31.81 1.32
C VAL A 902 -38.33 30.30 1.56
N PRO A 903 -37.21 29.58 1.68
CA PRO A 903 -37.27 28.10 1.78
C PRO A 903 -37.77 27.62 3.13
N VAL A 904 -38.59 26.57 3.11
CA VAL A 904 -39.18 26.01 4.32
C VAL A 904 -38.09 25.79 5.37
N ARG A 905 -37.05 25.06 4.99
CA ARG A 905 -35.88 24.88 5.83
C ARG A 905 -34.64 25.44 5.14
N LYS A 906 -33.59 25.72 5.91
CA LYS A 906 -32.42 26.39 5.36
C LYS A 906 -31.88 25.62 4.17
N PHE A 907 -31.32 26.33 3.19
CA PHE A 907 -30.91 25.69 1.95
C PHE A 907 -29.69 24.78 2.11
N LYS A 908 -29.83 23.51 1.75
CA LYS A 908 -28.77 22.51 1.89
C LYS A 908 -27.48 22.86 1.11
N GLY A 909 -27.64 23.51 -0.04
CA GLY A 909 -26.54 23.84 -0.92
C GLY A 909 -26.40 22.93 -2.13
N ASN A 910 -27.38 22.07 -2.37
CA ASN A 910 -27.29 21.14 -3.47
C ASN A 910 -28.64 20.81 -4.15
N ASN A 911 -28.56 20.17 -5.31
CA ASN A 911 -29.72 19.94 -6.18
C ASN A 911 -30.92 19.17 -5.63
N GLY A 912 -32.09 19.49 -6.16
CA GLY A 912 -33.30 18.76 -5.87
C GLY A 912 -34.45 19.76 -5.77
N VAL A 913 -35.59 19.26 -5.34
CA VAL A 913 -36.74 20.09 -5.00
C VAL A 913 -36.59 20.77 -3.64
N VAL A 914 -36.76 22.09 -3.62
CA VAL A 914 -36.74 22.84 -2.36
C VAL A 914 -38.11 23.51 -2.13
N VAL A 915 -38.78 23.17 -1.04
CA VAL A 915 -40.10 23.69 -0.77
C VAL A 915 -40.09 25.10 -0.21
N LEU A 916 -40.79 25.99 -0.92
CA LEU A 916 -40.74 27.41 -0.64
C LEU A 916 -41.95 27.85 0.17
N ARG A 917 -41.75 28.87 1.00
CA ARG A 917 -42.85 29.53 1.69
C ARG A 917 -43.13 30.85 0.98
N ASP A 918 -44.40 31.14 0.70
CA ASP A 918 -44.76 32.39 0.01
C ASP A 918 -45.11 33.47 1.02
N ARG A 919 -44.34 34.55 1.02
CA ARG A 919 -44.61 35.63 1.96
C ARG A 919 -45.87 36.42 1.63
N GLU A 920 -46.17 36.54 0.35
CA GLU A 920 -47.34 37.30 -0.10
C GLU A 920 -48.19 36.48 -1.05
N PRO A 921 -49.04 35.60 -0.50
CA PRO A 921 -49.80 34.63 -1.30
C PRO A 921 -50.77 35.30 -2.27
N LYS A 922 -51.35 36.43 -1.88
CA LYS A 922 -52.37 37.08 -2.71
C LYS A 922 -51.75 37.46 -4.05
N GLU A 923 -50.51 37.94 -4.01
CA GLU A 923 -49.92 38.54 -5.20
C GLU A 923 -49.72 37.55 -6.33
N PRO A 924 -49.86 38.03 -7.57
CA PRO A 924 -49.68 37.12 -8.70
C PRO A 924 -48.21 36.83 -9.00
N VAL A 925 -47.94 35.57 -9.38
CA VAL A 925 -46.61 35.13 -9.80
C VAL A 925 -46.80 34.39 -11.08
N ALA A 926 -45.84 34.51 -11.98
CA ALA A 926 -45.80 33.63 -13.15
C ALA A 926 -45.50 32.20 -12.68
N LEU A 927 -46.14 31.23 -13.30
CA LEU A 927 -46.00 29.84 -12.92
C LEU A 927 -45.48 29.00 -14.08
N ILE A 928 -44.78 27.93 -13.75
CA ILE A 928 -44.23 27.05 -14.77
C ILE A 928 -45.22 25.92 -14.93
N GLU A 929 -45.65 25.71 -16.17
CA GLU A 929 -46.64 24.70 -16.46
C GLU A 929 -46.02 23.32 -16.61
N THR A 930 -46.48 22.40 -15.77
CA THR A 930 -46.05 21.02 -15.84
C THR A 930 -46.58 20.44 -17.14
N VAL A 931 -45.83 19.52 -17.74
CA VAL A 931 -46.24 18.93 -19.00
C VAL A 931 -47.56 18.20 -18.79
N ARG A 932 -47.69 17.56 -17.63
CA ARG A 932 -48.92 16.87 -17.25
C ARG A 932 -50.06 17.88 -17.13
N GLN A 933 -49.75 19.06 -16.65
CA GLN A 933 -50.75 20.11 -16.41
C GLN A 933 -51.47 20.53 -17.69
N LYS A 935 -52.21 18.77 -20.27
CA LYS A 935 -53.20 17.77 -20.61
C LYS A 935 -54.46 17.96 -19.77
N ASP A 936 -54.28 18.28 -18.50
CA ASP A 936 -55.39 18.50 -17.59
C ASP A 936 -55.05 18.08 -16.17
N ARG B 69 -9.57 46.67 5.15
CA ARG B 69 -9.21 45.68 4.15
C ARG B 69 -8.52 44.44 4.71
N GLU B 70 -7.83 44.60 5.84
CA GLU B 70 -7.18 43.46 6.48
C GLU B 70 -8.23 42.45 6.92
N ALA B 72 -11.09 42.17 5.50
CA ALA B 72 -11.74 41.70 4.29
C ALA B 72 -10.95 40.56 3.66
N ALA B 73 -9.65 40.75 3.54
CA ALA B 73 -8.78 39.68 3.07
C ALA B 73 -9.02 38.41 3.88
N LEU B 74 -9.11 38.59 5.20
CA LEU B 74 -9.43 37.54 6.17
C LEU B 74 -10.63 36.70 5.73
N ILE B 75 -11.77 37.37 5.61
CA ILE B 75 -13.05 36.72 5.30
C ILE B 75 -13.04 35.90 4.00
N ALA B 76 -12.30 36.37 3.00
CA ALA B 76 -12.10 35.62 1.76
C ALA B 76 -11.44 34.28 2.05
N SER B 77 -10.61 34.24 3.08
CA SER B 77 -9.92 33.02 3.46
C SER B 77 -10.84 31.90 3.96
N LYS B 78 -11.71 32.19 4.93
CA LYS B 78 -12.57 31.14 5.53
C LYS B 78 -13.66 30.70 4.57
N VAL B 79 -14.08 31.58 3.68
CA VAL B 79 -15.01 31.13 2.66
C VAL B 79 -14.27 30.13 1.77
N TYR B 80 -13.12 30.53 1.27
CA TYR B 80 -12.30 29.61 0.50
C TYR B 80 -11.97 28.33 1.28
N TYR B 81 -11.73 28.45 2.58
CA TYR B 81 -11.47 27.25 3.37
C TYR B 81 -12.69 26.35 3.39
N ASN B 82 -13.85 26.90 3.74
CA ASN B 82 -15.08 26.13 3.74
C ASN B 82 -15.39 25.64 2.34
N LEU B 83 -14.92 26.39 1.35
CA LEU B 83 -15.01 25.96 -0.04
C LEU B 83 -14.05 24.81 -0.30
N GLY B 84 -12.86 24.89 0.29
CA GLY B 84 -11.85 23.87 0.13
C GLY B 84 -10.76 24.17 -0.88
N GLU B 85 -10.61 25.42 -1.30
CA GLU B 85 -9.49 25.74 -2.15
C GLU B 85 -8.48 26.35 -1.22
N TYR B 86 -7.51 25.53 -0.85
CA TYR B 86 -6.60 25.89 0.21
C TYR B 86 -5.50 26.79 -0.32
N GLU B 87 -5.08 26.53 -1.55
CA GLU B 87 -4.09 27.37 -2.21
C GLU B 87 -4.55 28.83 -2.17
N SER B 88 -5.78 29.06 -2.63
CA SER B 88 -6.35 30.41 -2.61
C SER B 88 -6.54 30.91 -1.20
N ALA B 89 -7.09 30.05 -0.34
CA ALA B 89 -7.40 30.45 1.03
C ALA B 89 -6.20 31.03 1.74
N VAL B 90 -5.02 30.53 1.38
CA VAL B 90 -3.78 30.97 1.99
C VAL B 90 -3.41 32.39 1.54
N LYS B 91 -3.57 32.67 0.24
CA LYS B 91 -3.24 33.99 -0.28
C LYS B 91 -3.86 35.11 0.55
N TYR B 92 -5.13 34.93 0.92
CA TYR B 92 -5.83 35.95 1.71
C TYR B 92 -5.39 35.93 3.16
N ALA B 93 -5.18 34.75 3.71
CA ALA B 93 -4.66 34.61 5.06
C ALA B 93 -3.44 35.50 5.23
N LEU B 94 -2.52 35.43 4.27
CA LEU B 94 -1.29 36.22 4.30
C LEU B 94 -1.58 37.71 4.21
N ALA B 95 -2.62 38.06 3.46
CA ALA B 95 -3.04 39.44 3.34
C ALA B 95 -3.65 39.95 4.64
N ALA B 96 -4.28 39.04 5.39
CA ALA B 96 -4.89 39.40 6.66
C ALA B 96 -3.85 39.84 7.69
N LYS B 97 -2.60 39.46 7.47
CA LYS B 97 -1.51 39.78 8.41
C LYS B 97 -1.90 39.56 9.88
N ASP B 98 -1.74 40.61 10.68
CA ASP B 98 -2.02 40.53 12.13
C ASP B 98 -3.43 40.04 12.42
N ARG B 99 -4.37 40.34 11.51
CA ARG B 99 -5.77 39.96 11.65
C ARG B 99 -5.89 38.46 11.83
N PHE B 100 -5.00 37.74 11.17
CA PHE B 100 -4.97 36.29 11.30
C PHE B 100 -4.30 35.93 12.62
N ASP B 101 -5.00 35.14 13.44
CA ASP B 101 -4.45 34.76 14.73
C ASP B 101 -3.95 33.32 14.71
N ILE B 102 -2.63 33.18 14.86
CA ILE B 102 -2.00 31.88 14.94
C ILE B 102 -2.37 31.17 16.24
N ASP B 103 -2.35 31.92 17.34
CA ASP B 103 -2.67 31.37 18.65
C ASP B 103 -4.07 30.76 18.68
N GLU B 104 -4.97 31.30 17.86
CA GLU B 104 -6.34 30.79 17.79
C GLU B 104 -6.34 29.30 17.48
N LYS B 105 -7.20 28.56 18.17
CA LYS B 105 -7.27 27.11 18.04
C LYS B 105 -8.29 26.65 16.99
N SER B 106 -8.87 27.60 16.25
CA SER B 106 -9.88 27.30 15.24
C SER B 106 -9.40 26.24 14.25
N GLN B 107 -10.32 25.42 13.76
CA GLN B 107 -9.94 24.38 12.81
C GLN B 107 -9.52 24.99 11.48
N PHE B 108 -10.05 26.17 11.20
CA PHE B 108 -9.67 26.88 9.99
C PHE B 108 -8.21 27.29 10.05
N VAL B 109 -7.84 27.99 11.12
CA VAL B 109 -6.49 28.52 11.27
C VAL B 109 -5.41 27.43 11.21
N GLU B 110 -5.69 26.26 11.79
CA GLU B 110 -4.70 25.18 11.75
C GLU B 110 -4.53 24.61 10.35
N THR B 111 -5.64 24.51 9.63
CA THR B 111 -5.62 23.98 8.28
C THR B 111 -4.89 24.90 7.30
N ILE B 112 -5.01 26.21 7.51
CA ILE B 112 -4.36 27.17 6.63
C ILE B 112 -2.85 27.23 6.91
N VAL B 113 -2.47 27.05 8.17
CA VAL B 113 -1.05 27.07 8.56
C VAL B 113 -0.31 25.86 7.99
N SER B 114 -0.93 24.70 8.14
CA SER B 114 -0.40 23.48 7.56
C SER B 114 -0.15 23.66 6.07
N LYS B 115 -1.16 24.12 5.34
CA LYS B 115 -1.02 24.31 3.90
C LYS B 115 0.11 25.29 3.62
N SER B 116 0.11 26.42 4.33
CA SER B 116 1.08 27.47 4.08
C SER B 116 2.50 26.95 4.26
N ILE B 117 2.69 26.11 5.27
CA ILE B 117 3.99 25.48 5.49
C ILE B 117 4.40 24.65 4.29
N GLU B 118 3.50 23.76 3.87
CA GLU B 118 3.75 22.91 2.71
C GLU B 118 4.17 23.68 1.46
N TYR B 120 5.73 26.63 1.49
CA TYR B 120 7.06 27.17 1.72
C TYR B 120 8.12 26.09 1.47
N VAL B 121 7.84 24.86 1.90
CA VAL B 121 8.80 23.77 1.66
C VAL B 121 8.86 23.49 0.18
N GLN B 122 7.71 23.50 -0.49
CA GLN B 122 7.69 23.25 -1.92
C GLN B 122 8.49 24.35 -2.62
N GLU B 123 8.45 25.54 -2.06
CA GLU B 123 9.13 26.68 -2.67
C GLU B 123 10.61 26.66 -2.33
N ALA B 124 10.93 26.24 -1.11
CA ALA B 124 12.32 26.18 -0.64
C ALA B 124 13.11 25.10 -1.37
N SER B 125 12.48 23.96 -1.63
CA SER B 125 13.12 22.89 -2.38
C SER B 125 13.68 23.44 -3.68
N LYS B 126 12.83 24.11 -4.46
CA LYS B 126 13.27 24.66 -5.74
C LYS B 126 14.40 25.66 -5.53
N GLN B 127 14.29 26.49 -4.50
CA GLN B 127 15.26 27.55 -4.26
C GLN B 127 16.60 27.03 -3.76
N TYR B 128 16.56 25.99 -2.94
CA TYR B 128 17.76 25.45 -2.33
C TYR B 128 18.69 24.88 -3.39
N THR B 129 18.10 24.24 -4.39
CA THR B 129 18.85 23.78 -5.55
C THR B 129 19.71 24.89 -6.14
N LYS B 130 19.09 26.02 -6.45
CA LYS B 130 19.79 27.16 -7.05
C LYS B 130 20.74 27.82 -6.05
N ASP B 131 20.30 27.90 -4.81
CA ASP B 131 21.11 28.53 -3.78
C ASP B 131 20.87 27.90 -2.40
N GLU B 132 21.94 27.66 -1.67
CA GLU B 132 21.81 27.06 -0.34
C GLU B 132 21.73 28.18 0.68
N GLN B 133 21.99 29.39 0.22
CA GLN B 133 21.86 30.62 1.00
C GLN B 133 20.54 31.34 0.72
N PHE B 134 19.64 30.71 -0.04
CA PHE B 134 18.42 31.38 -0.50
C PHE B 134 17.70 32.15 0.61
N TYR B 135 17.67 31.59 1.82
CA TYR B 135 17.02 32.25 2.95
C TYR B 135 17.69 33.58 3.35
N THR B 136 18.86 33.85 2.80
CA THR B 136 19.56 35.10 3.09
C THR B 136 18.99 36.26 2.30
N LYS B 137 18.69 35.99 1.03
CA LYS B 137 18.07 36.96 0.15
C LYS B 137 16.58 36.96 0.47
N ASP B 138 15.80 37.83 -0.15
CA ASP B 138 14.36 37.55 -0.17
C ASP B 138 13.93 37.33 -1.60
N ILE B 139 13.92 36.08 -2.03
CA ILE B 139 13.31 35.70 -3.29
C ILE B 139 11.98 35.02 -3.05
N ILE B 140 11.68 34.78 -1.78
CA ILE B 140 10.41 34.17 -1.42
C ILE B 140 9.58 35.22 -0.70
N ASP B 141 8.26 35.15 -0.89
CA ASP B 141 7.34 36.12 -0.28
C ASP B 141 7.53 36.13 1.24
N PRO B 142 7.94 37.29 1.78
CA PRO B 142 8.29 37.46 3.19
C PRO B 142 7.14 37.07 4.12
N LYS B 143 5.90 37.25 3.64
CA LYS B 143 4.72 36.83 4.38
C LYS B 143 4.73 35.32 4.56
N LEU B 144 4.86 34.61 3.44
CA LEU B 144 4.91 33.15 3.46
C LEU B 144 6.06 32.62 4.33
N THR B 145 7.24 33.23 4.20
CA THR B 145 8.35 32.82 5.05
C THR B 145 8.06 33.22 6.49
N SER B 146 7.48 34.40 6.68
CA SER B 146 7.13 34.86 8.02
C SER B 146 6.22 33.88 8.75
N ILE B 147 5.10 33.52 8.11
CA ILE B 147 4.21 32.52 8.68
C ILE B 147 4.95 31.23 9.00
N PHE B 148 5.91 30.88 8.14
CA PHE B 148 6.71 29.68 8.30
C PHE B 148 7.57 29.77 9.57
N GLU B 149 8.40 30.81 9.65
CA GLU B 149 9.29 30.99 10.78
C GLU B 149 8.51 31.09 12.09
N ARG B 150 7.42 31.84 12.04
CA ARG B 150 6.60 32.04 13.21
C ARG B 150 6.06 30.72 13.71
N ILE B 152 7.48 27.80 13.45
CA ILE B 152 8.61 27.22 14.15
C ILE B 152 8.79 27.83 15.54
N GLU B 153 8.75 29.16 15.59
CA GLU B 153 8.88 29.87 16.85
C GLU B 153 7.82 29.40 17.84
N LYS B 154 6.62 29.15 17.33
CA LYS B 154 5.53 28.65 18.16
C LYS B 154 5.82 27.27 18.72
N CYS B 155 6.60 26.49 17.96
CA CYS B 155 6.93 25.13 18.37
C CYS B 155 8.03 25.14 19.42
N LEU B 156 8.81 26.22 19.43
CA LEU B 156 9.86 26.41 20.44
C LEU B 156 9.25 26.71 21.80
N LYS B 157 8.40 27.74 21.85
CA LYS B 157 7.63 28.00 23.05
C LYS B 157 6.91 26.70 23.43
N ALA B 158 6.35 26.04 22.43
CA ALA B 158 5.64 24.78 22.60
C ALA B 158 6.57 23.69 23.12
N SER B 159 7.86 23.97 23.05
CA SER B 159 8.88 23.04 23.55
C SER B 159 8.86 21.69 22.87
N GLU B 160 8.35 21.63 21.65
CA GLU B 160 8.54 20.44 20.84
C GLU B 160 9.60 20.75 19.79
N LEU B 161 10.81 20.26 20.02
CA LEU B 161 11.92 20.50 19.11
C LEU B 161 11.93 19.52 17.95
N LYS B 162 11.64 18.25 18.26
CA LYS B 162 11.60 17.22 17.23
C LYS B 162 10.66 17.61 16.10
N LEU B 163 9.51 18.19 16.46
CA LEU B 163 8.58 18.70 15.48
C LEU B 163 9.14 19.91 14.73
N ALA B 164 9.59 20.91 15.48
CA ALA B 164 10.16 22.12 14.88
C ALA B 164 11.39 21.84 14.01
N LEU B 165 12.21 20.88 14.42
CA LEU B 165 13.38 20.53 13.64
C LEU B 165 12.97 19.80 12.37
N GLY B 166 11.93 19.00 12.46
CA GLY B 166 11.38 18.32 11.29
C GLY B 166 10.86 19.34 10.29
N ILE B 167 10.27 20.41 10.79
CA ILE B 167 9.86 21.49 9.90
C ILE B 167 11.07 22.19 9.29
N ALA B 168 11.95 22.73 10.14
CA ALA B 168 13.15 23.41 9.65
C ALA B 168 13.79 22.53 8.59
N LEU B 169 13.80 21.22 8.86
CA LEU B 169 14.40 20.23 8.00
C LEU B 169 13.67 20.07 6.68
N GLU B 170 12.35 19.96 6.74
CA GLU B 170 11.54 19.90 5.54
C GLU B 170 11.76 21.19 4.76
N GLY B 171 11.96 22.27 5.50
CA GLY B 171 12.00 23.59 4.92
C GLY B 171 13.36 24.03 4.45
N TYR B 172 14.35 23.16 4.56
CA TYR B 172 15.65 23.46 3.99
C TYR B 172 16.43 24.52 4.79
N ARG B 173 15.87 24.93 5.91
CA ARG B 173 16.55 25.94 6.69
C ARG B 173 17.47 25.30 7.71
N LEU B 174 18.76 25.37 7.42
CA LEU B 174 19.79 24.76 8.25
C LEU B 174 20.12 25.70 9.40
N ASP B 175 20.03 27.00 9.14
CA ASP B 175 20.28 28.00 10.17
C ASP B 175 19.26 27.91 11.29
N ILE B 176 17.99 27.71 10.93
CA ILE B 176 16.94 27.59 11.93
C ILE B 176 17.24 26.41 12.84
N ILE B 177 17.59 25.28 12.23
CA ILE B 177 18.03 24.13 13.02
C ILE B 177 19.15 24.52 13.97
N GLU B 178 20.19 25.17 13.42
CA GLU B 178 21.37 25.57 14.19
C GLU B 178 21.05 26.52 15.33
N SER B 179 20.16 27.47 15.09
CA SER B 179 19.81 28.48 16.09
C SER B 179 19.00 27.86 17.21
N ALA B 180 18.19 26.86 16.86
CA ALA B 180 17.39 26.16 17.85
C ALA B 180 18.31 25.36 18.76
N LEU B 181 19.27 24.67 18.15
CA LEU B 181 20.19 23.82 18.87
C LEU B 181 21.04 24.55 19.91
N LYS B 182 21.60 25.70 19.53
CA LYS B 182 22.38 26.48 20.47
C LYS B 182 21.61 26.70 21.77
N SER B 183 20.28 26.86 21.66
CA SER B 183 19.43 27.01 22.83
C SER B 183 19.45 25.78 23.76
N LYS B 184 19.63 24.60 23.18
CA LYS B 184 19.67 23.37 23.98
C LYS B 184 21.00 23.18 24.72
N LEU B 185 22.03 23.91 24.32
CA LEU B 185 23.33 23.90 25.01
C LEU B 185 23.21 24.60 26.37
N ASP B 186 22.21 25.46 26.49
CA ASP B 186 21.90 26.15 27.74
C ASP B 186 21.37 25.17 28.78
N GLN B 187 20.66 24.14 28.33
CA GLN B 187 20.10 23.13 29.23
C GLN B 187 21.21 22.33 29.91
N ASP B 188 22.32 22.13 29.19
CA ASP B 188 23.53 21.52 29.76
C ASP B 188 23.49 19.99 29.91
N SER B 189 22.38 19.37 29.55
CA SER B 189 22.25 17.92 29.70
C SER B 189 22.76 17.23 28.44
N THR B 190 23.86 16.49 28.56
CA THR B 190 24.50 15.87 27.42
C THR B 190 23.68 14.71 26.86
N SER B 191 23.11 13.89 27.76
CA SER B 191 22.27 12.78 27.34
C SER B 191 21.10 13.31 26.52
N GLU B 192 20.49 14.38 27.00
CA GLU B 192 19.39 14.99 26.29
C GLU B 192 19.86 15.54 24.95
N ASN B 193 20.91 16.35 24.97
CA ASN B 193 21.46 16.92 23.75
C ASN B 193 21.88 15.86 22.73
N VAL B 194 22.42 14.75 23.22
CA VAL B 194 22.81 13.66 22.34
C VAL B 194 21.58 12.93 21.77
N LYS B 195 20.56 12.75 22.61
CA LYS B 195 19.33 12.07 22.19
C LYS B 195 18.69 12.78 21.00
N ILE B 196 18.63 14.11 21.06
CA ILE B 196 18.02 14.90 19.99
C ILE B 196 18.89 14.88 18.74
N ILE B 197 20.20 15.11 18.91
CA ILE B 197 21.11 15.09 17.78
C ILE B 197 21.03 13.74 17.09
N ASN B 198 20.95 12.68 17.88
CA ASN B 198 20.74 11.37 17.30
C ASN B 198 19.43 11.34 16.52
N TYR B 199 18.33 11.68 17.18
CA TYR B 199 17.05 11.71 16.51
C TYR B 199 17.14 12.53 15.23
N LEU B 200 17.78 13.68 15.30
CA LEU B 200 17.97 14.51 14.13
C LEU B 200 18.72 13.74 13.04
N LEU B 201 19.90 13.22 13.38
CA LEU B 201 20.70 12.46 12.42
C LEU B 201 19.90 11.32 11.80
N THR B 202 19.09 10.64 12.62
CA THR B 202 18.23 9.57 12.13
C THR B 202 17.16 10.15 11.19
N LEU B 203 16.47 11.18 11.65
CA LEU B 203 15.45 11.84 10.84
C LEU B 203 16.03 12.31 9.52
N ALA B 204 17.16 13.01 9.59
CA ALA B 204 17.77 13.63 8.42
C ALA B 204 18.16 12.60 7.36
N ILE B 205 18.76 11.51 7.78
CA ILE B 205 19.23 10.47 6.89
C ILE B 205 18.09 9.63 6.34
N THR B 206 17.01 9.55 7.12
CA THR B 206 15.81 8.83 6.72
C THR B 206 14.95 9.59 5.70
N THR B 207 14.61 10.84 6.03
CA THR B 207 13.68 11.62 5.23
C THR B 207 14.25 12.67 4.26
N VAL B 208 15.56 12.90 4.25
CA VAL B 208 16.08 13.96 3.37
C VAL B 208 16.44 13.47 1.98
N THR B 209 15.83 14.07 0.96
CA THR B 209 16.05 13.62 -0.41
C THR B 209 17.15 14.40 -1.13
N ASN B 210 17.67 15.46 -0.51
CA ASN B 210 18.75 16.23 -1.13
C ASN B 210 20.09 15.89 -0.51
N SER B 211 21.04 15.45 -1.34
CA SER B 211 22.33 14.98 -0.87
C SER B 211 23.17 16.10 -0.28
N LYS B 212 23.22 17.23 -0.95
CA LYS B 212 24.05 18.33 -0.48
C LYS B 212 23.54 18.77 0.86
N PHE B 213 22.21 18.79 1.00
CA PHE B 213 21.60 19.17 2.25
C PHE B 213 21.84 18.10 3.32
N ARG B 214 21.52 16.86 3.00
CA ARG B 214 21.73 15.76 3.94
C ARG B 214 23.15 15.79 4.50
N SER B 215 24.14 15.97 3.64
CA SER B 215 25.52 16.00 4.10
C SER B 215 25.76 17.21 5.02
N SER B 216 25.25 18.37 4.62
CA SER B 216 25.33 19.57 5.44
C SER B 216 24.83 19.35 6.87
N ILE B 217 23.74 18.60 7.00
CA ILE B 217 23.13 18.36 8.29
C ILE B 217 24.08 17.56 9.14
N LEU B 218 24.59 16.47 8.57
CA LEU B 218 25.51 15.59 9.25
C LEU B 218 26.73 16.33 9.80
N ARG B 219 27.41 17.07 8.93
CA ARG B 219 28.60 17.80 9.34
C ARG B 219 28.30 18.75 10.48
N LYS B 220 27.13 19.38 10.43
CA LYS B 220 26.74 20.30 11.50
C LYS B 220 26.53 19.55 12.82
N SER B 221 25.83 18.41 12.76
CA SER B 221 25.66 17.56 13.93
C SER B 221 27.02 17.19 14.50
N PHE B 222 27.94 16.83 13.61
CA PHE B 222 29.29 16.43 13.97
C PHE B 222 29.98 17.49 14.78
N ASP B 223 29.89 18.73 14.30
CA ASP B 223 30.55 19.86 14.96
C ASP B 223 29.96 20.13 16.34
N PHE B 224 28.63 20.05 16.46
CA PHE B 224 28.01 20.17 17.76
C PHE B 224 28.48 19.06 18.71
N LEU B 225 28.56 17.83 18.20
CA LEU B 225 29.01 16.70 19.01
C LEU B 225 30.40 16.90 19.59
N ASN B 227 32.01 19.81 20.13
CA ASN B 227 32.11 20.93 21.06
C ASN B 227 31.61 20.63 22.47
N PRO B 229 31.23 19.10 26.12
CA PRO B 229 32.25 18.61 27.06
C PRO B 229 32.25 17.08 27.12
N ASN B 230 31.06 16.51 27.24
CA ASN B 230 30.90 15.07 27.21
C ASN B 230 30.32 14.69 25.86
N CYS B 231 30.99 13.77 25.17
CA CYS B 231 30.50 13.35 23.87
C CYS B 231 30.43 11.83 23.71
N ASP B 232 29.52 11.42 22.83
CA ASP B 232 29.29 10.03 22.50
C ASP B 232 30.02 9.78 21.19
N TYR B 233 31.04 8.93 21.25
CA TYR B 233 31.88 8.64 20.08
C TYR B 233 31.24 7.63 19.10
N LEU B 234 30.40 6.73 19.60
CA LEU B 234 29.71 5.76 18.75
C LEU B 234 28.81 6.46 17.72
N THR B 235 28.29 7.63 18.12
CA THR B 235 27.46 8.44 17.24
C THR B 235 28.33 9.09 16.18
N LEU B 236 29.47 9.62 16.60
CA LEU B 236 30.43 10.23 15.69
C LEU B 236 30.87 9.21 14.65
N ASN B 237 31.08 7.97 15.09
CA ASN B 237 31.38 6.90 14.16
C ASN B 237 30.30 6.89 13.09
N LYS B 238 29.05 6.89 13.54
CA LYS B 238 27.92 6.88 12.64
C LYS B 238 28.05 7.93 11.54
N VAL B 239 28.35 9.15 11.93
CA VAL B 239 28.52 10.23 10.96
C VAL B 239 29.63 9.91 9.96
N VAL B 240 30.81 9.55 10.47
CA VAL B 240 31.96 9.31 9.60
C VAL B 240 31.68 8.28 8.52
N VAL B 241 31.09 7.16 8.89
CA VAL B 241 30.83 6.09 7.94
C VAL B 241 29.89 6.55 6.83
N ASN B 242 28.84 7.29 7.20
CA ASN B 242 27.84 7.75 6.24
C ASN B 242 28.46 8.71 5.23
N LEU B 243 29.18 9.69 5.73
CA LEU B 243 29.89 10.65 4.89
C LEU B 243 31.06 10.00 4.16
N ASN B 244 31.55 8.91 4.71
CA ASN B 244 32.77 8.30 4.21
C ASN B 244 33.84 9.36 3.99
N ASP B 245 34.06 10.20 4.99
CA ASP B 245 35.05 11.27 4.89
C ASP B 245 36.21 11.02 5.85
N ALA B 246 37.41 10.89 5.28
CA ALA B 246 38.60 10.60 6.05
C ALA B 246 39.06 11.77 6.94
N GLY B 247 38.75 12.99 6.51
CA GLY B 247 39.10 14.20 7.26
C GLY B 247 38.38 14.26 8.59
N LEU B 248 37.13 13.78 8.62
CA LEU B 248 36.37 13.74 9.86
C LEU B 248 36.89 12.64 10.77
N ALA B 249 37.22 11.51 10.19
CA ALA B 249 37.82 10.41 10.94
C ALA B 249 39.01 10.93 11.73
N LEU B 250 39.94 11.53 10.99
CA LEU B 250 41.17 12.06 11.59
C LEU B 250 40.86 12.95 12.78
N GLN B 251 40.03 13.97 12.55
CA GLN B 251 39.63 14.89 13.61
C GLN B 251 39.04 14.14 14.79
N LEU B 252 38.26 13.11 14.50
CA LEU B 252 37.69 12.28 15.55
C LEU B 252 38.79 11.62 16.39
N PHE B 253 39.88 11.19 15.76
CA PHE B 253 40.96 10.56 16.51
C PHE B 253 41.82 11.53 17.33
N LYS B 254 42.04 12.72 16.81
CA LYS B 254 42.83 13.72 17.54
C LYS B 254 42.19 14.05 18.89
N LYS B 255 40.87 14.12 18.92
CA LYS B 255 40.14 14.32 20.17
C LYS B 255 40.30 13.07 21.05
N LEU B 256 40.30 11.90 20.41
CA LEU B 256 40.50 10.66 21.13
C LEU B 256 41.88 10.64 21.77
N LYS B 257 42.83 11.33 21.14
CA LYS B 257 44.19 11.36 21.64
C LYS B 257 44.30 12.04 23.01
N GLU B 258 43.71 13.23 23.15
CA GLU B 258 43.77 13.98 24.40
C GLU B 258 42.87 13.40 25.51
N GLU B 259 42.08 12.39 25.16
CA GLU B 259 41.32 11.67 26.17
C GLU B 259 42.24 10.78 26.97
N ASN B 260 43.32 10.35 26.32
CA ASN B 260 44.32 9.48 26.94
C ASN B 260 43.70 8.26 27.61
N ASP B 261 42.69 7.71 26.96
CA ASP B 261 42.09 6.48 27.42
C ASP B 261 42.45 5.42 26.40
N GLU B 262 43.16 4.38 26.82
CA GLU B 262 43.46 3.27 25.92
C GLU B 262 42.15 2.56 25.53
N GLY B 263 41.37 2.19 26.53
CA GLY B 263 40.18 1.39 26.31
C GLY B 263 39.27 2.01 25.29
N LEU B 264 38.92 3.27 25.52
CA LEU B 264 37.97 3.95 24.66
C LEU B 264 38.50 4.05 23.23
N SER B 265 39.72 4.54 23.08
CA SER B 265 40.27 4.79 21.74
C SER B 265 40.35 3.49 20.95
N ALA B 266 40.51 2.38 21.67
CA ALA B 266 40.60 1.08 21.03
C ALA B 266 39.22 0.56 20.66
N GLN B 267 38.25 0.79 21.54
CA GLN B 267 36.87 0.36 21.30
C GLN B 267 36.33 0.99 20.02
N ILE B 268 36.43 2.31 19.90
CA ILE B 268 35.91 2.97 18.70
C ILE B 268 36.69 2.59 17.44
N ALA B 269 37.99 2.39 17.56
CA ALA B 269 38.79 1.98 16.41
C ALA B 269 38.41 0.56 15.98
N PHE B 270 37.84 -0.21 16.90
CA PHE B 270 37.33 -1.53 16.57
C PHE B 270 36.01 -1.41 15.82
N ASP B 271 35.14 -0.53 16.30
CA ASP B 271 33.86 -0.29 15.65
C ASP B 271 34.06 0.29 14.25
N LEU B 272 34.96 1.25 14.15
CA LEU B 272 35.23 1.89 12.88
C LEU B 272 35.76 0.91 11.83
N VAL B 273 36.44 -0.15 12.27
CA VAL B 273 37.11 -1.05 11.33
C VAL B 273 36.13 -1.98 10.62
N SER B 274 35.05 -2.34 11.30
CA SER B 274 34.02 -3.15 10.67
C SER B 274 33.12 -2.30 9.76
N SER B 275 32.68 -1.16 10.24
CA SER B 275 31.76 -0.31 9.48
C SER B 275 32.44 0.43 8.30
N ALA B 276 33.58 1.05 8.56
CA ALA B 276 34.20 1.95 7.58
C ALA B 276 34.70 1.26 6.33
N SER B 277 34.77 2.03 5.26
CA SER B 277 35.19 1.54 3.95
C SER B 277 36.70 1.27 3.91
N GLN B 278 37.15 0.53 2.89
CA GLN B 278 38.58 0.34 2.70
C GLN B 278 39.26 1.68 2.40
N GLN B 279 38.80 2.38 1.36
CA GLN B 279 39.44 3.65 0.99
C GLN B 279 39.64 4.62 2.16
N LEU B 280 38.65 4.70 3.04
CA LEU B 280 38.75 5.57 4.20
C LEU B 280 39.86 5.11 5.16
N LEU B 281 39.84 3.83 5.54
CA LEU B 281 40.89 3.32 6.44
C LEU B 281 42.31 3.55 5.90
N GLU B 282 42.49 3.38 4.60
CA GLU B 282 43.79 3.64 3.96
C GLU B 282 44.28 5.07 4.19
N ILE B 283 43.44 6.05 3.87
CA ILE B 283 43.76 7.45 4.07
C ILE B 283 44.06 7.69 5.55
N LEU B 284 43.29 7.02 6.40
CA LEU B 284 43.38 7.19 7.85
C LEU B 284 44.67 6.68 8.48
N VAL B 285 45.11 5.48 8.11
CA VAL B 285 46.37 4.98 8.65
C VAL B 285 47.53 5.78 8.10
N THR B 286 47.50 6.11 6.82
CA THR B 286 48.58 6.87 6.19
C THR B 286 48.83 8.20 6.91
N GLU B 287 47.75 8.87 7.31
CA GLU B 287 47.91 10.14 8.01
C GLU B 287 48.33 9.96 9.47
N LEU B 288 48.06 8.79 10.04
CA LEU B 288 48.45 8.53 11.41
C LEU B 288 49.85 7.92 11.53
N THR B 289 50.40 7.44 10.41
CA THR B 289 51.80 7.00 10.41
C THR B 289 52.68 8.24 10.35
N ALA B 290 52.37 9.16 9.44
CA ALA B 290 53.16 10.36 9.26
C ALA B 290 53.25 11.22 10.52
N GLN B 291 52.13 11.31 11.26
CA GLN B 291 52.15 12.00 12.54
C GLN B 291 52.21 10.95 13.64
N GLY B 292 53.04 11.18 14.66
CA GLY B 292 53.22 10.20 15.69
C GLY B 292 51.89 9.78 16.26
N TYR B 293 51.66 8.47 16.26
CA TYR B 293 50.41 7.94 16.79
C TYR B 293 50.59 6.54 17.33
N ASP B 294 49.80 6.20 18.35
CA ASP B 294 49.94 4.92 19.06
C ASP B 294 50.02 3.75 18.07
N PRO B 295 51.04 2.89 18.23
CA PRO B 295 51.28 1.75 17.35
C PRO B 295 50.20 0.68 17.46
N ALA B 296 49.62 0.54 18.64
CA ALA B 296 48.54 -0.42 18.84
C ALA B 296 47.30 -0.04 18.02
N LEU B 297 46.98 1.25 17.99
CA LEU B 297 45.81 1.69 17.22
C LEU B 297 45.96 1.42 15.74
N LEU B 298 47.14 1.71 15.16
CA LEU B 298 47.33 1.51 13.73
C LEU B 298 47.14 0.02 13.36
N ASN B 299 47.42 -0.86 14.32
CA ASN B 299 47.26 -2.31 14.14
C ASN B 299 45.78 -2.70 14.13
N ILE B 300 45.02 -2.14 15.06
CA ILE B 300 43.57 -2.32 15.06
C ILE B 300 42.99 -1.87 13.71
N LEU B 301 43.29 -0.63 13.33
CA LEU B 301 42.81 -0.05 12.07
C LEU B 301 43.12 -0.93 10.87
N SER B 302 44.29 -1.56 10.87
CA SER B 302 44.67 -2.42 9.77
C SER B 302 43.74 -3.63 9.63
N GLY B 303 42.99 -3.91 10.71
CA GLY B 303 42.02 -4.99 10.71
C GLY B 303 42.57 -6.40 10.70
N LEU B 304 43.89 -6.56 10.82
CA LEU B 304 44.42 -7.90 10.96
C LEU B 304 43.96 -8.51 12.27
N PRO B 305 43.94 -7.70 13.35
CA PRO B 305 43.49 -8.27 14.61
C PRO B 305 42.10 -8.84 14.45
N THR B 306 41.21 -8.04 13.87
CA THR B 306 39.81 -8.40 13.75
C THR B 306 39.65 -9.65 12.90
N CYS B 307 40.36 -9.71 11.78
CA CYS B 307 40.32 -10.89 10.90
C CYS B 307 40.77 -12.11 11.67
N ASP B 308 41.83 -11.93 12.46
CA ASP B 308 42.41 -12.99 13.27
C ASP B 308 41.42 -13.49 14.31
N TYR B 309 40.71 -12.57 14.96
CA TYR B 309 39.73 -12.97 15.97
C TYR B 309 38.59 -13.76 15.33
N TYR B 310 38.13 -13.30 14.18
CA TYR B 310 37.06 -14.00 13.50
C TYR B 310 37.49 -15.37 12.96
N ASN B 311 38.67 -15.43 12.33
CA ASN B 311 39.17 -16.71 11.88
C ASN B 311 39.26 -17.71 13.01
N THR B 312 39.70 -17.24 14.17
CA THR B 312 39.75 -18.09 15.33
C THR B 312 38.35 -18.54 15.75
N PHE B 313 37.45 -17.57 15.95
CA PHE B 313 36.09 -17.88 16.35
C PHE B 313 35.43 -18.88 15.40
N LEU B 314 35.57 -18.67 14.10
CA LEU B 314 34.95 -19.56 13.11
C LEU B 314 35.56 -20.95 13.07
N LEU B 315 36.88 -21.02 13.27
CA LEU B 315 37.56 -22.31 13.30
C LEU B 315 37.20 -23.13 14.52
N ASN B 316 37.26 -22.54 15.70
CA ASN B 316 37.09 -23.34 16.92
C ASN B 316 35.66 -23.79 17.17
N ASN B 317 34.71 -22.96 16.75
CA ASN B 317 33.31 -23.21 17.06
C ASN B 317 32.49 -23.87 15.96
N LYS B 318 33.13 -24.13 14.83
CA LYS B 318 32.42 -24.58 13.64
C LYS B 318 31.55 -25.82 13.89
N ASN B 319 30.29 -25.70 13.52
CA ASN B 319 29.33 -26.79 13.66
C ASN B 319 28.86 -27.19 12.26
N ILE B 320 29.21 -28.40 11.85
CA ILE B 320 29.02 -28.82 10.48
C ILE B 320 28.40 -30.19 10.38
N ASP B 321 27.50 -30.35 9.40
CA ASP B 321 26.89 -31.63 9.10
C ASP B 321 27.32 -32.07 7.69
N ILE B 322 28.18 -33.07 7.62
CA ILE B 322 28.75 -33.49 6.35
C ILE B 322 27.75 -34.32 5.57
N GLY B 323 26.90 -35.03 6.30
CA GLY B 323 25.83 -35.79 5.67
C GLY B 323 25.12 -34.96 4.62
N LEU B 324 24.85 -33.69 4.92
CA LEU B 324 24.20 -32.80 3.95
C LEU B 324 25.04 -32.58 2.68
N LEU B 325 26.36 -32.44 2.80
CA LEU B 325 27.18 -32.39 1.58
C LEU B 325 27.29 -33.77 0.94
N ASN B 326 27.33 -34.81 1.76
CA ASN B 326 27.49 -36.15 1.20
C ASN B 326 26.30 -36.62 0.40
N LYS B 327 25.09 -36.35 0.89
CA LYS B 327 23.92 -36.70 0.09
C LYS B 327 23.86 -35.87 -1.21
N SER B 328 24.36 -34.64 -1.13
CA SER B 328 24.37 -33.77 -2.27
C SER B 328 25.35 -34.26 -3.32
N LYS B 329 26.58 -34.54 -2.89
CA LYS B 329 27.62 -35.09 -3.78
C LYS B 329 27.21 -36.47 -4.34
N SER B 330 26.54 -37.25 -3.50
CA SER B 330 26.04 -38.53 -3.93
C SER B 330 24.95 -38.37 -4.99
N SER B 331 24.01 -37.46 -4.75
CA SER B 331 22.81 -37.35 -5.58
C SER B 331 22.93 -36.42 -6.78
N LEU B 332 23.92 -35.55 -6.80
CA LEU B 332 24.08 -34.66 -7.94
C LEU B 332 25.46 -34.89 -8.50
N ASP B 333 25.51 -35.50 -9.68
CA ASP B 333 26.75 -36.00 -10.27
C ASP B 333 27.69 -34.89 -10.68
N GLY B 334 28.89 -34.89 -10.13
CA GLY B 334 29.87 -33.87 -10.42
C GLY B 334 30.36 -33.89 -11.84
N LYS B 335 29.94 -34.90 -12.60
CA LYS B 335 30.29 -35.02 -14.02
C LYS B 335 29.76 -33.79 -14.76
N PHE B 336 28.55 -33.36 -14.36
CA PHE B 336 27.89 -32.18 -14.95
C PHE B 336 28.39 -30.94 -14.29
N SER B 337 28.94 -30.03 -15.08
CA SER B 337 29.50 -28.82 -14.51
C SER B 337 28.52 -28.07 -13.57
N LEU B 338 27.23 -28.28 -13.79
CA LEU B 338 26.19 -27.61 -13.01
C LEU B 338 26.05 -28.16 -11.60
N PHE B 339 26.00 -29.48 -11.44
CA PHE B 339 25.89 -30.08 -10.12
C PHE B 339 27.18 -30.00 -9.35
N HIS B 340 28.28 -30.07 -10.06
CA HIS B 340 29.55 -29.82 -9.42
C HIS B 340 29.55 -28.43 -8.80
N THR B 341 29.13 -27.41 -9.56
CA THR B 341 29.10 -26.05 -9.04
C THR B 341 28.18 -25.94 -7.83
N ALA B 342 27.06 -26.64 -7.89
CA ALA B 342 26.15 -26.68 -6.77
C ALA B 342 26.90 -27.09 -5.51
N VAL B 343 27.58 -28.23 -5.58
CA VAL B 343 28.19 -28.78 -4.39
C VAL B 343 29.43 -27.97 -4.00
N SER B 344 30.20 -27.59 -5.01
CA SER B 344 31.36 -26.72 -4.84
C SER B 344 30.98 -25.47 -4.03
N VAL B 345 29.86 -24.85 -4.38
CA VAL B 345 29.44 -23.60 -3.77
C VAL B 345 28.79 -23.81 -2.41
N ALA B 346 27.94 -24.83 -2.32
CA ALA B 346 27.42 -25.25 -1.02
C ALA B 346 28.55 -25.47 -0.05
N ASN B 347 29.55 -26.25 -0.46
CA ASN B 347 30.67 -26.59 0.41
C ASN B 347 31.35 -25.36 0.99
N GLY B 348 31.88 -24.50 0.11
CA GLY B 348 32.47 -23.24 0.51
C GLY B 348 31.60 -22.39 1.43
N PHE B 349 30.28 -22.40 1.22
CA PHE B 349 29.40 -21.71 2.15
C PHE B 349 29.50 -22.33 3.53
N HIS B 351 31.62 -23.95 4.97
CA HIS B 351 32.94 -23.88 5.59
C HIS B 351 33.53 -22.50 5.60
N ALA B 352 32.74 -21.52 5.16
CA ALA B 352 33.25 -20.15 4.93
C ALA B 352 33.89 -19.54 6.15
N GLY B 353 35.08 -18.96 5.95
CA GLY B 353 35.85 -18.34 7.01
C GLY B 353 36.46 -19.27 8.06
N THR B 354 36.05 -20.56 8.04
CA THR B 354 36.56 -21.56 8.98
C THR B 354 37.97 -22.01 8.69
N THR B 355 38.45 -21.79 7.48
CA THR B 355 39.78 -22.27 7.08
C THR B 355 39.93 -23.79 6.96
N ASP B 356 38.86 -24.54 7.21
CA ASP B 356 38.86 -26.01 7.13
C ASP B 356 38.57 -26.53 5.72
N ASN B 357 39.59 -27.12 5.10
CA ASN B 357 39.49 -27.72 3.75
C ASN B 357 39.27 -29.25 3.68
N SER B 358 38.93 -29.84 4.81
CA SER B 358 38.73 -31.27 4.95
C SER B 358 37.85 -32.01 3.94
N PHE B 359 36.69 -31.46 3.59
CA PHE B 359 35.77 -32.13 2.67
C PHE B 359 36.41 -32.43 1.28
N ILE B 360 37.11 -31.44 0.74
CA ILE B 360 37.81 -31.60 -0.52
C ILE B 360 39.00 -32.54 -0.39
N LYS B 361 39.77 -32.38 0.68
CA LYS B 361 40.88 -33.30 0.93
C LYS B 361 40.34 -34.73 0.93
N ALA B 362 39.16 -34.92 1.52
CA ALA B 362 38.53 -36.23 1.53
C ALA B 362 37.91 -36.68 0.22
N ASN B 363 37.49 -35.78 -0.67
CA ASN B 363 37.20 -36.25 -2.02
C ASN B 363 38.01 -35.59 -3.11
N LEU B 364 39.20 -36.11 -3.35
CA LEU B 364 39.94 -35.69 -4.52
C LEU B 364 39.35 -36.22 -5.82
N PRO B 365 38.82 -37.45 -5.81
CA PRO B 365 38.27 -37.95 -7.08
C PRO B 365 37.14 -37.07 -7.60
N TRP B 366 36.22 -36.68 -6.71
CA TRP B 366 35.12 -35.76 -7.05
C TRP B 366 35.65 -34.40 -7.49
N LEU B 367 36.60 -33.85 -6.76
CA LEU B 367 37.19 -32.61 -7.23
C LEU B 367 37.69 -32.75 -8.65
N GLY B 368 38.04 -34.00 -9.02
CA GLY B 368 38.62 -34.31 -10.32
C GLY B 368 37.63 -34.43 -11.46
N LYS B 369 36.38 -34.76 -11.12
CA LYS B 369 35.29 -34.80 -12.10
C LYS B 369 34.97 -33.45 -12.75
N ALA B 370 35.23 -32.35 -12.06
CA ALA B 370 34.90 -31.01 -12.55
C ALA B 370 35.52 -30.74 -13.89
N GLN B 371 34.75 -30.12 -14.78
CA GLN B 371 35.31 -29.68 -16.06
C GLN B 371 35.07 -28.22 -16.37
N ASN B 372 35.97 -27.64 -17.14
CA ASN B 372 35.92 -26.23 -17.47
C ASN B 372 35.66 -25.38 -16.25
N TRP B 373 34.61 -24.56 -16.33
CA TRP B 373 34.39 -23.51 -15.35
C TRP B 373 34.10 -24.05 -13.97
N ALA B 374 33.54 -25.26 -13.89
CA ALA B 374 33.33 -25.83 -12.57
C ALA B 374 34.67 -25.98 -11.84
N LYS B 375 35.75 -26.17 -12.61
CA LYS B 375 37.09 -26.17 -12.06
C LYS B 375 37.49 -24.81 -11.50
N PHE B 376 37.11 -23.76 -12.20
CA PHE B 376 37.36 -22.38 -11.78
C PHE B 376 36.65 -22.16 -10.47
N THR B 377 35.36 -22.47 -10.44
CA THR B 377 34.58 -22.30 -9.23
C THR B 377 35.11 -23.12 -8.06
N ALA B 378 35.39 -24.40 -8.27
CA ALA B 378 35.89 -25.23 -7.16
C ALA B 378 37.22 -24.72 -6.58
N THR B 379 38.15 -24.34 -7.45
CA THR B 379 39.39 -23.70 -7.00
C THR B 379 39.12 -22.43 -6.21
N ALA B 380 38.34 -21.52 -6.75
CA ALA B 380 38.04 -20.29 -6.02
C ALA B 380 37.30 -20.52 -4.70
N SER B 381 36.58 -21.64 -4.55
CA SER B 381 35.87 -21.91 -3.29
C SER B 381 36.86 -22.02 -2.12
N LEU B 382 38.12 -22.30 -2.43
CA LEU B 382 39.17 -22.27 -1.40
C LEU B 382 39.16 -20.92 -0.70
N GLY B 383 39.16 -19.83 -1.48
CA GLY B 383 39.19 -18.48 -0.93
C GLY B 383 37.98 -18.09 -0.09
N VAL B 384 36.88 -18.81 -0.23
CA VAL B 384 35.70 -18.59 0.59
C VAL B 384 35.88 -19.26 1.95
N ILE B 385 36.41 -20.47 1.92
CA ILE B 385 36.77 -21.20 3.14
C ILE B 385 37.85 -20.44 3.90
N HIS B 386 38.77 -19.83 3.18
CA HIS B 386 39.88 -19.08 3.75
C HIS B 386 39.64 -17.59 3.87
N LYS B 387 38.40 -17.16 3.69
CA LYS B 387 38.11 -15.73 3.77
C LYS B 387 38.72 -15.17 5.04
N GLY B 388 39.46 -14.08 4.87
CA GLY B 388 39.98 -13.33 5.99
C GLY B 388 41.27 -13.85 6.59
N ASN B 389 41.87 -14.87 5.97
CA ASN B 389 43.07 -15.42 6.57
C ASN B 389 44.23 -14.75 5.84
N LEU B 390 44.67 -13.63 6.40
CA LEU B 390 45.53 -12.70 5.70
C LEU B 390 47.00 -13.10 5.81
N LEU B 391 47.35 -13.73 6.93
CA LEU B 391 48.72 -14.14 7.14
C LEU B 391 49.07 -15.32 6.23
N GLU B 392 48.24 -16.36 6.27
CA GLU B 392 48.51 -17.61 5.55
C GLU B 392 47.82 -17.77 4.17
N GLY B 393 47.06 -16.77 3.74
CA GLY B 393 46.31 -16.87 2.50
C GLY B 393 47.10 -17.13 1.22
N LYS B 394 48.07 -16.27 0.93
CA LYS B 394 48.90 -16.45 -0.26
C LYS B 394 49.50 -17.87 -0.32
N LYS B 395 49.87 -18.41 0.84
CA LYS B 395 50.49 -19.73 0.90
C LYS B 395 49.50 -20.84 0.57
N VAL B 396 48.24 -20.67 0.92
CA VAL B 396 47.22 -21.68 0.64
C VAL B 396 46.99 -21.85 -0.85
N ALA B 398 49.22 -21.07 -3.27
CA ALA B 398 50.49 -21.34 -3.96
C ALA B 398 50.46 -22.56 -4.88
N PRO B 399 49.86 -23.69 -4.42
CA PRO B 399 49.71 -24.90 -5.25
C PRO B 399 48.95 -24.64 -6.55
N TYR B 400 47.95 -23.74 -6.50
CA TYR B 400 47.13 -23.43 -7.67
C TYR B 400 47.47 -22.16 -8.43
N LEU B 401 48.42 -21.38 -7.93
CA LEU B 401 48.75 -20.10 -8.57
C LEU B 401 49.41 -20.32 -9.93
N PRO B 402 49.55 -19.23 -10.72
CA PRO B 402 50.34 -19.28 -11.95
C PRO B 402 51.80 -19.59 -11.65
N GLY B 403 52.54 -20.02 -12.65
CA GLY B 403 53.93 -20.42 -12.44
C GLY B 403 54.00 -21.51 -11.40
N SER B 404 53.02 -22.41 -11.42
CA SER B 404 52.94 -23.47 -10.44
C SER B 404 52.70 -24.83 -11.10
N ARG B 405 52.43 -25.83 -10.29
CA ARG B 405 52.27 -27.20 -10.76
C ARG B 405 51.02 -27.36 -11.61
N ALA B 406 49.97 -26.63 -11.25
CA ALA B 406 48.62 -26.78 -11.82
C ALA B 406 48.53 -26.47 -13.32
N SER B 407 48.01 -27.43 -14.10
CA SER B 407 48.08 -27.32 -15.57
C SER B 407 46.83 -26.82 -16.31
N SER B 408 45.73 -26.56 -15.59
CA SER B 408 44.49 -26.07 -16.21
C SER B 408 44.33 -24.56 -16.11
N ARG B 409 43.96 -23.92 -17.21
CA ARG B 409 43.80 -22.48 -17.22
C ARG B 409 42.69 -22.12 -16.23
N PHE B 410 41.70 -23.01 -16.10
CA PHE B 410 40.62 -22.83 -15.14
C PHE B 410 41.05 -22.76 -13.67
N ILE B 411 42.00 -23.60 -13.29
CA ILE B 411 42.53 -23.61 -11.92
C ILE B 411 43.39 -22.39 -11.65
N LYS B 412 44.23 -22.04 -12.60
CA LYS B 412 45.09 -20.87 -12.45
C LYS B 412 44.25 -19.61 -12.33
N GLY B 413 43.19 -19.50 -13.13
CA GLY B 413 42.26 -18.38 -13.05
C GLY B 413 41.53 -18.35 -11.72
N GLY B 414 40.86 -19.44 -11.37
CA GLY B 414 40.09 -19.52 -10.16
C GLY B 414 40.90 -19.33 -8.88
N SER B 415 42.21 -19.39 -9.02
CA SER B 415 43.07 -19.19 -7.85
C SER B 415 43.25 -17.71 -7.61
N LEU B 416 43.30 -16.95 -8.70
CA LEU B 416 43.40 -15.50 -8.60
C LEU B 416 42.10 -14.92 -8.04
N TYR B 417 40.99 -15.49 -8.49
CA TYR B 417 39.68 -15.12 -8.00
C TYR B 417 39.59 -15.52 -6.53
N GLY B 418 39.86 -16.79 -6.23
CA GLY B 418 39.82 -17.26 -4.85
C GLY B 418 40.78 -16.53 -3.92
N LEU B 419 41.79 -15.90 -4.51
CA LEU B 419 42.74 -15.09 -3.77
C LEU B 419 42.09 -13.78 -3.33
N GLY B 420 41.37 -13.14 -4.25
CA GLY B 420 40.63 -11.94 -3.92
C GLY B 420 39.55 -12.16 -2.87
N LEU B 421 39.02 -13.39 -2.81
CA LEU B 421 37.96 -13.70 -1.84
C LEU B 421 38.54 -13.73 -0.44
N ILE B 422 39.79 -14.18 -0.32
CA ILE B 422 40.44 -14.24 0.97
C ILE B 422 40.78 -12.86 1.49
N TYR B 423 41.31 -12.04 0.57
CA TYR B 423 41.83 -10.72 0.87
C TYR B 423 40.85 -9.57 0.68
N ALA B 424 39.57 -9.89 0.46
CA ALA B 424 38.58 -8.85 0.19
C ALA B 424 38.57 -7.81 1.30
N GLY B 425 38.72 -6.55 0.91
CA GLY B 425 38.74 -5.45 1.86
C GLY B 425 40.05 -5.29 2.59
N PHE B 426 41.08 -5.98 2.14
CA PHE B 426 42.40 -5.96 2.80
C PHE B 426 43.51 -6.32 1.82
N GLY B 427 44.70 -6.56 2.34
CA GLY B 427 45.77 -7.07 1.51
C GLY B 427 46.04 -6.17 0.33
N ARG B 428 46.42 -4.93 0.59
CA ARG B 428 46.81 -4.01 -0.48
C ARG B 428 48.03 -4.55 -1.23
N ASP B 429 48.72 -5.53 -0.65
CA ASP B 429 49.84 -6.18 -1.34
C ASP B 429 49.32 -7.22 -2.35
N THR B 430 48.22 -7.88 -1.99
CA THR B 430 47.54 -8.78 -2.89
C THR B 430 47.02 -8.05 -4.12
N THR B 431 46.66 -6.79 -3.95
CA THR B 431 46.25 -5.97 -5.09
C THR B 431 47.43 -5.76 -6.05
N ASP B 432 48.60 -5.44 -5.51
CA ASP B 432 49.78 -5.23 -6.35
C ASP B 432 50.20 -6.48 -7.11
N TYR B 433 50.00 -7.62 -6.46
CA TYR B 433 50.30 -8.89 -7.11
C TYR B 433 49.38 -9.08 -8.30
N LEU B 434 48.08 -9.02 -8.04
CA LEU B 434 47.09 -9.16 -9.10
C LEU B 434 47.29 -8.07 -10.16
N LYS B 435 47.57 -6.84 -9.74
CA LYS B 435 47.72 -5.74 -10.68
C LYS B 435 48.79 -6.05 -11.70
N ASN B 436 49.89 -6.61 -11.23
CA ASN B 436 51.03 -6.88 -12.08
C ASN B 436 50.75 -7.98 -13.13
N ILE B 437 49.97 -8.97 -12.73
CA ILE B 437 49.55 -10.05 -13.63
C ILE B 437 48.66 -9.54 -14.75
N ILE B 438 47.85 -8.55 -14.43
CA ILE B 438 46.94 -7.97 -15.41
C ILE B 438 47.68 -7.17 -16.48
N VAL B 439 48.68 -6.40 -16.08
CA VAL B 439 49.36 -5.52 -17.02
C VAL B 439 50.19 -6.30 -18.01
N GLU B 440 50.72 -7.42 -17.57
CA GLU B 440 51.58 -8.25 -18.42
C GLU B 440 50.79 -8.99 -19.49
N ASN B 441 49.64 -9.53 -19.13
CA ASN B 441 48.82 -10.24 -20.10
C ASN B 441 47.72 -9.42 -20.77
N SER B 442 47.53 -8.18 -20.34
CA SER B 442 46.43 -7.37 -20.87
C SER B 442 46.61 -7.12 -22.38
N GLY B 443 47.86 -6.99 -22.80
CA GLY B 443 48.16 -6.78 -24.21
C GLY B 443 47.90 -8.01 -25.06
N THR B 444 47.95 -9.18 -24.45
CA THR B 444 47.89 -10.45 -25.17
C THR B 444 46.49 -10.86 -25.60
N SER B 445 46.29 -10.98 -26.90
CA SER B 445 44.99 -11.32 -27.45
C SER B 445 45.06 -12.65 -28.18
N GLY B 446 43.97 -13.41 -28.12
CA GLY B 446 43.83 -14.62 -28.90
C GLY B 446 44.15 -15.90 -28.16
N ASP B 447 44.62 -15.79 -26.92
CA ASP B 447 45.03 -16.95 -26.12
C ASP B 447 43.98 -17.32 -25.07
N GLU B 448 43.31 -18.44 -25.26
CA GLU B 448 42.30 -18.94 -24.32
C GLU B 448 42.85 -19.14 -22.90
N ASP B 449 44.16 -19.32 -22.77
CA ASP B 449 44.74 -19.52 -21.45
C ASP B 449 44.86 -18.18 -20.71
N VAL B 450 45.24 -17.14 -21.44
CA VAL B 450 45.31 -15.79 -20.90
C VAL B 450 43.93 -15.24 -20.57
N ASP B 451 42.96 -15.55 -21.41
CA ASP B 451 41.58 -15.13 -21.19
C ASP B 451 41.06 -15.62 -19.85
N VAL B 452 41.07 -16.93 -19.61
CA VAL B 452 40.61 -17.46 -18.33
C VAL B 452 41.45 -16.97 -17.15
N LEU B 453 42.66 -16.54 -17.42
CA LEU B 453 43.52 -16.06 -16.36
C LEU B 453 43.13 -14.65 -15.97
N LEU B 454 42.91 -13.81 -16.97
CA LEU B 454 42.47 -12.43 -16.74
C LEU B 454 41.06 -12.31 -16.16
N HIS B 455 40.20 -13.28 -16.47
CA HIS B 455 38.86 -13.32 -15.89
C HIS B 455 38.96 -13.45 -14.38
N GLY B 456 39.74 -14.42 -13.92
CA GLY B 456 39.89 -14.69 -12.50
C GLY B 456 40.63 -13.58 -11.80
N ALA B 457 41.60 -12.99 -12.49
CA ALA B 457 42.38 -11.88 -11.92
C ALA B 457 41.52 -10.65 -11.73
N SER B 458 40.61 -10.43 -12.68
CA SER B 458 39.71 -9.30 -12.64
C SER B 458 38.70 -9.46 -11.51
N LEU B 459 38.10 -10.63 -11.37
CA LEU B 459 37.24 -10.87 -10.23
C LEU B 459 38.03 -10.72 -8.93
N GLY B 460 39.22 -11.30 -8.92
CA GLY B 460 40.04 -11.20 -7.74
C GLY B 460 40.40 -9.77 -7.36
N ILE B 461 40.83 -8.98 -8.34
CA ILE B 461 41.28 -7.62 -8.03
C ILE B 461 40.14 -6.73 -7.63
N GLY B 462 38.98 -6.97 -8.22
CA GLY B 462 37.79 -6.21 -7.88
C GLY B 462 37.47 -6.43 -6.42
N LEU B 463 37.73 -7.64 -5.93
CA LEU B 463 37.47 -7.99 -4.56
C LEU B 463 38.53 -7.43 -3.63
N ALA B 464 39.76 -7.36 -4.11
CA ALA B 464 40.85 -6.88 -3.26
C ALA B 464 40.86 -5.37 -3.18
N ALA B 465 40.60 -4.73 -4.31
CA ALA B 465 40.63 -3.26 -4.45
C ALA B 465 39.29 -2.57 -4.21
N GLY B 467 36.78 -1.19 -2.05
CA GLY B 467 36.53 0.14 -1.53
C GLY B 467 37.50 1.17 -2.12
N SER B 468 38.63 0.68 -2.61
CA SER B 468 39.80 1.51 -2.87
C SER B 468 39.59 2.74 -3.75
N ALA B 469 38.79 2.61 -4.80
CA ALA B 469 38.70 3.69 -5.79
C ALA B 469 40.05 4.04 -6.40
N ASN B 470 40.94 3.05 -6.51
CA ASN B 470 42.28 3.25 -7.05
C ASN B 470 42.34 3.36 -8.58
N ILE B 471 42.92 4.45 -9.08
CA ILE B 471 42.93 4.73 -10.52
C ILE B 471 43.74 3.77 -11.39
N GLU B 472 44.81 3.23 -10.85
CA GLU B 472 45.67 2.35 -11.62
C GLU B 472 44.97 1.02 -11.92
N VAL B 473 44.45 0.37 -10.89
CA VAL B 473 43.78 -0.93 -11.06
C VAL B 473 42.63 -0.80 -12.06
N TYR B 474 41.87 0.29 -11.92
CA TYR B 474 40.80 0.57 -12.86
C TYR B 474 41.33 0.65 -14.28
N GLU B 475 42.38 1.42 -14.48
CA GLU B 475 42.98 1.57 -15.81
C GLU B 475 43.51 0.23 -16.34
N ALA B 476 44.09 -0.58 -15.46
CA ALA B 476 44.53 -1.91 -15.84
C ALA B 476 43.37 -2.74 -16.32
N LEU B 477 42.32 -2.83 -15.51
CA LEU B 477 41.09 -3.54 -15.91
C LEU B 477 40.52 -3.03 -17.24
N LYS B 478 40.62 -1.73 -17.48
CA LYS B 478 40.04 -1.17 -18.69
C LYS B 478 40.73 -1.74 -19.91
N GLU B 479 42.01 -2.05 -19.77
CA GLU B 479 42.78 -2.55 -20.90
C GLU B 479 42.32 -3.96 -21.24
N VAL B 480 41.89 -4.70 -20.23
CA VAL B 480 41.31 -6.02 -20.43
C VAL B 480 39.96 -5.93 -21.11
N LEU B 481 39.17 -4.94 -20.71
CA LEU B 481 37.86 -4.75 -21.31
C LEU B 481 38.01 -4.42 -22.79
N TYR B 482 38.95 -3.52 -23.10
CA TYR B 482 39.12 -3.05 -24.47
C TYR B 482 39.54 -4.16 -25.42
N ASN B 483 39.99 -5.27 -24.86
CA ASN B 483 40.37 -6.45 -25.64
C ASN B 483 39.14 -7.13 -26.24
N ASP B 484 37.97 -6.83 -25.70
CA ASP B 484 36.71 -7.32 -26.24
C ASP B 484 36.45 -8.80 -26.09
N SER B 485 37.34 -9.51 -25.41
CA SER B 485 37.13 -10.94 -25.21
C SER B 485 35.94 -11.23 -24.32
N ALA B 486 35.05 -12.10 -24.80
CA ALA B 486 33.90 -12.56 -24.02
C ALA B 486 34.33 -13.23 -22.72
N THR B 487 35.48 -13.90 -22.76
CA THR B 487 35.93 -14.72 -21.65
C THR B 487 36.40 -13.91 -20.45
N SER B 488 37.20 -12.87 -20.70
CA SER B 488 37.64 -11.97 -19.63
C SER B 488 36.77 -10.73 -19.47
N GLY B 489 35.95 -10.44 -20.46
CA GLY B 489 35.36 -9.10 -20.59
C GLY B 489 34.33 -8.69 -19.55
N GLU B 490 33.48 -9.64 -19.16
CA GLU B 490 32.47 -9.41 -18.15
C GLU B 490 33.11 -9.24 -16.78
N ALA B 491 34.07 -10.10 -16.47
CA ALA B 491 34.77 -10.04 -15.19
C ALA B 491 35.49 -8.71 -15.05
N ALA B 492 36.09 -8.25 -16.14
CA ALA B 492 36.79 -6.97 -16.10
C ALA B 492 35.86 -5.81 -15.74
N ALA B 493 34.65 -5.82 -16.31
CA ALA B 493 33.67 -4.79 -16.01
C ALA B 493 33.23 -4.78 -14.54
N LEU B 494 32.86 -5.95 -14.03
CA LEU B 494 32.55 -6.06 -12.61
C LEU B 494 33.70 -5.57 -11.75
N GLY B 495 34.93 -5.83 -12.19
CA GLY B 495 36.09 -5.42 -11.42
C GLY B 495 36.21 -3.92 -11.34
N GLY B 497 33.76 -1.78 -11.66
CA GLY B 497 32.69 -1.36 -10.78
C GLY B 497 33.03 -1.56 -9.32
N LEU B 498 33.65 -2.68 -9.01
CA LEU B 498 33.95 -3.01 -7.62
C LEU B 498 35.03 -2.09 -7.12
N CYS B 499 36.03 -1.89 -7.96
CA CYS B 499 37.10 -0.96 -7.66
C CYS B 499 36.53 0.44 -7.44
N LEU B 501 33.48 1.34 -6.68
CA LEU B 501 32.23 1.29 -5.93
C LEU B 501 31.94 2.59 -5.21
N GLY B 502 30.73 3.10 -5.42
CA GLY B 502 30.19 4.24 -4.71
C GLY B 502 30.60 5.62 -5.22
N THR B 503 31.69 5.67 -5.99
CA THR B 503 32.33 6.93 -6.34
C THR B 503 31.53 7.81 -7.27
N GLY B 504 30.58 7.21 -7.99
CA GLY B 504 29.85 7.92 -9.02
C GLY B 504 30.78 8.66 -9.96
N LYS B 505 31.99 8.14 -10.15
CA LYS B 505 32.99 8.83 -10.97
C LYS B 505 32.56 8.94 -12.43
N PRO B 506 32.37 10.19 -12.91
CA PRO B 506 31.81 10.48 -14.24
C PRO B 506 32.66 9.91 -15.36
N GLU B 507 33.97 9.98 -15.23
CA GLU B 507 34.82 9.47 -16.31
C GLU B 507 34.53 8.00 -16.49
N ALA B 508 34.53 7.27 -15.38
CA ALA B 508 34.26 5.84 -15.40
C ALA B 508 32.93 5.59 -16.07
N ILE B 509 31.88 6.17 -15.49
CA ILE B 509 30.53 6.04 -15.99
C ILE B 509 30.41 6.27 -17.51
N HIS B 510 31.03 7.33 -18.01
CA HIS B 510 31.01 7.59 -19.45
C HIS B 510 31.69 6.45 -20.22
N ASP B 511 32.90 6.10 -19.79
CA ASP B 511 33.70 5.05 -20.42
C ASP B 511 32.95 3.72 -20.54
N PHE B 513 29.50 3.12 -19.97
CA PHE B 513 28.24 3.23 -20.68
C PHE B 513 28.43 3.17 -22.20
N THR B 514 29.40 3.93 -22.73
CA THR B 514 29.52 3.94 -24.19
C THR B 514 30.03 2.61 -24.71
N TYR B 515 30.97 2.01 -24.00
CA TYR B 515 31.52 0.75 -24.44
C TYR B 515 30.51 -0.38 -24.41
N SER B 516 29.48 -0.26 -23.59
CA SER B 516 28.49 -1.32 -23.52
C SER B 516 27.71 -1.35 -24.82
N GLN B 517 27.73 -0.22 -25.53
CA GLN B 517 27.20 -0.11 -26.89
C GLN B 517 28.18 -0.55 -28.00
N GLU B 518 29.48 -0.38 -27.76
CA GLU B 518 30.52 -0.80 -28.72
C GLU B 518 30.81 -2.30 -28.79
N THR B 519 31.00 -2.93 -27.63
CA THR B 519 31.32 -4.36 -27.58
C THR B 519 30.30 -5.14 -28.36
N GLN B 520 30.74 -6.23 -28.98
CA GLN B 520 29.82 -7.07 -29.72
C GLN B 520 29.25 -8.16 -28.80
N HIS B 521 29.61 -8.10 -27.52
CA HIS B 521 29.36 -9.21 -26.61
C HIS B 521 28.32 -8.97 -25.53
N GLY B 522 27.23 -9.73 -25.59
CA GLY B 522 26.16 -9.61 -24.62
C GLY B 522 26.59 -9.58 -23.16
N ASN B 523 27.43 -10.52 -22.74
CA ASN B 523 27.76 -10.63 -21.32
C ASN B 523 28.60 -9.48 -20.82
N ILE B 524 29.43 -8.92 -21.70
CA ILE B 524 30.15 -7.70 -21.39
C ILE B 524 29.20 -6.51 -21.13
N THR B 525 28.19 -6.37 -21.98
CA THR B 525 27.19 -5.34 -21.77
C THR B 525 26.53 -5.53 -20.40
N ARG B 526 26.08 -6.75 -20.10
CA ARG B 526 25.43 -6.99 -18.82
C ARG B 526 26.40 -6.74 -17.70
N GLY B 527 27.64 -7.17 -17.91
CA GLY B 527 28.67 -6.93 -16.93
C GLY B 527 28.90 -5.47 -16.67
N LEU B 528 28.91 -4.68 -17.74
CA LEU B 528 29.08 -3.24 -17.66
C LEU B 528 27.83 -2.54 -17.07
N ALA B 529 26.69 -3.19 -17.22
CA ALA B 529 25.50 -2.70 -16.55
C ALA B 529 25.67 -2.82 -15.04
N VAL B 530 25.93 -4.01 -14.51
CA VAL B 530 26.08 -4.15 -13.06
C VAL B 530 27.22 -3.30 -12.52
N GLY B 531 28.19 -3.02 -13.37
CA GLY B 531 29.30 -2.16 -12.99
C GLY B 531 28.86 -0.74 -12.67
N LEU B 532 28.13 -0.13 -13.60
CA LEU B 532 27.62 1.22 -13.40
C LEU B 532 26.81 1.29 -12.12
N ALA B 533 26.08 0.21 -11.83
CA ALA B 533 25.28 0.11 -10.63
C ALA B 533 26.17 0.17 -9.41
N LEU B 534 27.21 -0.64 -9.43
CA LEU B 534 28.13 -0.69 -8.33
C LEU B 534 28.69 0.71 -8.15
N ILE B 535 29.13 1.33 -9.24
CA ILE B 535 29.73 2.65 -9.15
C ILE B 535 28.81 3.68 -8.50
N ASN B 536 27.51 3.55 -8.73
CA ASN B 536 26.53 4.50 -8.20
C ASN B 536 25.97 4.15 -6.84
N TYR B 537 26.52 3.14 -6.18
CA TYR B 537 26.01 2.74 -4.88
C TYR B 537 25.91 3.94 -3.93
N GLY B 538 24.73 4.10 -3.33
CA GLY B 538 24.49 5.13 -2.31
C GLY B 538 24.36 6.58 -2.75
N ARG B 539 24.61 6.84 -4.03
CA ARG B 539 24.55 8.18 -4.58
C ARG B 539 23.14 8.79 -4.63
N GLN B 540 22.12 7.98 -4.39
CA GLN B 540 20.74 8.45 -4.42
C GLN B 540 20.48 9.33 -5.64
N GLU B 541 19.88 10.50 -5.41
CA GLU B 541 19.46 11.38 -6.50
C GLU B 541 20.57 11.70 -7.52
N LEU B 542 21.83 11.66 -7.10
CA LEU B 542 22.91 11.94 -8.04
C LEU B 542 22.98 10.92 -9.17
N ALA B 543 22.30 9.79 -9.01
CA ALA B 543 22.30 8.74 -10.02
C ALA B 543 21.12 8.86 -10.95
N ASP B 544 20.23 9.80 -10.65
CA ASP B 544 18.99 9.94 -11.38
C ASP B 544 19.20 10.18 -12.88
N ASP B 545 20.17 11.01 -13.23
CA ASP B 545 20.40 11.29 -14.64
C ASP B 545 20.74 10.01 -15.40
N LEU B 546 21.69 9.26 -14.88
CA LEU B 546 22.08 7.98 -15.45
C LEU B 546 20.93 6.98 -15.42
N ILE B 547 20.29 6.86 -14.26
CA ILE B 547 19.17 5.94 -14.15
C ILE B 547 18.15 6.17 -15.25
N THR B 548 17.94 7.43 -15.61
CA THR B 548 16.96 7.77 -16.64
C THR B 548 17.45 7.39 -18.04
N LYS B 549 18.69 7.74 -18.34
CA LYS B 549 19.36 7.34 -19.57
C LYS B 549 19.31 5.81 -19.76
N LEU B 551 17.12 3.37 -18.15
CA LEU B 551 15.80 2.78 -18.29
C LEU B 551 15.19 3.15 -19.64
N ALA B 552 15.80 4.14 -20.30
CA ALA B 552 15.27 4.64 -21.56
C ALA B 552 15.78 3.84 -22.73
N SER B 553 16.86 3.09 -22.51
CA SER B 553 17.56 2.40 -23.58
C SER B 553 16.75 1.29 -24.23
N ASP B 554 16.95 1.14 -25.53
CA ASP B 554 16.28 0.10 -26.29
C ASP B 554 16.92 -1.25 -25.99
N GLU B 555 18.18 -1.21 -25.56
CA GLU B 555 18.91 -2.41 -25.21
C GLU B 555 18.47 -2.87 -23.83
N SER B 556 17.89 -4.07 -23.77
CA SER B 556 17.29 -4.55 -22.53
C SER B 556 18.31 -4.74 -21.40
N LEU B 557 19.55 -5.04 -21.77
CA LEU B 557 20.60 -5.20 -20.76
C LEU B 557 20.90 -3.92 -19.97
N LEU B 558 20.79 -2.77 -20.61
CA LEU B 558 21.00 -1.50 -19.92
C LEU B 558 19.82 -1.17 -19.05
N ARG B 559 18.65 -1.56 -19.50
CA ARG B 559 17.49 -1.46 -18.64
C ARG B 559 17.71 -2.38 -17.44
N TYR B 560 18.32 -3.55 -17.66
CA TYR B 560 18.63 -4.50 -16.58
C TYR B 560 19.47 -3.81 -15.54
N GLY B 561 20.49 -3.08 -16.00
CA GLY B 561 21.35 -2.32 -15.12
C GLY B 561 20.62 -1.17 -14.46
N GLY B 562 19.68 -0.59 -15.18
CA GLY B 562 18.92 0.51 -14.62
C GLY B 562 18.31 0.09 -13.30
N ALA B 563 17.55 -1.01 -13.33
CA ALA B 563 16.91 -1.56 -12.13
C ALA B 563 17.93 -1.68 -11.01
N PHE B 564 19.11 -2.15 -11.35
CA PHE B 564 20.11 -2.36 -10.32
C PHE B 564 20.73 -1.08 -9.81
N THR B 565 20.97 -0.12 -10.71
CA THR B 565 21.50 1.18 -10.29
C THR B 565 20.55 1.84 -9.30
N ILE B 566 19.25 1.73 -9.55
CA ILE B 566 18.28 2.20 -8.58
C ILE B 566 18.47 1.45 -7.27
N ALA B 567 18.56 0.13 -7.37
CA ALA B 567 18.62 -0.70 -6.17
C ALA B 567 19.84 -0.37 -5.30
N LEU B 568 20.97 -0.05 -5.93
CA LEU B 568 22.17 0.31 -5.16
C LEU B 568 22.18 1.75 -4.72
N ALA B 569 21.83 2.67 -5.62
CA ALA B 569 21.80 4.09 -5.32
C ALA B 569 20.85 4.38 -4.15
N TYR B 570 19.66 3.82 -4.23
CA TYR B 570 18.62 3.97 -3.22
C TYR B 570 18.58 2.88 -2.17
N ALA B 571 19.60 2.03 -2.13
CA ALA B 571 19.60 0.99 -1.12
C ALA B 571 19.38 1.58 0.28
N GLY B 572 18.46 0.98 1.02
CA GLY B 572 18.23 1.33 2.40
C GLY B 572 17.33 2.55 2.62
N THR B 573 17.08 3.29 1.55
CA THR B 573 16.35 4.54 1.67
C THR B 573 14.83 4.47 1.85
N GLY B 574 14.19 3.45 1.32
CA GLY B 574 12.74 3.37 1.39
C GLY B 574 12.08 4.33 0.41
N ASN B 575 12.93 4.99 -0.39
CA ASN B 575 12.46 6.04 -1.28
C ASN B 575 11.30 5.61 -2.17
N ASN B 576 10.23 6.40 -2.08
CA ASN B 576 8.96 6.07 -2.70
C ASN B 576 8.96 6.23 -4.21
N SER B 577 9.61 7.28 -4.69
CA SER B 577 9.70 7.51 -6.12
C SER B 577 10.39 6.31 -6.76
N ALA B 578 11.46 5.84 -6.12
CA ALA B 578 12.16 4.65 -6.59
C ALA B 578 11.31 3.38 -6.45
N VAL B 579 10.67 3.16 -5.31
CA VAL B 579 9.76 2.01 -5.26
C VAL B 579 8.72 2.03 -6.39
N LYS B 580 8.28 3.23 -6.79
CA LYS B 580 7.24 3.34 -7.81
C LYS B 580 7.82 3.07 -9.19
N ARG B 581 9.02 3.57 -9.42
CA ARG B 581 9.66 3.38 -10.71
C ARG B 581 9.97 1.92 -10.94
N LEU B 582 10.35 1.21 -9.86
CA LEU B 582 10.67 -0.21 -9.97
C LEU B 582 9.42 -1.03 -10.26
N LEU B 583 8.32 -0.73 -9.58
CA LEU B 583 7.09 -1.46 -9.85
C LEU B 583 6.63 -1.23 -11.29
N HIS B 584 6.89 -0.03 -11.80
CA HIS B 584 6.44 0.30 -13.14
C HIS B 584 7.18 -0.54 -14.19
N VAL B 585 8.50 -0.63 -14.05
CA VAL B 585 9.29 -1.52 -14.88
C VAL B 585 8.88 -2.99 -14.73
N ALA B 586 8.74 -3.44 -13.49
CA ALA B 586 8.33 -4.81 -13.22
C ALA B 586 7.06 -5.17 -13.98
N VAL B 587 6.08 -4.29 -13.95
CA VAL B 587 4.83 -4.55 -14.67
C VAL B 587 4.90 -4.26 -16.16
N SER B 588 5.55 -3.15 -16.53
CA SER B 588 5.50 -2.73 -17.92
C SER B 588 6.66 -3.12 -18.86
N ASP B 589 7.82 -3.49 -18.37
CA ASP B 589 8.90 -3.80 -19.32
C ASP B 589 8.59 -5.05 -20.16
N SER B 590 9.06 -5.06 -21.40
CA SER B 590 8.81 -6.18 -22.32
C SER B 590 9.77 -7.35 -22.11
N ASN B 591 10.91 -7.08 -21.47
CA ASN B 591 11.97 -8.06 -21.22
C ASN B 591 11.91 -8.74 -19.85
N ASP B 592 11.77 -10.07 -19.84
CA ASP B 592 11.66 -10.82 -18.59
C ASP B 592 12.81 -10.58 -17.64
N ASP B 593 14.01 -10.38 -18.17
CA ASP B 593 15.16 -10.26 -17.29
C ASP B 593 15.10 -8.95 -16.56
N VAL B 594 14.82 -7.88 -17.29
CA VAL B 594 14.66 -6.56 -16.68
C VAL B 594 13.60 -6.62 -15.59
N ARG B 595 12.48 -7.26 -15.88
CA ARG B 595 11.41 -7.37 -14.90
C ARG B 595 11.87 -8.08 -13.64
N ARG B 596 12.64 -9.16 -13.78
CA ARG B 596 13.12 -9.84 -12.57
C ARG B 596 14.08 -8.96 -11.80
N ALA B 597 14.95 -8.25 -12.52
CA ALA B 597 15.87 -7.29 -11.91
C ALA B 597 15.10 -6.21 -11.18
N ALA B 598 14.03 -5.73 -11.79
CA ALA B 598 13.25 -4.65 -11.18
C ALA B 598 12.63 -5.02 -9.84
N VAL B 599 11.99 -6.19 -9.74
CA VAL B 599 11.53 -6.73 -8.45
C VAL B 599 12.64 -7.05 -7.42
N ILE B 600 13.72 -7.69 -7.86
CA ILE B 600 14.82 -7.91 -6.95
C ILE B 600 15.23 -6.58 -6.33
N ALA B 601 15.38 -5.57 -7.16
CA ALA B 601 15.83 -4.25 -6.68
C ALA B 601 14.98 -3.69 -5.54
N LEU B 602 13.73 -4.13 -5.43
CA LEU B 602 12.86 -3.71 -4.32
C LEU B 602 13.45 -4.11 -2.97
N GLY B 603 13.95 -5.33 -2.86
CA GLY B 603 14.58 -5.79 -1.64
C GLY B 603 15.62 -4.81 -1.12
N PHE B 604 16.50 -4.35 -2.00
CA PHE B 604 17.53 -3.38 -1.64
C PHE B 604 17.01 -2.04 -1.16
N VAL B 605 16.08 -1.42 -1.92
CA VAL B 605 15.46 -0.14 -1.53
C VAL B 605 14.72 -0.25 -0.19
N LEU B 606 14.01 -1.35 0.00
CA LEU B 606 13.22 -1.62 1.22
C LEU B 606 13.94 -2.35 2.37
N LEU B 607 15.27 -2.44 2.29
CA LEU B 607 16.08 -3.09 3.33
C LEU B 607 15.58 -2.75 4.72
N ARG B 608 15.67 -1.47 5.05
CA ARG B 608 15.35 -0.97 6.38
C ARG B 608 13.90 -1.22 6.71
N ASP B 609 13.07 -1.17 5.68
CA ASP B 609 11.62 -1.30 5.80
C ASP B 609 11.12 -2.73 5.64
N TYR B 610 12.03 -3.69 5.83
CA TYR B 610 11.80 -5.05 5.37
C TYR B 610 10.44 -5.62 5.76
N THR B 611 9.86 -5.12 6.83
CA THR B 611 8.65 -5.73 7.33
C THR B 611 7.43 -5.45 6.42
N THR B 612 7.57 -4.44 5.55
CA THR B 612 6.51 -4.03 4.63
C THR B 612 6.61 -4.73 3.30
N VAL B 613 7.74 -5.40 3.07
CA VAL B 613 8.01 -5.99 1.78
C VAL B 613 7.05 -7.14 1.42
N PRO B 614 6.77 -8.03 2.36
CA PRO B 614 5.83 -9.10 1.98
C PRO B 614 4.51 -8.53 1.49
N ARG B 615 4.07 -7.39 2.03
CA ARG B 615 2.81 -6.78 1.61
C ARG B 615 2.92 -6.21 0.20
N ILE B 616 4.03 -5.54 -0.07
CA ILE B 616 4.28 -4.93 -1.37
C ILE B 616 4.51 -5.88 -2.55
N VAL B 617 5.17 -7.01 -2.31
CA VAL B 617 5.39 -7.97 -3.40
C VAL B 617 4.44 -9.16 -3.41
N GLN B 618 3.58 -9.26 -2.41
CA GLN B 618 2.68 -10.41 -2.31
C GLN B 618 1.97 -10.67 -3.64
N LEU B 619 1.50 -9.59 -4.25
CA LEU B 619 0.65 -9.68 -5.43
C LEU B 619 1.44 -10.02 -6.69
N LEU B 620 2.56 -9.33 -6.88
CA LEU B 620 3.53 -9.70 -7.90
C LEU B 620 3.81 -11.22 -7.80
N SER B 621 3.99 -11.72 -6.59
CA SER B 621 4.29 -13.13 -6.39
C SER B 621 3.24 -14.09 -6.91
N LYS B 622 2.03 -13.60 -7.19
CA LYS B 622 0.96 -14.38 -7.81
C LYS B 622 0.90 -14.17 -9.33
N SER B 623 1.84 -13.38 -9.85
CA SER B 623 1.84 -12.99 -11.25
C SER B 623 1.96 -14.19 -12.17
N HIS B 624 1.57 -14.02 -13.42
CA HIS B 624 1.60 -15.08 -14.42
C HIS B 624 3.00 -15.25 -14.98
N ASN B 625 3.79 -14.18 -14.92
CA ASN B 625 5.14 -14.20 -15.46
C ASN B 625 6.15 -14.81 -14.45
N ALA B 626 6.85 -15.87 -14.86
CA ALA B 626 7.78 -16.56 -13.94
C ALA B 626 8.96 -15.71 -13.46
N HIS B 627 9.56 -14.93 -14.34
CA HIS B 627 10.61 -14.03 -13.89
C HIS B 627 10.20 -13.04 -12.80
N VAL B 628 8.94 -12.64 -12.81
CA VAL B 628 8.47 -11.69 -11.84
C VAL B 628 8.31 -12.46 -10.53
N ARG B 629 7.64 -13.61 -10.56
CA ARG B 629 7.52 -14.44 -9.36
C ARG B 629 8.91 -14.72 -8.75
N CYS B 630 9.84 -15.09 -9.60
CA CYS B 630 11.18 -15.43 -9.17
C CYS B 630 11.84 -14.23 -8.51
N GLY B 631 11.73 -13.08 -9.12
CA GLY B 631 12.30 -11.88 -8.58
C GLY B 631 11.73 -11.52 -7.23
N THR B 632 10.45 -11.82 -7.04
CA THR B 632 9.77 -11.55 -5.77
C THR B 632 10.40 -12.36 -4.63
N ALA B 633 10.72 -13.61 -4.94
CA ALA B 633 11.34 -14.51 -3.98
C ALA B 633 12.68 -13.99 -3.54
N PHE B 634 13.45 -13.47 -4.46
CA PHE B 634 14.72 -12.84 -4.12
C PHE B 634 14.57 -11.54 -3.36
N ALA B 635 13.58 -10.75 -3.77
CA ALA B 635 13.35 -9.45 -3.15
C ALA B 635 13.08 -9.64 -1.66
N LEU B 636 12.29 -10.66 -1.34
CA LEU B 636 12.08 -11.11 0.02
C LEU B 636 13.35 -11.65 0.74
N GLY B 637 14.10 -12.53 0.08
CA GLY B 637 15.33 -13.04 0.65
C GLY B 637 16.33 -11.96 0.99
N ILE B 638 16.47 -10.96 0.12
CA ILE B 638 17.36 -9.82 0.34
C ILE B 638 16.92 -8.87 1.46
N ALA B 639 15.65 -8.46 1.45
CA ALA B 639 15.15 -7.54 2.47
C ALA B 639 15.15 -8.19 3.85
N CYS B 640 14.68 -9.42 3.89
CA CYS B 640 14.47 -10.15 5.13
C CYS B 640 15.59 -11.08 5.57
N ALA B 641 16.73 -11.04 4.89
CA ALA B 641 17.84 -11.92 5.24
C ALA B 641 18.16 -11.78 6.73
N GLY B 642 18.23 -12.93 7.40
CA GLY B 642 18.70 -12.97 8.78
C GLY B 642 17.75 -12.38 9.78
N LYS B 643 16.50 -12.23 9.37
CA LYS B 643 15.36 -11.85 10.20
C LYS B 643 14.52 -13.11 10.09
N GLY B 644 13.56 -13.32 10.94
CA GLY B 644 12.92 -14.62 10.85
C GLY B 644 11.60 -14.53 10.16
N LEU B 645 11.39 -13.44 9.43
CA LEU B 645 10.06 -12.88 9.24
C LEU B 645 9.04 -13.88 8.72
N GLN B 646 7.98 -14.07 9.49
CA GLN B 646 7.03 -15.13 9.16
C GLN B 646 6.17 -14.72 7.97
N SER B 647 5.88 -13.43 7.83
CA SER B 647 5.14 -12.98 6.65
C SER B 647 5.94 -13.21 5.37
N ALA B 648 7.23 -12.89 5.38
CA ALA B 648 8.11 -13.24 4.26
C ALA B 648 7.97 -14.71 3.94
N ILE B 649 8.09 -15.53 4.98
CA ILE B 649 8.02 -16.98 4.81
C ILE B 649 6.69 -17.47 4.23
N ASP B 650 5.58 -16.86 4.63
CA ASP B 650 4.26 -17.29 4.16
C ASP B 650 4.10 -17.04 2.65
N VAL B 651 4.63 -15.91 2.17
CA VAL B 651 4.66 -15.59 0.74
C VAL B 651 5.49 -16.57 -0.08
N LEU B 652 6.63 -17.01 0.48
CA LEU B 652 7.58 -17.91 -0.21
C LEU B 652 7.17 -19.38 -0.25
N ASP B 653 6.50 -19.85 0.80
CA ASP B 653 6.08 -21.24 0.83
C ASP B 653 5.47 -21.72 -0.49
N PRO B 654 4.47 -20.98 -1.00
CA PRO B 654 3.78 -21.41 -2.22
C PRO B 654 4.71 -21.43 -3.43
N LEU B 655 5.68 -20.53 -3.48
CA LEU B 655 6.63 -20.49 -4.60
C LEU B 655 7.57 -21.71 -4.61
N THR B 656 7.90 -22.25 -3.44
CA THR B 656 8.68 -23.48 -3.38
C THR B 656 7.94 -24.64 -4.07
N LYS B 657 6.61 -24.55 -4.11
CA LYS B 657 5.79 -25.49 -4.87
C LYS B 657 5.43 -25.01 -6.28
N ASP B 658 6.01 -23.89 -6.72
CA ASP B 658 5.72 -23.34 -8.06
C ASP B 658 5.98 -24.40 -9.12
N PRO B 659 5.28 -24.33 -10.24
CA PRO B 659 5.45 -25.18 -11.44
C PRO B 659 6.71 -24.94 -12.24
N VAL B 660 7.41 -23.82 -12.06
CA VAL B 660 8.59 -23.47 -12.84
C VAL B 660 9.85 -23.63 -12.01
N ASP B 661 10.76 -24.45 -12.48
CA ASP B 661 11.89 -24.91 -11.69
C ASP B 661 12.74 -23.78 -11.10
N PHE B 662 12.99 -22.73 -11.89
CA PHE B 662 13.89 -21.71 -11.43
C PHE B 662 13.21 -20.76 -10.41
N VAL B 663 11.89 -20.85 -10.26
CA VAL B 663 11.19 -20.14 -9.20
C VAL B 663 11.33 -20.92 -7.89
N ARG B 664 11.11 -22.23 -7.97
CA ARG B 664 11.28 -23.08 -6.79
C ARG B 664 12.71 -22.91 -6.34
N GLN B 665 13.63 -22.91 -7.31
CA GLN B 665 15.02 -22.64 -6.98
C GLN B 665 15.23 -21.32 -6.23
N ALA B 666 14.60 -20.25 -6.69
CA ALA B 666 14.79 -18.97 -6.03
C ALA B 666 14.13 -18.96 -4.65
N ALA B 667 12.97 -19.61 -4.55
CA ALA B 667 12.23 -19.63 -3.29
C ALA B 667 12.99 -20.35 -2.18
N ILE B 669 16.40 -20.88 -2.11
CA ILE B 669 17.52 -20.01 -1.77
C ILE B 669 17.10 -18.87 -0.87
N ALA B 670 15.95 -18.26 -1.14
CA ALA B 670 15.52 -17.11 -0.35
C ALA B 670 15.19 -17.50 1.10
N LEU B 671 14.43 -18.58 1.25
CA LEU B 671 14.16 -19.10 2.57
C LEU B 671 15.46 -19.28 3.38
N SER B 672 16.46 -19.87 2.77
CA SER B 672 17.68 -20.10 3.48
C SER B 672 18.34 -18.77 3.93
N ILE B 674 16.64 -16.08 4.69
CA ILE B 674 15.76 -15.52 5.70
C ILE B 674 15.95 -16.32 6.99
N LEU B 675 16.01 -17.63 6.87
CA LEU B 675 16.04 -18.52 8.03
C LEU B 675 17.44 -18.93 8.61
N ILE B 676 18.52 -18.36 8.10
CA ILE B 676 19.85 -18.74 8.54
C ILE B 676 20.03 -18.69 10.06
N GLN B 677 20.64 -19.74 10.62
CA GLN B 677 20.80 -19.98 12.08
C GLN B 677 19.53 -20.36 12.85
N GLN B 678 18.36 -20.21 12.25
CA GLN B 678 17.15 -20.56 12.98
C GLN B 678 17.12 -22.07 13.14
N THR B 679 16.47 -22.54 14.19
CA THR B 679 16.36 -23.97 14.43
C THR B 679 14.93 -24.36 14.73
N GLU B 680 14.67 -25.66 14.65
CA GLU B 680 13.34 -26.16 14.96
C GLU B 680 12.70 -25.67 16.28
N LYS B 681 13.50 -25.43 17.31
CA LYS B 681 12.90 -24.95 18.56
C LYS B 681 12.48 -23.50 18.39
N LEU B 682 13.38 -22.67 17.88
CA LEU B 682 13.05 -21.28 17.62
C LEU B 682 11.85 -21.17 16.70
N ASN B 683 11.87 -21.91 15.59
CA ASN B 683 10.72 -21.90 14.71
C ASN B 683 10.43 -23.31 14.22
N PRO B 684 9.21 -23.80 14.40
CA PRO B 684 8.99 -25.21 14.08
C PRO B 684 8.97 -25.48 12.59
N GLN B 685 8.71 -24.44 11.79
CA GLN B 685 8.66 -24.58 10.34
C GLN B 685 10.00 -25.00 9.73
N VAL B 686 11.08 -24.53 10.34
CA VAL B 686 12.40 -24.80 9.83
C VAL B 686 12.62 -26.27 9.53
N ALA B 687 11.97 -27.16 10.29
CA ALA B 687 12.10 -28.60 10.03
C ALA B 687 11.58 -29.02 8.66
N ASP B 688 10.32 -28.72 8.36
CA ASP B 688 9.76 -29.07 7.06
C ASP B 688 10.53 -28.47 5.89
N ILE B 689 11.02 -27.25 6.09
CA ILE B 689 11.82 -26.58 5.08
C ILE B 689 13.16 -27.27 4.81
N ASN B 690 13.91 -27.56 5.86
CA ASN B 690 15.18 -28.29 5.74
C ASN B 690 14.95 -29.66 5.11
N LYS B 691 13.85 -30.30 5.51
CA LYS B 691 13.57 -31.64 5.03
C LYS B 691 13.31 -31.61 3.54
N ASN B 692 12.75 -30.52 3.06
CA ASN B 692 12.40 -30.39 1.67
C ASN B 692 13.62 -30.06 0.81
N PHE B 693 14.55 -29.27 1.33
CA PHE B 693 15.83 -29.06 0.62
C PHE B 693 16.38 -30.44 0.24
N LEU B 694 16.29 -31.36 1.18
CA LEU B 694 16.91 -32.66 1.03
C LEU B 694 16.11 -33.58 0.11
N SER B 695 14.78 -33.49 0.16
CA SER B 695 13.95 -34.29 -0.74
C SER B 695 14.14 -33.89 -2.19
N VAL B 696 14.47 -32.62 -2.42
CA VAL B 696 14.68 -32.12 -3.79
C VAL B 696 16.00 -32.59 -4.32
N ILE B 697 16.99 -32.60 -3.45
CA ILE B 697 18.32 -33.05 -3.81
C ILE B 697 18.33 -34.53 -4.13
N THR B 698 17.77 -35.32 -3.22
CA THR B 698 17.79 -36.78 -3.34
C THR B 698 16.65 -37.40 -4.14
N ASN B 699 15.84 -36.62 -4.83
CA ASN B 699 14.79 -37.26 -5.62
C ASN B 699 15.17 -37.40 -7.10
N LYS B 700 15.21 -38.63 -7.60
CA LYS B 700 15.64 -38.87 -8.99
C LYS B 700 14.93 -37.99 -10.02
N HIS B 701 13.59 -37.90 -9.94
CA HIS B 701 12.85 -37.12 -10.91
C HIS B 701 12.52 -35.77 -10.33
N GLN B 702 13.28 -34.77 -10.78
CA GLN B 702 13.17 -33.42 -10.23
C GLN B 702 14.23 -32.64 -10.99
N GLU B 703 14.04 -31.34 -11.09
CA GLU B 703 14.70 -30.58 -12.13
C GLU B 703 16.10 -30.21 -11.70
N GLY B 704 17.01 -30.16 -12.67
CA GLY B 704 18.36 -29.71 -12.38
C GLY B 704 18.39 -28.39 -11.65
N LEU B 705 17.73 -27.37 -12.22
CA LEU B 705 17.72 -26.04 -11.62
C LEU B 705 17.09 -26.03 -10.24
N ALA B 706 16.11 -26.89 -10.00
CA ALA B 706 15.59 -27.07 -8.64
C ALA B 706 16.66 -27.66 -7.69
N LYS B 707 17.34 -28.71 -8.14
CA LYS B 707 18.33 -29.39 -7.31
C LYS B 707 19.50 -28.46 -7.04
N PHE B 708 19.94 -27.74 -8.06
CA PHE B 708 20.99 -26.73 -7.85
C PHE B 708 20.61 -25.79 -6.73
N GLY B 709 19.38 -25.31 -6.77
CA GLY B 709 18.88 -24.36 -5.80
C GLY B 709 18.82 -24.96 -4.42
N ALA B 710 18.34 -26.19 -4.31
CA ALA B 710 18.20 -26.81 -3.00
C ALA B 710 19.59 -27.10 -2.40
N CYS B 711 20.52 -27.53 -3.23
CA CYS B 711 21.87 -27.74 -2.73
C CYS B 711 22.47 -26.40 -2.23
N VAL B 712 22.52 -25.37 -3.06
CA VAL B 712 23.09 -24.09 -2.61
C VAL B 712 22.40 -23.53 -1.36
N ALA B 713 21.12 -23.82 -1.20
CA ALA B 713 20.37 -23.33 -0.05
C ALA B 713 20.85 -23.98 1.23
N GLN B 714 21.08 -25.29 1.19
CA GLN B 714 21.58 -25.98 2.36
C GLN B 714 22.90 -25.42 2.80
N GLY B 715 23.71 -25.01 1.82
CA GLY B 715 24.92 -24.25 2.09
C GLY B 715 24.61 -22.99 2.86
N ILE B 716 23.70 -22.16 2.35
CA ILE B 716 23.39 -20.87 2.98
C ILE B 716 22.76 -21.06 4.36
N ASN B 718 23.12 -23.34 6.48
CA ASN B 718 24.17 -23.74 7.41
C ASN B 718 25.49 -22.94 7.34
N ALA B 719 25.48 -21.84 6.59
CA ALA B 719 26.71 -21.12 6.24
C ALA B 719 27.61 -20.85 7.42
N GLY B 720 28.91 -21.00 7.19
CA GLY B 720 29.94 -20.65 8.16
C GLY B 720 29.99 -21.54 9.39
N GLY B 721 29.79 -22.83 9.19
CA GLY B 721 29.64 -23.74 10.29
C GLY B 721 28.63 -23.21 11.29
N ARG B 722 27.59 -22.51 10.82
CA ARG B 722 26.48 -22.12 11.70
C ARG B 722 26.77 -20.90 12.57
N ASN B 723 27.97 -20.35 12.44
CA ASN B 723 28.36 -19.15 13.17
C ASN B 723 28.29 -17.82 12.41
N VAL B 724 27.68 -17.82 11.24
CA VAL B 724 27.43 -16.55 10.56
C VAL B 724 25.95 -16.28 10.40
N THR B 725 25.64 -15.00 10.19
CA THR B 725 24.32 -14.52 9.77
C THR B 725 24.49 -13.57 8.59
N ILE B 726 23.39 -13.17 7.96
CA ILE B 726 23.41 -12.08 6.98
C ILE B 726 22.71 -10.87 7.57
N GLN B 727 23.41 -9.74 7.66
CA GLN B 727 22.76 -8.49 8.10
C GLN B 727 23.23 -7.29 7.25
N LEU B 728 22.31 -6.71 6.47
CA LEU B 728 22.72 -5.62 5.60
C LEU B 728 22.81 -4.30 6.36
N GLU B 729 22.10 -4.24 7.46
CA GLU B 729 22.17 -3.06 8.29
C GLU B 729 22.82 -3.44 9.60
N ASN B 730 23.89 -2.75 9.93
CA ASN B 730 24.57 -3.03 11.17
C ASN B 730 23.67 -2.53 12.29
N ALA B 731 23.26 -3.41 13.19
CA ALA B 731 22.26 -3.06 14.19
C ALA B 731 22.71 -1.94 15.13
N ASP B 732 23.99 -1.92 15.48
CA ASP B 732 24.50 -0.90 16.39
C ASP B 732 24.63 0.45 15.71
N THR B 733 25.28 0.48 14.55
CA THR B 733 25.55 1.76 13.89
C THR B 733 24.34 2.28 13.11
N GLY B 734 23.44 1.38 12.71
CA GLY B 734 22.31 1.78 11.89
C GLY B 734 22.72 2.02 10.43
N THR B 735 24.02 1.96 10.18
CA THR B 735 24.53 2.10 8.84
C THR B 735 24.42 0.78 8.07
N LEU B 736 24.41 0.91 6.75
CA LEU B 736 24.38 -0.20 5.82
C LEU B 736 25.76 -0.80 5.70
N ASP B 737 25.84 -2.13 5.74
CA ASP B 737 27.15 -2.76 5.68
C ASP B 737 27.48 -2.96 4.22
N THR B 738 28.42 -2.17 3.70
CA THR B 738 28.71 -2.14 2.28
C THR B 738 29.02 -3.53 1.71
N LYS B 739 30.04 -4.17 2.26
CA LYS B 739 30.40 -5.50 1.83
C LYS B 739 29.18 -6.41 1.75
N SER B 740 28.37 -6.43 2.81
CA SER B 740 27.18 -7.27 2.78
C SER B 740 26.26 -6.91 1.62
N VAL B 741 26.15 -5.63 1.31
CA VAL B 741 25.22 -5.24 0.27
C VAL B 741 25.78 -5.65 -1.07
N VAL B 742 27.05 -5.31 -1.30
CA VAL B 742 27.71 -5.70 -2.55
C VAL B 742 27.66 -7.22 -2.76
N GLY B 743 27.87 -7.97 -1.68
CA GLY B 743 27.81 -9.41 -1.75
C GLY B 743 26.49 -9.95 -2.26
N LEU B 744 25.39 -9.45 -1.73
CA LEU B 744 24.07 -9.88 -2.19
C LEU B 744 23.73 -9.43 -3.59
N VAL B 745 24.31 -8.31 -4.03
CA VAL B 745 23.98 -7.83 -5.35
C VAL B 745 24.73 -8.65 -6.38
N PHE B 747 25.88 -11.77 -5.63
CA PHE B 747 25.26 -13.09 -5.55
C PHE B 747 24.08 -13.17 -6.49
N SER B 748 23.35 -12.08 -6.61
CA SER B 748 22.12 -12.06 -7.40
C SER B 748 22.36 -12.23 -8.88
N GLN B 749 23.62 -12.13 -9.33
CA GLN B 749 23.94 -12.41 -10.73
C GLN B 749 24.21 -13.89 -11.03
N PHE B 750 24.15 -14.74 -10.01
CA PHE B 750 24.53 -16.14 -10.20
C PHE B 750 23.76 -16.76 -11.36
N TRP B 751 22.57 -16.27 -11.66
CA TRP B 751 21.76 -16.84 -12.74
C TRP B 751 22.50 -16.80 -14.04
N TYR B 752 23.22 -15.70 -14.24
CA TYR B 752 23.96 -15.46 -15.46
C TYR B 752 25.38 -16.01 -15.48
N TRP B 753 26.05 -15.95 -14.33
CA TRP B 753 27.38 -16.52 -14.17
C TRP B 753 27.53 -17.19 -12.79
N PHE B 754 27.58 -18.53 -12.72
CA PHE B 754 27.57 -19.24 -11.44
C PHE B 754 28.73 -18.94 -10.49
N PRO B 755 29.93 -18.69 -11.03
CA PRO B 755 31.07 -18.43 -10.15
C PRO B 755 30.86 -17.19 -9.29
N LEU B 756 29.91 -16.35 -9.66
CA LEU B 756 29.70 -15.12 -8.90
C LEU B 756 29.02 -15.45 -7.60
N ALA B 757 28.48 -16.67 -7.50
CA ALA B 757 27.90 -17.18 -6.26
C ALA B 757 28.81 -16.99 -5.05
N HIS B 758 30.11 -17.17 -5.21
CA HIS B 758 31.06 -16.99 -4.10
C HIS B 758 31.01 -15.61 -3.44
N PHE B 759 30.44 -14.62 -4.13
CA PHE B 759 30.39 -13.27 -3.54
C PHE B 759 29.54 -13.22 -2.29
N LEU B 760 28.59 -14.15 -2.19
CA LEU B 760 27.69 -14.19 -1.03
C LEU B 760 28.51 -14.27 0.23
N SER B 761 29.77 -14.64 0.09
CA SER B 761 30.61 -14.76 1.26
C SER B 761 30.85 -13.40 1.93
N LEU B 762 30.78 -12.30 1.16
CA LEU B 762 31.01 -10.98 1.76
C LEU B 762 29.94 -10.62 2.76
N SER B 763 28.80 -11.30 2.67
CA SER B 763 27.62 -10.97 3.45
C SER B 763 27.49 -11.81 4.71
N PHE B 764 28.38 -12.78 4.86
CA PHE B 764 28.40 -13.59 6.08
C PHE B 764 29.17 -12.79 7.09
N THR B 765 28.52 -12.49 8.22
CA THR B 765 29.22 -11.87 9.32
C THR B 765 29.05 -12.79 10.54
N PRO B 766 30.12 -12.92 11.34
CA PRO B 766 30.19 -13.82 12.51
C PRO B 766 29.28 -13.36 13.62
N THR B 767 28.55 -14.28 14.22
CA THR B 767 27.66 -13.90 15.31
C THR B 767 28.27 -14.35 16.63
N THR B 768 28.77 -13.37 17.38
CA THR B 768 29.42 -13.65 18.64
C THR B 768 29.83 -12.37 19.31
N VAL B 769 30.01 -12.43 20.62
CA VAL B 769 30.68 -11.36 21.34
C VAL B 769 32.08 -11.78 21.71
N ILE B 770 33.04 -10.95 21.34
CA ILE B 770 34.44 -11.21 21.57
C ILE B 770 35.01 -10.16 22.51
N GLY B 771 35.27 -10.57 23.76
CA GLY B 771 35.85 -9.68 24.76
C GLY B 771 37.37 -9.61 24.69
N ILE B 772 37.91 -8.43 24.86
CA ILE B 772 39.34 -8.21 24.76
C ILE B 772 39.85 -7.22 25.81
N ARG B 773 41.13 -7.31 26.14
CA ARG B 773 41.75 -6.40 27.09
C ARG B 773 42.43 -5.33 26.26
N GLY B 774 42.12 -4.07 26.53
CA GLY B 774 42.63 -3.00 25.70
C GLY B 774 44.14 -2.87 25.67
N SER B 775 44.78 -2.93 26.83
CA SER B 775 46.23 -2.88 26.87
C SER B 775 46.84 -4.13 26.24
N ASP B 776 46.28 -5.28 26.60
CA ASP B 776 46.77 -6.57 26.12
C ASP B 776 46.58 -6.83 24.63
N GLN B 777 45.41 -6.46 24.11
CA GLN B 777 45.05 -6.78 22.74
C GLN B 777 45.05 -8.31 22.68
N ALA B 778 44.74 -8.90 23.82
CA ALA B 778 44.69 -10.34 24.03
C ALA B 778 43.32 -10.76 24.52
N ILE B 779 42.92 -11.98 24.18
CA ILE B 779 41.58 -12.43 24.55
C ILE B 779 41.54 -13.17 25.88
N PRO B 780 41.04 -12.50 26.92
CA PRO B 780 40.75 -13.14 28.19
C PRO B 780 39.76 -14.28 28.02
N LYS B 781 39.64 -15.13 29.03
CA LYS B 781 38.61 -16.15 29.05
C LYS B 781 37.74 -15.96 30.28
N PHE B 782 36.46 -15.66 30.07
CA PHE B 782 35.55 -15.36 31.17
C PHE B 782 34.14 -15.72 30.75
N GLN B 783 33.22 -15.74 31.70
CA GLN B 783 31.82 -16.05 31.41
C GLN B 783 30.88 -14.84 31.47
N ASN B 785 26.47 -13.53 31.21
CA ASN B 785 25.14 -13.97 31.61
C ASN B 785 24.10 -13.89 30.50
N CYS B 786 23.34 -14.95 30.31
CA CYS B 786 22.28 -14.91 29.30
C CYS B 786 20.92 -15.14 29.92
N TYR B 787 20.09 -14.10 29.95
CA TYR B 787 18.79 -14.26 30.57
C TYR B 787 17.90 -14.73 29.46
N ALA B 788 17.64 -16.03 29.46
CA ALA B 788 16.91 -16.70 28.41
C ALA B 788 16.95 -18.18 28.75
N LYS B 789 16.01 -18.93 28.20
CA LYS B 789 16.02 -20.36 28.45
C LYS B 789 17.34 -20.95 27.86
N GLU B 790 17.93 -21.94 28.54
CA GLU B 790 19.29 -22.34 28.20
C GLU B 790 19.45 -22.93 26.80
N ASP B 791 18.46 -23.71 26.38
CA ASP B 791 18.59 -24.48 25.14
C ASP B 791 18.03 -23.80 23.89
N ALA B 792 17.55 -22.57 24.04
CA ALA B 792 16.91 -21.83 22.95
C ALA B 792 17.89 -21.43 21.84
N PHE B 793 19.11 -21.07 22.22
CA PHE B 793 20.14 -20.67 21.26
C PHE B 793 21.13 -21.78 20.85
N SER B 794 20.80 -23.00 21.23
CA SER B 794 21.58 -24.17 20.84
C SER B 794 21.61 -24.43 19.33
N TYR B 795 22.68 -25.07 18.88
CA TYR B 795 22.83 -25.56 17.52
C TYR B 795 21.78 -26.61 17.20
N PRO B 796 21.56 -26.87 15.90
CA PRO B 796 20.66 -27.92 15.43
C PRO B 796 21.12 -29.26 15.95
N ARG B 797 20.22 -30.07 16.50
CA ARG B 797 20.61 -31.40 16.96
C ARG B 797 20.56 -32.46 15.85
N TYR B 799 20.71 -36.30 14.98
CA TYR B 799 20.51 -37.59 15.65
C TYR B 799 19.72 -37.43 16.95
N GLU B 800 19.41 -36.17 17.29
CA GLU B 800 18.64 -35.87 18.50
C GLU B 800 17.37 -35.09 18.17
N PHE B 867 6.63 -25.64 23.75
CA PHE B 867 6.36 -24.98 22.47
C PHE B 867 6.05 -23.49 22.65
N TYR B 868 6.97 -22.79 23.31
CA TYR B 868 6.80 -21.42 23.79
C TYR B 868 7.68 -20.38 23.04
N LYS B 869 7.04 -19.30 22.61
CA LYS B 869 7.69 -18.27 21.82
C LYS B 869 8.25 -17.12 22.70
N ASN B 870 8.13 -17.29 24.01
CA ASN B 870 8.68 -16.37 25.02
C ASN B 870 10.01 -16.95 25.49
N LYS B 871 11.09 -16.28 25.13
CA LYS B 871 12.47 -16.73 25.39
C LYS B 871 13.18 -16.10 26.58
N TYR B 872 12.48 -15.33 27.40
CA TYR B 872 13.13 -14.66 28.53
C TYR B 872 13.25 -15.52 29.78
N SER B 873 14.33 -15.35 30.53
CA SER B 873 14.51 -16.05 31.80
C SER B 873 15.11 -15.15 32.87
N SER B 874 14.45 -15.07 34.02
CA SER B 874 14.99 -14.30 35.14
C SER B 874 16.26 -14.96 35.65
N LYS B 875 16.32 -16.28 35.50
CA LYS B 875 17.51 -17.05 35.85
C LYS B 875 18.37 -17.24 34.60
N PRO B 876 19.57 -16.66 34.61
CA PRO B 876 20.37 -16.71 33.39
C PRO B 876 21.13 -18.02 33.31
N TYR B 877 21.86 -18.20 32.21
CA TYR B 877 22.95 -19.16 32.22
C TYR B 877 24.25 -18.45 31.83
N LYS B 878 25.35 -19.20 31.83
CA LYS B 878 26.66 -18.66 31.52
C LYS B 878 27.09 -19.08 30.13
N VAL B 879 27.46 -18.11 29.30
CA VAL B 879 28.06 -18.42 28.00
C VAL B 879 29.52 -17.98 28.02
N ASP B 880 30.40 -18.75 27.41
CA ASP B 880 31.82 -18.40 27.45
C ASP B 880 32.19 -17.33 26.42
N ASN B 881 33.22 -16.56 26.70
CA ASN B 881 33.67 -15.53 25.77
C ASN B 881 33.96 -16.10 24.37
N THR B 883 31.95 -17.10 21.82
CA THR B 883 31.12 -18.19 21.30
C THR B 883 29.86 -17.64 20.61
N ARG B 884 29.00 -18.51 20.06
CA ARG B 884 27.92 -17.99 19.24
C ARG B 884 26.88 -17.26 20.06
N ILE B 885 26.70 -15.98 19.76
CA ILE B 885 25.51 -15.29 20.21
C ILE B 885 24.63 -14.89 19.02
N LEU B 886 23.53 -15.61 18.84
CA LEU B 886 22.64 -15.35 17.73
C LEU B 886 22.16 -13.93 17.88
N PRO B 887 21.84 -13.27 16.76
CA PRO B 887 21.44 -11.86 16.80
C PRO B 887 20.19 -11.64 17.65
N GLN B 888 19.26 -12.62 17.66
CA GLN B 888 18.11 -12.59 18.57
C GLN B 888 18.56 -12.57 20.01
N GLN B 889 19.63 -13.31 20.29
CA GLN B 889 20.07 -13.60 21.65
C GLN B 889 20.88 -12.45 22.26
N SER B 890 21.45 -11.61 21.40
CA SER B 890 22.31 -10.52 21.85
C SER B 890 21.66 -9.67 22.93
N ARG B 891 20.34 -9.55 22.88
CA ARG B 891 19.64 -8.67 23.80
C ARG B 891 19.52 -9.27 25.19
N TYR B 892 19.80 -10.56 25.32
CA TYR B 892 19.71 -11.23 26.62
C TYR B 892 21.05 -11.31 27.32
N ILE B 893 22.09 -10.85 26.66
CA ILE B 893 23.44 -11.02 27.17
C ILE B 893 23.91 -9.76 27.87
N SER B 894 24.36 -9.93 29.11
CA SER B 894 24.92 -8.82 29.88
C SER B 894 26.10 -9.27 30.72
N PHE B 895 27.10 -8.40 30.80
CA PHE B 895 28.26 -8.65 31.64
C PHE B 895 27.89 -8.70 33.13
N ILE B 896 28.71 -9.40 33.91
CA ILE B 896 28.57 -9.41 35.36
C ILE B 896 29.54 -8.38 35.95
N LYS B 897 29.08 -7.62 36.94
CA LYS B 897 29.89 -6.62 37.61
C LYS B 897 30.88 -7.30 38.54
N ASP B 898 30.38 -8.32 39.24
CA ASP B 898 31.19 -9.09 40.17
C ASP B 898 32.49 -9.48 39.48
N ASP B 899 32.35 -9.94 38.24
CA ASP B 899 33.48 -10.37 37.41
C ASP B 899 34.52 -9.25 37.32
N ARG B 900 35.79 -9.64 37.22
CA ARG B 900 36.90 -8.69 37.21
C ARG B 900 37.02 -7.86 35.94
N PHE B 901 36.45 -8.36 34.85
CA PHE B 901 36.47 -7.67 33.56
C PHE B 901 35.23 -6.83 33.35
N VAL B 902 35.43 -5.53 33.18
CA VAL B 902 34.31 -4.64 32.91
C VAL B 902 34.48 -4.04 31.52
N PRO B 903 33.35 -3.82 30.84
CA PRO B 903 33.36 -3.20 29.51
C PRO B 903 33.80 -1.74 29.55
N VAL B 904 34.67 -1.36 28.62
CA VAL B 904 35.11 0.02 28.53
C VAL B 904 33.92 0.99 28.43
N ARG B 905 33.06 0.82 27.42
CA ARG B 905 31.80 1.55 27.35
C ARG B 905 30.64 0.56 27.35
N LYS B 906 29.63 0.82 28.17
CA LYS B 906 28.70 -0.23 28.57
C LYS B 906 28.06 -0.96 27.39
N PHE B 907 27.82 -2.24 27.62
CA PHE B 907 27.41 -3.16 26.59
C PHE B 907 25.93 -2.99 26.27
N LYS B 908 25.67 -2.64 25.02
CA LYS B 908 24.32 -2.34 24.57
C LYS B 908 23.67 -3.55 23.89
N GLY B 909 24.34 -4.69 23.89
CA GLY B 909 23.86 -5.83 23.11
C GLY B 909 24.52 -5.90 21.74
N ASN B 910 25.70 -5.32 21.64
CA ASN B 910 26.52 -5.36 20.43
C ASN B 910 26.95 -6.75 20.00
N ASN B 911 27.17 -6.91 18.70
CA ASN B 911 27.87 -8.07 18.16
C ASN B 911 29.27 -7.62 17.83
N GLY B 912 30.25 -8.52 17.99
CA GLY B 912 31.60 -8.18 17.62
C GLY B 912 32.46 -7.75 18.79
N VAL B 913 33.55 -7.03 18.49
CA VAL B 913 34.56 -6.75 19.49
C VAL B 913 34.10 -5.78 20.60
N VAL B 914 34.21 -6.24 21.83
CA VAL B 914 33.91 -5.43 23.00
C VAL B 914 35.17 -5.23 23.85
N VAL B 915 35.71 -4.00 23.82
CA VAL B 915 36.95 -3.72 24.52
C VAL B 915 36.76 -3.69 26.03
N LEU B 916 37.56 -4.48 26.75
CA LEU B 916 37.45 -4.60 28.20
C LEU B 916 38.49 -3.81 28.98
N ARG B 917 38.31 -3.82 30.30
CA ARG B 917 39.24 -3.21 31.23
C ARG B 917 39.47 -4.22 32.32
N ASP B 918 40.70 -4.34 32.78
CA ASP B 918 40.98 -5.21 33.90
C ASP B 918 40.97 -4.40 35.19
N ARG B 919 39.93 -4.61 36.00
CA ARG B 919 39.80 -3.90 37.26
C ARG B 919 40.70 -4.58 38.30
N GLU B 920 41.24 -5.74 37.90
CA GLU B 920 42.22 -6.53 38.68
C GLU B 920 43.44 -6.99 37.85
N PRO B 921 44.32 -6.05 37.56
CA PRO B 921 45.37 -6.12 36.55
C PRO B 921 46.29 -7.24 36.92
N LYS B 922 45.85 -8.01 37.91
CA LYS B 922 46.65 -9.11 38.42
C LYS B 922 46.91 -10.08 37.30
N GLU B 923 48.11 -10.61 37.28
CA GLU B 923 48.62 -11.35 36.14
C GLU B 923 47.84 -12.61 35.84
N PRO B 924 47.39 -13.33 36.85
CA PRO B 924 46.81 -14.63 36.57
C PRO B 924 45.64 -14.46 35.63
N VAL B 925 45.68 -15.20 34.53
CA VAL B 925 44.59 -15.19 33.56
C VAL B 925 44.70 -16.43 32.69
N ALA B 926 43.59 -16.83 32.08
CA ALA B 926 43.63 -17.91 31.11
C ALA B 926 43.35 -17.27 29.76
N LEU B 927 44.22 -17.52 28.80
CA LEU B 927 44.06 -16.85 27.51
C LEU B 927 43.56 -17.75 26.37
N ILE B 928 42.59 -17.26 25.60
CA ILE B 928 42.22 -17.92 24.36
C ILE B 928 43.28 -17.52 23.34
N GLU B 929 43.97 -18.51 22.79
CA GLU B 929 45.02 -18.21 21.85
C GLU B 929 44.50 -18.19 20.42
N THR B 930 44.99 -17.23 19.65
CA THR B 930 44.57 -17.13 18.28
C THR B 930 45.53 -17.92 17.42
N VAL B 931 45.20 -18.04 16.13
CA VAL B 931 46.14 -18.44 15.11
C VAL B 931 47.02 -17.21 14.94
N ARG B 932 48.20 -17.35 14.33
CA ARG B 932 49.08 -16.19 14.19
C ARG B 932 49.81 -15.91 15.50
N GLN B 933 49.32 -16.50 16.58
CA GLN B 933 50.07 -16.56 17.83
C GLN B 933 50.81 -17.88 17.84
N LYS B 935 52.05 -21.22 16.00
CA LYS B 935 52.52 -21.46 14.63
C LYS B 935 52.80 -20.14 13.90
N ASP B 936 53.38 -19.18 14.62
CA ASP B 936 53.73 -17.89 14.05
C ASP B 936 54.46 -17.00 15.07
#